data_1WCL
#
_entry.id   1WCL
#
_cell.length_a   1.000
_cell.length_b   1.000
_cell.length_c   1.000
_cell.angle_alpha   90.00
_cell.angle_beta   90.00
_cell.angle_gamma   90.00
#
_symmetry.space_group_name_H-M   'P 1'
#
_entity_poly.entity_id   1
_entity_poly.type   'polypeptide(L)'
_entity_poly.pdbx_seq_one_letter_code
;EAHAAIDTFTKYLDIDEDFATVLVEEGFSTLEELAYVPMKELLEIEGLDEPTVEALRERAKNALATIAQAQEESLG
;
_entity_poly.pdbx_strand_id   A
#
# COMPACT_ATOMS: atom_id res chain seq x y z
N GLU A 1 -10.59 -10.14 -5.03
CA GLU A 1 -11.75 -9.26 -4.74
C GLU A 1 -11.24 -7.89 -4.25
N ALA A 2 -11.89 -6.84 -4.63
CA ALA A 2 -11.44 -5.48 -4.19
C ALA A 2 -11.50 -5.40 -2.66
N HIS A 3 -12.41 -6.11 -2.05
CA HIS A 3 -12.52 -6.07 -0.57
C HIS A 3 -11.20 -6.54 0.04
N ALA A 4 -10.57 -7.51 -0.57
CA ALA A 4 -9.28 -8.02 -0.01
C ALA A 4 -8.22 -6.92 -0.11
N ALA A 5 -8.30 -6.09 -1.11
CA ALA A 5 -7.29 -5.00 -1.26
C ALA A 5 -7.43 -4.01 -0.11
N ILE A 6 -8.61 -3.90 0.45
CA ILE A 6 -8.81 -2.96 1.59
C ILE A 6 -8.11 -3.51 2.84
N ASP A 7 -8.35 -4.76 3.12
CA ASP A 7 -7.71 -5.38 4.33
C ASP A 7 -6.21 -5.55 4.08
N THR A 8 -5.84 -5.94 2.88
CA THR A 8 -4.39 -6.11 2.59
C THR A 8 -3.65 -4.84 2.97
N PHE A 9 -4.03 -3.74 2.39
CA PHE A 9 -3.36 -2.45 2.73
C PHE A 9 -3.42 -2.25 4.25
N THR A 10 -4.53 -2.55 4.86
CA THR A 10 -4.63 -2.40 6.34
C THR A 10 -3.66 -3.37 7.01
N LYS A 11 -3.41 -4.48 6.39
CA LYS A 11 -2.48 -5.47 6.98
C LYS A 11 -1.04 -5.03 6.71
N TYR A 12 -0.79 -4.45 5.57
CA TYR A 12 0.59 -4.00 5.23
C TYR A 12 0.73 -2.49 5.45
N LEU A 13 0.00 -1.71 4.70
CA LEU A 13 0.10 -0.22 4.86
C LEU A 13 -0.24 0.17 6.30
N ASP A 14 -0.83 -0.73 7.04
CA ASP A 14 -1.18 -0.41 8.46
C ASP A 14 -2.15 0.78 8.47
N ILE A 15 -3.15 0.73 7.63
CA ILE A 15 -4.13 1.85 7.58
C ILE A 15 -5.54 1.29 7.81
N ASP A 16 -6.52 2.15 7.84
CA ASP A 16 -7.91 1.68 8.05
C ASP A 16 -8.55 1.33 6.71
N GLU A 17 -9.64 0.62 6.72
CA GLU A 17 -10.29 0.24 5.44
C GLU A 17 -10.76 1.51 4.70
N ASP A 18 -11.35 2.43 5.42
CA ASP A 18 -11.84 3.68 4.77
C ASP A 18 -10.67 4.37 4.06
N PHE A 19 -9.48 4.26 4.59
CA PHE A 19 -8.31 4.90 3.94
C PHE A 19 -7.80 4.01 2.81
N ALA A 20 -7.57 2.75 3.10
CA ALA A 20 -7.08 1.83 2.05
C ALA A 20 -7.98 1.95 0.81
N THR A 21 -9.27 1.85 0.99
CA THR A 21 -10.18 1.95 -0.18
C THR A 21 -9.80 3.15 -1.03
N VAL A 22 -9.46 4.25 -0.42
CA VAL A 22 -9.07 5.45 -1.22
C VAL A 22 -7.87 5.12 -2.11
N LEU A 23 -7.00 4.26 -1.66
CA LEU A 23 -5.83 3.89 -2.50
C LEU A 23 -6.27 2.89 -3.56
N VAL A 24 -7.04 1.91 -3.17
CA VAL A 24 -7.53 0.91 -4.16
C VAL A 24 -8.63 1.55 -5.00
N GLU A 25 -9.35 2.48 -4.42
CA GLU A 25 -10.43 3.17 -5.16
C GLU A 25 -9.82 3.99 -6.30
N GLU A 26 -8.74 4.66 -6.04
CA GLU A 26 -8.08 5.47 -7.09
C GLU A 26 -7.51 4.53 -8.16
N GLY A 27 -7.12 3.35 -7.78
CA GLY A 27 -6.56 2.39 -8.78
C GLY A 27 -5.26 1.78 -8.24
N PHE A 28 -5.15 1.65 -6.95
CA PHE A 28 -3.91 1.06 -6.36
C PHE A 28 -4.28 -0.18 -5.55
N SER A 29 -4.44 -1.30 -6.20
CA SER A 29 -4.80 -2.55 -5.47
C SER A 29 -3.54 -3.36 -5.16
N THR A 30 -2.40 -2.90 -5.61
CA THR A 30 -1.15 -3.64 -5.34
C THR A 30 -0.18 -2.76 -4.54
N LEU A 31 0.49 -3.32 -3.59
CA LEU A 31 1.44 -2.50 -2.77
C LEU A 31 2.52 -1.94 -3.70
N GLU A 32 2.79 -2.59 -4.79
CA GLU A 32 3.83 -2.09 -5.73
C GLU A 32 3.42 -0.72 -6.25
N GLU A 33 2.20 -0.56 -6.65
CA GLU A 33 1.75 0.77 -7.17
C GLU A 33 1.92 1.81 -6.06
N LEU A 34 1.55 1.47 -4.86
CA LEU A 34 1.68 2.44 -3.74
C LEU A 34 3.16 2.71 -3.45
N ALA A 35 3.96 1.69 -3.41
CA ALA A 35 5.41 1.87 -3.12
C ALA A 35 6.15 2.35 -4.37
N TYR A 36 5.76 1.85 -5.51
CA TYR A 36 6.45 2.26 -6.77
C TYR A 36 6.10 3.71 -7.09
N VAL A 37 4.89 4.12 -6.79
CA VAL A 37 4.50 5.52 -7.05
C VAL A 37 5.18 6.43 -6.03
N PRO A 38 5.73 7.57 -6.47
CA PRO A 38 6.42 8.50 -5.58
C PRO A 38 5.46 9.23 -4.63
N MET A 39 6.01 9.84 -3.63
CA MET A 39 5.15 10.57 -2.64
C MET A 39 4.28 11.59 -3.36
N LYS A 40 4.87 12.59 -3.97
CA LYS A 40 4.08 13.63 -4.67
C LYS A 40 2.99 12.98 -5.53
N GLU A 41 3.36 12.10 -6.42
CA GLU A 41 2.34 11.45 -7.29
C GLU A 41 1.24 10.85 -6.41
N LEU A 42 1.61 10.24 -5.32
CA LEU A 42 0.60 9.62 -4.42
C LEU A 42 -0.12 10.71 -3.64
N LEU A 43 0.59 11.72 -3.20
CA LEU A 43 -0.06 12.81 -2.42
C LEU A 43 -1.01 13.60 -3.32
N GLU A 44 -0.78 13.55 -4.60
CA GLU A 44 -1.67 14.29 -5.55
C GLU A 44 -2.98 13.54 -5.70
N ILE A 45 -2.98 12.26 -5.44
CA ILE A 45 -4.23 11.46 -5.58
C ILE A 45 -5.44 12.29 -5.19
N GLU A 46 -5.31 13.18 -4.25
CA GLU A 46 -6.47 14.01 -3.84
C GLU A 46 -6.03 15.03 -2.77
N GLY A 47 -6.17 14.67 -1.51
CA GLY A 47 -5.78 15.61 -0.43
C GLY A 47 -5.03 14.85 0.67
N LEU A 48 -4.08 14.03 0.29
CA LEU A 48 -3.32 13.27 1.31
C LEU A 48 -2.26 14.18 1.94
N ASP A 49 -1.80 13.86 3.11
CA ASP A 49 -0.77 14.72 3.77
C ASP A 49 0.62 14.30 3.30
N GLU A 50 1.58 15.18 3.45
CA GLU A 50 2.97 14.86 3.00
C GLU A 50 3.47 13.62 3.74
N PRO A 51 3.36 13.61 5.08
CA PRO A 51 3.82 12.48 5.90
C PRO A 51 2.94 11.23 5.70
N THR A 52 1.65 11.40 5.74
CA THR A 52 0.76 10.23 5.55
C THR A 52 1.11 9.53 4.24
N VAL A 53 1.32 10.29 3.20
CA VAL A 53 1.67 9.68 1.89
C VAL A 53 3.13 9.19 1.94
N GLU A 54 3.97 9.91 2.62
CA GLU A 54 5.39 9.50 2.71
C GLU A 54 5.50 8.20 3.51
N ALA A 55 4.77 8.09 4.59
CA ALA A 55 4.83 6.85 5.41
C ALA A 55 4.07 5.74 4.70
N LEU A 56 2.99 6.07 4.03
CA LEU A 56 2.20 5.03 3.32
C LEU A 56 3.09 4.33 2.29
N ARG A 57 3.85 5.08 1.54
CA ARG A 57 4.74 4.46 0.53
C ARG A 57 5.80 3.62 1.22
N GLU A 58 6.48 4.19 2.18
CA GLU A 58 7.53 3.41 2.90
C GLU A 58 6.98 2.04 3.25
N ARG A 59 5.78 1.98 3.77
CA ARG A 59 5.19 0.66 4.13
C ARG A 59 5.03 -0.20 2.87
N ALA A 60 4.53 0.39 1.82
CA ALA A 60 4.35 -0.38 0.55
C ALA A 60 5.62 -1.16 0.25
N LYS A 61 6.74 -0.50 0.12
CA LYS A 61 8.00 -1.23 -0.19
C LYS A 61 8.31 -2.19 0.96
N ASN A 62 8.31 -1.72 2.17
CA ASN A 62 8.60 -2.61 3.32
C ASN A 62 7.67 -3.82 3.26
N ALA A 63 6.41 -3.60 3.00
CA ALA A 63 5.45 -4.72 2.93
C ALA A 63 5.80 -5.61 1.72
N LEU A 64 6.08 -4.99 0.60
CA LEU A 64 6.44 -5.80 -0.60
C LEU A 64 7.66 -6.66 -0.27
N ALA A 65 8.58 -6.13 0.50
CA ALA A 65 9.79 -6.92 0.85
C ALA A 65 9.35 -8.26 1.45
N THR A 66 8.43 -8.23 2.36
CA THR A 66 7.94 -9.50 2.98
C THR A 66 7.20 -10.31 1.93
N ILE A 67 6.25 -9.71 1.25
CA ILE A 67 5.50 -10.45 0.21
C ILE A 67 6.48 -11.24 -0.66
N ALA A 68 7.59 -10.66 -0.99
CA ALA A 68 8.59 -11.39 -1.83
C ALA A 68 9.03 -12.65 -1.09
N GLN A 69 8.94 -12.65 0.21
CA GLN A 69 9.34 -13.84 0.99
C GLN A 69 8.39 -15.00 0.68
N ALA A 70 7.11 -14.71 0.59
CA ALA A 70 6.13 -15.78 0.28
C ALA A 70 6.14 -16.06 -1.23
N GLN A 71 6.46 -15.06 -2.02
CA GLN A 71 6.49 -15.26 -3.48
C GLN A 71 7.51 -16.36 -3.84
N GLU A 72 8.58 -16.43 -3.10
CA GLU A 72 9.61 -17.47 -3.38
C GLU A 72 9.00 -18.86 -3.21
N GLU A 73 8.08 -19.00 -2.29
CA GLU A 73 7.44 -20.33 -2.08
C GLU A 73 6.62 -20.72 -3.31
N SER A 74 6.05 -19.76 -3.97
CA SER A 74 5.23 -20.08 -5.18
C SER A 74 5.93 -19.56 -6.43
N LEU A 75 5.71 -20.18 -7.55
CA LEU A 75 6.37 -19.74 -8.81
C LEU A 75 6.00 -18.27 -9.08
N GLY A 76 4.81 -17.89 -8.74
CA GLY A 76 4.38 -16.47 -8.98
C GLY A 76 4.70 -15.64 -7.73
N GLU A 1 -13.79 -9.10 -4.93
CA GLU A 1 -12.32 -9.31 -4.79
C GLU A 1 -11.67 -7.99 -4.35
N ALA A 2 -12.20 -6.88 -4.79
CA ALA A 2 -11.62 -5.57 -4.40
C ALA A 2 -11.67 -5.41 -2.88
N HIS A 3 -12.63 -6.04 -2.24
CA HIS A 3 -12.73 -5.92 -0.76
C HIS A 3 -11.44 -6.45 -0.11
N ALA A 4 -10.87 -7.47 -0.69
CA ALA A 4 -9.61 -8.03 -0.11
C ALA A 4 -8.49 -6.98 -0.20
N ALA A 5 -8.49 -6.20 -1.24
CA ALA A 5 -7.42 -5.16 -1.39
C ALA A 5 -7.58 -4.12 -0.27
N ILE A 6 -8.76 -3.96 0.24
CA ILE A 6 -8.97 -2.96 1.33
C ILE A 6 -8.32 -3.48 2.61
N ASP A 7 -8.67 -4.67 3.01
CA ASP A 7 -8.08 -5.25 4.25
C ASP A 7 -6.60 -5.54 4.03
N THR A 8 -6.24 -6.01 2.86
CA THR A 8 -4.80 -6.30 2.61
C THR A 8 -3.98 -5.06 2.97
N PHE A 9 -4.34 -3.94 2.41
CA PHE A 9 -3.60 -2.69 2.73
C PHE A 9 -3.59 -2.47 4.24
N THR A 10 -4.72 -2.64 4.88
CA THR A 10 -4.77 -2.45 6.36
C THR A 10 -3.77 -3.39 7.02
N LYS A 11 -3.56 -4.56 6.45
CA LYS A 11 -2.60 -5.52 7.04
C LYS A 11 -1.18 -5.07 6.72
N TYR A 12 -0.97 -4.51 5.56
CA TYR A 12 0.40 -4.08 5.17
C TYR A 12 0.59 -2.58 5.50
N LEU A 13 -0.15 -1.72 4.85
CA LEU A 13 0.01 -0.27 5.12
C LEU A 13 -0.37 0.05 6.57
N ASP A 14 -0.95 -0.89 7.27
CA ASP A 14 -1.34 -0.63 8.68
C ASP A 14 -2.29 0.58 8.71
N ILE A 15 -3.31 0.55 7.89
CA ILE A 15 -4.27 1.68 7.83
C ILE A 15 -5.68 1.17 8.16
N ASP A 16 -6.68 1.97 7.89
CA ASP A 16 -8.07 1.54 8.19
C ASP A 16 -8.75 1.11 6.88
N GLU A 17 -9.86 0.43 6.98
CA GLU A 17 -10.56 -0.02 5.74
C GLU A 17 -11.01 1.20 4.91
N ASP A 18 -11.46 2.23 5.56
CA ASP A 18 -11.93 3.43 4.81
C ASP A 18 -10.74 4.13 4.13
N PHE A 19 -9.56 4.00 4.69
CA PHE A 19 -8.38 4.65 4.07
C PHE A 19 -7.83 3.78 2.94
N ALA A 20 -7.61 2.52 3.21
CA ALA A 20 -7.07 1.62 2.15
C ALA A 20 -7.94 1.73 0.89
N THR A 21 -9.24 1.64 1.04
CA THR A 21 -10.13 1.74 -0.14
C THR A 21 -9.75 2.96 -0.97
N VAL A 22 -9.47 4.07 -0.33
CA VAL A 22 -9.09 5.29 -1.09
C VAL A 22 -7.90 4.99 -1.99
N LEU A 23 -7.01 4.13 -1.56
CA LEU A 23 -5.83 3.80 -2.41
C LEU A 23 -6.26 2.81 -3.49
N VAL A 24 -7.04 1.83 -3.12
CA VAL A 24 -7.51 0.83 -4.12
C VAL A 24 -8.61 1.48 -4.96
N GLU A 25 -9.29 2.43 -4.39
CA GLU A 25 -10.38 3.13 -5.14
C GLU A 25 -9.77 3.95 -6.27
N GLU A 26 -8.69 4.61 -6.01
CA GLU A 26 -8.04 5.44 -7.06
C GLU A 26 -7.43 4.53 -8.13
N GLY A 27 -6.99 3.36 -7.75
CA GLY A 27 -6.39 2.43 -8.75
C GLY A 27 -5.12 1.79 -8.17
N PHE A 28 -5.05 1.64 -6.88
CA PHE A 28 -3.84 1.02 -6.27
C PHE A 28 -4.25 -0.22 -5.48
N SER A 29 -4.43 -1.34 -6.15
CA SER A 29 -4.84 -2.58 -5.44
C SER A 29 -3.61 -3.42 -5.11
N THR A 30 -2.45 -2.99 -5.50
CA THR A 30 -1.23 -3.79 -5.19
C THR A 30 -0.23 -2.93 -4.42
N LEU A 31 0.46 -3.50 -3.48
CA LEU A 31 1.45 -2.71 -2.70
C LEU A 31 2.53 -2.18 -3.64
N GLU A 32 2.77 -2.87 -4.72
CA GLU A 32 3.80 -2.41 -5.69
C GLU A 32 3.39 -1.05 -6.25
N GLU A 33 2.16 -0.92 -6.66
CA GLU A 33 1.70 0.39 -7.19
C GLU A 33 1.87 1.46 -6.11
N LEU A 34 1.50 1.14 -4.90
CA LEU A 34 1.63 2.11 -3.79
C LEU A 34 3.10 2.40 -3.49
N ALA A 35 3.91 1.39 -3.44
CA ALA A 35 5.36 1.60 -3.13
C ALA A 35 6.11 2.03 -4.40
N TYR A 36 5.72 1.52 -5.54
CA TYR A 36 6.42 1.91 -6.79
C TYR A 36 6.07 3.37 -7.15
N VAL A 37 4.85 3.76 -6.91
CA VAL A 37 4.46 5.16 -7.22
C VAL A 37 5.15 6.08 -6.22
N PRO A 38 5.70 7.22 -6.69
CA PRO A 38 6.40 8.17 -5.84
C PRO A 38 5.45 8.91 -4.89
N MET A 39 6.01 9.58 -3.93
CA MET A 39 5.18 10.34 -2.95
C MET A 39 4.29 11.35 -3.67
N LYS A 40 4.89 12.34 -4.29
CA LYS A 40 4.08 13.36 -5.00
C LYS A 40 2.92 12.70 -5.74
N GLU A 41 3.21 11.72 -6.55
CA GLU A 41 2.12 11.03 -7.30
C GLU A 41 1.03 10.61 -6.33
N LEU A 42 1.41 10.18 -5.17
CA LEU A 42 0.40 9.75 -4.15
C LEU A 42 -0.18 10.98 -3.45
N LEU A 43 0.66 11.91 -3.08
CA LEU A 43 0.16 13.15 -2.39
C LEU A 43 -0.73 13.93 -3.34
N GLU A 44 -0.44 13.91 -4.61
CA GLU A 44 -1.28 14.66 -5.58
C GLU A 44 -2.62 13.95 -5.77
N ILE A 45 -2.65 12.68 -5.50
CA ILE A 45 -3.91 11.91 -5.65
C ILE A 45 -5.13 12.78 -5.33
N GLU A 46 -4.99 13.68 -4.39
CA GLU A 46 -6.14 14.56 -4.05
C GLU A 46 -5.73 15.54 -2.94
N GLY A 47 -5.93 15.17 -1.71
CA GLY A 47 -5.55 16.10 -0.59
C GLY A 47 -4.82 15.31 0.50
N LEU A 48 -3.91 14.46 0.13
CA LEU A 48 -3.17 13.67 1.15
C LEU A 48 -2.06 14.54 1.75
N ASP A 49 -1.64 14.25 2.95
CA ASP A 49 -0.57 15.07 3.59
C ASP A 49 0.81 14.58 3.12
N GLU A 50 1.80 15.42 3.21
CA GLU A 50 3.16 15.02 2.78
C GLU A 50 3.67 13.84 3.62
N PRO A 51 3.58 13.95 4.95
CA PRO A 51 4.04 12.89 5.86
C PRO A 51 3.18 11.63 5.76
N THR A 52 1.89 11.79 5.69
CA THR A 52 1.00 10.59 5.60
C THR A 52 1.36 9.80 4.34
N VAL A 53 1.53 10.47 3.23
CA VAL A 53 1.88 9.75 1.97
C VAL A 53 3.24 9.09 2.12
N GLU A 54 4.20 9.80 2.64
CA GLU A 54 5.57 9.21 2.81
C GLU A 54 5.49 7.98 3.71
N ALA A 55 4.76 8.07 4.80
CA ALA A 55 4.65 6.91 5.73
C ALA A 55 3.82 5.81 5.08
N LEU A 56 2.82 6.18 4.32
CA LEU A 56 1.97 5.16 3.65
C LEU A 56 2.80 4.39 2.63
N ARG A 57 3.65 5.07 1.91
CA ARG A 57 4.50 4.37 0.90
C ARG A 57 5.54 3.52 1.62
N GLU A 58 6.24 4.10 2.56
CA GLU A 58 7.27 3.33 3.31
C GLU A 58 6.71 1.95 3.66
N ARG A 59 5.48 1.90 4.13
CA ARG A 59 4.88 0.59 4.49
C ARG A 59 4.70 -0.26 3.23
N ALA A 60 4.20 0.34 2.17
CA ALA A 60 3.99 -0.42 0.92
C ALA A 60 5.33 -0.98 0.43
N LYS A 61 6.37 -0.18 0.48
CA LYS A 61 7.70 -0.67 0.02
C LYS A 61 8.22 -1.73 1.00
N ASN A 62 8.29 -1.40 2.25
CA ASN A 62 8.78 -2.39 3.26
C ASN A 62 7.91 -3.65 3.20
N ALA A 63 6.62 -3.49 3.17
CA ALA A 63 5.72 -4.68 3.11
C ALA A 63 5.94 -5.41 1.79
N LEU A 64 6.16 -4.69 0.73
CA LEU A 64 6.40 -5.35 -0.60
C LEU A 64 7.73 -6.11 -0.54
N ALA A 65 8.75 -5.49 -0.02
CA ALA A 65 10.06 -6.19 0.07
C ALA A 65 9.85 -7.60 0.61
N THR A 66 9.11 -7.71 1.68
CA THR A 66 8.85 -9.06 2.27
C THR A 66 8.23 -9.96 1.20
N ILE A 67 7.17 -9.52 0.58
CA ILE A 67 6.54 -10.36 -0.48
C ILE A 67 7.62 -10.90 -1.41
N ALA A 68 8.62 -10.11 -1.69
CA ALA A 68 9.72 -10.58 -2.58
C ALA A 68 10.43 -11.75 -1.92
N GLN A 69 10.36 -11.84 -0.62
CA GLN A 69 11.03 -12.97 0.10
C GLN A 69 10.46 -14.29 -0.41
N ALA A 70 9.18 -14.34 -0.68
CA ALA A 70 8.57 -15.59 -1.19
C ALA A 70 8.93 -15.76 -2.66
N GLN A 71 9.36 -14.72 -3.31
CA GLN A 71 9.73 -14.82 -4.75
C GLN A 71 10.75 -15.94 -4.93
N GLU A 72 11.67 -16.08 -4.01
CA GLU A 72 12.69 -17.16 -4.14
C GLU A 72 11.97 -18.51 -4.23
N GLU A 73 10.93 -18.70 -3.46
CA GLU A 73 10.19 -19.99 -3.51
C GLU A 73 9.54 -20.16 -4.88
N SER A 74 9.08 -19.08 -5.46
CA SER A 74 8.43 -19.17 -6.80
C SER A 74 9.51 -19.14 -7.89
N LEU A 75 9.17 -19.58 -9.07
CA LEU A 75 10.17 -19.57 -10.18
C LEU A 75 10.07 -18.26 -10.96
N GLY A 76 11.18 -17.72 -11.37
CA GLY A 76 11.15 -16.44 -12.13
C GLY A 76 11.14 -15.26 -11.16
N GLU A 1 -10.38 -9.80 -6.10
CA GLU A 1 -11.22 -9.43 -4.92
C GLU A 1 -10.81 -8.05 -4.40
N ALA A 2 -11.53 -7.03 -4.76
CA ALA A 2 -11.18 -5.66 -4.29
C ALA A 2 -11.21 -5.63 -2.77
N HIS A 3 -12.12 -6.36 -2.17
CA HIS A 3 -12.20 -6.35 -0.67
C HIS A 3 -10.84 -6.77 -0.09
N ALA A 4 -10.18 -7.69 -0.72
CA ALA A 4 -8.86 -8.15 -0.20
C ALA A 4 -7.87 -6.98 -0.24
N ALA A 5 -8.00 -6.10 -1.20
CA ALA A 5 -7.08 -4.94 -1.29
C ALA A 5 -7.28 -4.03 -0.08
N ILE A 6 -8.46 -3.99 0.47
CA ILE A 6 -8.71 -3.13 1.65
C ILE A 6 -8.04 -3.74 2.88
N ASP A 7 -8.18 -5.02 3.06
CA ASP A 7 -7.53 -5.68 4.24
C ASP A 7 -6.03 -5.76 4.00
N THR A 8 -5.62 -6.04 2.79
CA THR A 8 -4.16 -6.12 2.51
C THR A 8 -3.50 -4.83 2.97
N PHE A 9 -3.94 -3.72 2.44
CA PHE A 9 -3.34 -2.42 2.85
C PHE A 9 -3.45 -2.28 4.37
N THR A 10 -4.56 -2.71 4.93
CA THR A 10 -4.71 -2.61 6.41
C THR A 10 -3.74 -3.59 7.07
N LYS A 11 -3.41 -4.65 6.39
CA LYS A 11 -2.46 -5.64 6.96
C LYS A 11 -1.03 -5.15 6.74
N TYR A 12 -0.77 -4.51 5.64
CA TYR A 12 0.61 -4.02 5.36
C TYR A 12 0.68 -2.51 5.62
N LEU A 13 0.00 -1.73 4.83
CA LEU A 13 0.05 -0.25 5.03
C LEU A 13 -0.35 0.09 6.47
N ASP A 14 -0.98 -0.82 7.16
CA ASP A 14 -1.39 -0.54 8.57
C ASP A 14 -2.37 0.64 8.57
N ILE A 15 -3.38 0.58 7.76
CA ILE A 15 -4.36 1.69 7.70
C ILE A 15 -5.76 1.15 8.00
N ASP A 16 -6.77 1.95 7.80
CA ASP A 16 -8.15 1.47 8.06
C ASP A 16 -8.80 1.06 6.75
N GLU A 17 -9.90 0.33 6.82
CA GLU A 17 -10.57 -0.11 5.57
C GLU A 17 -11.09 1.11 4.80
N ASP A 18 -11.68 2.04 5.48
CA ASP A 18 -12.21 3.26 4.79
C ASP A 18 -11.05 4.00 4.11
N PHE A 19 -9.89 3.98 4.70
CA PHE A 19 -8.73 4.69 4.08
C PHE A 19 -8.15 3.83 2.97
N ALA A 20 -7.77 2.62 3.28
CA ALA A 20 -7.19 1.72 2.23
C ALA A 20 -8.04 1.83 0.96
N THR A 21 -9.34 1.72 1.08
CA THR A 21 -10.22 1.82 -0.11
C THR A 21 -9.82 3.06 -0.93
N VAL A 22 -9.56 4.16 -0.27
CA VAL A 22 -9.17 5.38 -1.02
C VAL A 22 -7.98 5.08 -1.92
N LEU A 23 -7.06 4.27 -1.47
CA LEU A 23 -5.89 3.93 -2.32
C LEU A 23 -6.33 2.95 -3.39
N VAL A 24 -7.12 1.99 -3.03
CA VAL A 24 -7.61 0.99 -4.03
C VAL A 24 -8.67 1.68 -4.91
N GLU A 25 -9.35 2.63 -4.35
CA GLU A 25 -10.39 3.37 -5.12
C GLU A 25 -9.71 4.21 -6.20
N GLU A 26 -8.61 4.83 -5.86
CA GLU A 26 -7.89 5.66 -6.87
C GLU A 26 -7.33 4.75 -7.96
N GLY A 27 -6.87 3.58 -7.59
CA GLY A 27 -6.32 2.65 -8.61
C GLY A 27 -5.08 1.95 -8.04
N PHE A 28 -5.03 1.78 -6.75
CA PHE A 28 -3.85 1.10 -6.13
C PHE A 28 -4.32 -0.13 -5.37
N SER A 29 -4.53 -1.22 -6.05
CA SER A 29 -5.00 -2.46 -5.36
C SER A 29 -3.80 -3.35 -5.02
N THR A 30 -2.63 -2.98 -5.46
CA THR A 30 -1.43 -3.81 -5.16
C THR A 30 -0.41 -2.98 -4.39
N LEU A 31 0.26 -3.58 -3.44
CA LEU A 31 1.28 -2.81 -2.65
C LEU A 31 2.31 -2.22 -3.61
N GLU A 32 2.51 -2.85 -4.73
CA GLU A 32 3.51 -2.33 -5.71
C GLU A 32 3.03 -0.99 -6.27
N GLU A 33 1.76 -0.87 -6.55
CA GLU A 33 1.25 0.42 -7.11
C GLU A 33 1.54 1.53 -6.09
N LEU A 34 1.29 1.28 -4.84
CA LEU A 34 1.54 2.31 -3.81
C LEU A 34 3.04 2.55 -3.64
N ALA A 35 3.81 1.50 -3.60
CA ALA A 35 5.28 1.63 -3.43
C ALA A 35 5.93 2.05 -4.75
N TYR A 36 5.40 1.61 -5.85
CA TYR A 36 5.99 1.96 -7.17
C TYR A 36 5.71 3.43 -7.48
N VAL A 37 4.58 3.93 -7.04
CA VAL A 37 4.25 5.36 -7.30
C VAL A 37 5.06 6.24 -6.34
N PRO A 38 5.58 7.38 -6.83
CA PRO A 38 6.38 8.29 -6.02
C PRO A 38 5.54 9.02 -4.97
N MET A 39 6.18 9.66 -4.05
CA MET A 39 5.45 10.38 -2.97
C MET A 39 4.54 11.45 -3.60
N LYS A 40 5.11 12.46 -4.19
CA LYS A 40 4.28 13.54 -4.80
C LYS A 40 3.12 12.94 -5.59
N GLU A 41 3.40 12.09 -6.54
CA GLU A 41 2.30 11.50 -7.35
C GLU A 41 1.23 10.97 -6.41
N LEU A 42 1.64 10.42 -5.30
CA LEU A 42 0.65 9.88 -4.32
C LEU A 42 0.03 11.04 -3.55
N LEU A 43 0.84 11.96 -3.08
CA LEU A 43 0.30 13.12 -2.33
C LEU A 43 -0.54 13.99 -3.26
N GLU A 44 -0.23 13.98 -4.53
CA GLU A 44 -1.00 14.81 -5.49
C GLU A 44 -2.33 14.13 -5.78
N ILE A 45 -2.40 12.83 -5.58
CA ILE A 45 -3.66 12.09 -5.84
C ILE A 45 -4.88 12.97 -5.52
N GLU A 46 -4.76 13.81 -4.53
CA GLU A 46 -5.91 14.69 -4.18
C GLU A 46 -5.52 15.65 -3.05
N GLY A 47 -5.81 15.31 -1.82
CA GLY A 47 -5.45 16.21 -0.69
C GLY A 47 -4.77 15.41 0.41
N LEU A 48 -3.90 14.51 0.05
CA LEU A 48 -3.20 13.71 1.10
C LEU A 48 -2.06 14.54 1.70
N ASP A 49 -1.68 14.24 2.91
CA ASP A 49 -0.58 15.02 3.56
C ASP A 49 0.78 14.45 3.17
N GLU A 50 1.81 15.24 3.27
CA GLU A 50 3.18 14.77 2.91
C GLU A 50 3.57 13.56 3.77
N PRO A 51 3.39 13.66 5.10
CA PRO A 51 3.74 12.58 6.03
C PRO A 51 2.82 11.37 5.88
N THR A 52 1.53 11.60 5.84
CA THR A 52 0.58 10.46 5.69
C THR A 52 0.92 9.68 4.41
N VAL A 53 1.15 10.37 3.33
CA VAL A 53 1.48 9.68 2.06
C VAL A 53 2.91 9.14 2.14
N GLU A 54 3.77 9.84 2.81
CA GLU A 54 5.18 9.38 2.93
C GLU A 54 5.23 8.07 3.72
N ALA A 55 4.47 7.97 4.77
CA ALA A 55 4.48 6.71 5.57
C ALA A 55 3.62 5.66 4.90
N LEU A 56 2.55 6.07 4.26
CA LEU A 56 1.67 5.08 3.58
C LEU A 56 2.43 4.41 2.44
N ARG A 57 3.25 5.15 1.73
CA ARG A 57 4.02 4.55 0.61
C ARG A 57 5.26 3.85 1.17
N GLU A 58 5.90 4.42 2.16
CA GLU A 58 7.10 3.77 2.73
C GLU A 58 6.76 2.33 3.08
N ARG A 59 5.67 2.12 3.77
CA ARG A 59 5.28 0.72 4.14
C ARG A 59 5.09 -0.09 2.86
N ALA A 60 4.64 0.53 1.81
CA ALA A 60 4.43 -0.21 0.53
C ALA A 60 5.64 -1.11 0.27
N LYS A 61 6.76 -0.53 -0.09
CA LYS A 61 7.96 -1.36 -0.36
C LYS A 61 8.24 -2.24 0.86
N ASN A 62 8.27 -1.66 2.03
CA ASN A 62 8.53 -2.47 3.25
C ASN A 62 7.68 -3.74 3.20
N ALA A 63 6.41 -3.59 2.92
CA ALA A 63 5.53 -4.80 2.85
C ALA A 63 5.93 -5.62 1.62
N LEU A 64 6.36 -4.96 0.57
CA LEU A 64 6.76 -5.70 -0.65
C LEU A 64 8.00 -6.55 -0.34
N ALA A 65 8.86 -6.06 0.52
CA ALA A 65 10.07 -6.84 0.88
C ALA A 65 9.66 -8.17 1.51
N THR A 66 8.71 -8.14 2.40
CA THR A 66 8.25 -9.40 3.06
C THR A 66 7.67 -10.33 1.99
N ILE A 67 6.92 -9.81 1.07
CA ILE A 67 6.34 -10.67 0.01
C ILE A 67 7.41 -11.64 -0.51
N ALA A 68 8.63 -11.16 -0.62
CA ALA A 68 9.71 -12.06 -1.11
C ALA A 68 9.88 -13.24 -0.14
N GLN A 69 9.55 -13.02 1.12
CA GLN A 69 9.68 -14.13 2.11
C GLN A 69 8.64 -15.21 1.79
N ALA A 70 7.50 -14.83 1.31
CA ALA A 70 6.46 -15.85 0.97
C ALA A 70 6.93 -16.67 -0.24
N GLN A 71 7.77 -16.09 -1.05
CA GLN A 71 8.26 -16.84 -2.25
C GLN A 71 8.87 -18.17 -1.80
N GLU A 72 9.54 -18.17 -0.69
CA GLU A 72 10.16 -19.43 -0.19
C GLU A 72 9.06 -20.48 0.05
N GLU A 73 7.92 -20.04 0.51
CA GLU A 73 6.81 -21.00 0.76
C GLU A 73 6.35 -21.61 -0.57
N SER A 74 6.45 -20.86 -1.64
CA SER A 74 6.02 -21.39 -2.96
C SER A 74 6.94 -22.54 -3.37
N LEU A 75 6.56 -23.30 -4.35
CA LEU A 75 7.41 -24.44 -4.80
C LEU A 75 8.80 -23.92 -5.17
N GLY A 76 8.87 -22.74 -5.74
CA GLY A 76 10.20 -22.18 -6.12
C GLY A 76 11.06 -21.99 -4.87
N GLU A 1 -12.91 -8.85 -5.28
CA GLU A 1 -11.42 -8.91 -5.23
C GLU A 1 -10.87 -7.63 -4.61
N ALA A 2 -11.51 -6.52 -4.86
CA ALA A 2 -11.01 -5.24 -4.29
C ALA A 2 -11.03 -5.32 -2.76
N HIS A 3 -11.93 -6.09 -2.21
CA HIS A 3 -12.00 -6.21 -0.73
C HIS A 3 -10.64 -6.62 -0.19
N ALA A 4 -9.97 -7.51 -0.87
CA ALA A 4 -8.63 -7.96 -0.40
C ALA A 4 -7.65 -6.79 -0.40
N ALA A 5 -7.76 -5.92 -1.36
CA ALA A 5 -6.84 -4.75 -1.42
C ALA A 5 -7.07 -3.85 -0.21
N ILE A 6 -8.30 -3.73 0.23
CA ILE A 6 -8.60 -2.87 1.41
C ILE A 6 -7.96 -3.48 2.65
N ASP A 7 -8.12 -4.76 2.85
CA ASP A 7 -7.52 -5.42 4.03
C ASP A 7 -6.00 -5.49 3.85
N THR A 8 -5.55 -5.83 2.68
CA THR A 8 -4.08 -5.90 2.45
C THR A 8 -3.44 -4.61 2.94
N PHE A 9 -3.77 -3.51 2.32
CA PHE A 9 -3.19 -2.21 2.75
C PHE A 9 -3.37 -2.08 4.27
N THR A 10 -4.53 -2.42 4.76
CA THR A 10 -4.78 -2.33 6.22
C THR A 10 -3.90 -3.33 6.96
N LYS A 11 -3.59 -4.43 6.33
CA LYS A 11 -2.74 -5.47 6.99
C LYS A 11 -1.27 -5.05 6.88
N TYR A 12 -0.90 -4.40 5.82
CA TYR A 12 0.53 -3.98 5.66
C TYR A 12 0.68 -2.49 6.00
N LEU A 13 0.00 -1.64 5.29
CA LEU A 13 0.13 -0.18 5.56
C LEU A 13 -0.39 0.14 6.97
N ASP A 14 -1.11 -0.76 7.56
CA ASP A 14 -1.63 -0.49 8.93
C ASP A 14 -2.53 0.74 8.91
N ILE A 15 -3.53 0.73 8.09
CA ILE A 15 -4.45 1.90 8.00
C ILE A 15 -5.89 1.44 8.28
N ASP A 16 -6.83 2.33 8.18
CA ASP A 16 -8.25 1.94 8.42
C ASP A 16 -8.83 1.36 7.14
N GLU A 17 -9.93 0.67 7.24
CA GLU A 17 -10.54 0.07 6.02
C GLU A 17 -11.10 1.18 5.12
N ASP A 18 -11.57 2.25 5.69
CA ASP A 18 -12.11 3.36 4.86
C ASP A 18 -10.97 4.11 4.19
N PHE A 19 -9.80 4.06 4.77
CA PHE A 19 -8.64 4.79 4.16
C PHE A 19 -8.01 3.91 3.08
N ALA A 20 -7.76 2.67 3.37
CA ALA A 20 -7.16 1.76 2.35
C ALA A 20 -7.90 1.93 1.02
N THR A 21 -9.21 1.88 1.06
CA THR A 21 -9.99 2.04 -0.20
C THR A 21 -9.49 3.27 -0.96
N VAL A 22 -9.25 4.35 -0.27
CA VAL A 22 -8.76 5.57 -0.97
C VAL A 22 -7.52 5.21 -1.80
N LEU A 23 -6.73 4.29 -1.33
CA LEU A 23 -5.51 3.90 -2.10
C LEU A 23 -5.94 3.00 -3.26
N VAL A 24 -6.82 2.08 -3.01
CA VAL A 24 -7.29 1.17 -4.10
C VAL A 24 -8.30 1.93 -4.96
N GLU A 25 -8.89 2.96 -4.42
CA GLU A 25 -9.88 3.76 -5.18
C GLU A 25 -9.16 4.55 -6.26
N GLU A 26 -8.01 5.09 -5.94
CA GLU A 26 -7.24 5.88 -6.93
C GLU A 26 -6.73 4.96 -8.04
N GLY A 27 -6.47 3.71 -7.72
CA GLY A 27 -5.96 2.76 -8.75
C GLY A 27 -4.71 2.06 -8.23
N PHE A 28 -4.55 1.98 -6.94
CA PHE A 28 -3.35 1.30 -6.39
C PHE A 28 -3.79 0.22 -5.40
N SER A 29 -4.18 -0.93 -5.89
CA SER A 29 -4.64 -2.01 -4.96
C SER A 29 -3.49 -3.00 -4.72
N THR A 30 -2.32 -2.69 -5.19
CA THR A 30 -1.17 -3.62 -4.97
C THR A 30 -0.04 -2.86 -4.29
N LEU A 31 0.69 -3.51 -3.43
CA LEU A 31 1.81 -2.82 -2.75
C LEU A 31 2.83 -2.37 -3.80
N GLU A 32 2.93 -3.10 -4.88
CA GLU A 32 3.89 -2.73 -5.95
C GLU A 32 3.54 -1.34 -6.49
N GLU A 33 2.39 -1.19 -7.09
CA GLU A 33 2.02 0.15 -7.62
C GLU A 33 2.06 1.15 -6.46
N LEU A 34 1.45 0.79 -5.36
CA LEU A 34 1.44 1.69 -4.18
C LEU A 34 2.86 1.98 -3.74
N ALA A 35 3.72 1.00 -3.77
CA ALA A 35 5.13 1.22 -3.34
C ALA A 35 5.95 1.79 -4.49
N TYR A 36 5.63 1.42 -5.70
CA TYR A 36 6.40 1.94 -6.87
C TYR A 36 5.93 3.37 -7.18
N VAL A 37 4.67 3.64 -6.96
CA VAL A 37 4.16 5.01 -7.23
C VAL A 37 4.87 6.00 -6.29
N PRO A 38 5.30 7.15 -6.82
CA PRO A 38 6.01 8.16 -6.02
C PRO A 38 5.09 8.90 -5.06
N MET A 39 5.68 9.54 -4.09
CA MET A 39 4.87 10.28 -3.08
C MET A 39 3.97 11.31 -3.77
N LYS A 40 4.55 12.28 -4.42
CA LYS A 40 3.72 13.32 -5.10
C LYS A 40 2.54 12.67 -5.81
N GLU A 41 2.79 11.69 -6.64
CA GLU A 41 1.67 11.02 -7.36
C GLU A 41 0.59 10.62 -6.35
N LEU A 42 1.00 10.17 -5.20
CA LEU A 42 0.01 9.77 -4.17
C LEU A 42 -0.50 11.01 -3.43
N LEU A 43 0.40 11.89 -3.05
CA LEU A 43 -0.04 13.12 -2.33
C LEU A 43 -0.89 13.99 -3.25
N GLU A 44 -0.64 13.95 -4.53
CA GLU A 44 -1.44 14.77 -5.48
C GLU A 44 -2.79 14.13 -5.70
N ILE A 45 -2.89 12.84 -5.45
CA ILE A 45 -4.18 12.13 -5.65
C ILE A 45 -5.35 13.06 -5.37
N GLU A 46 -5.22 13.93 -4.41
CA GLU A 46 -6.34 14.87 -4.10
C GLU A 46 -5.91 15.84 -3.00
N GLY A 47 -6.01 15.44 -1.77
CA GLY A 47 -5.61 16.35 -0.66
C GLY A 47 -4.95 15.54 0.46
N LEU A 48 -4.11 14.60 0.12
CA LEU A 48 -3.44 13.78 1.16
C LEU A 48 -2.28 14.58 1.75
N ASP A 49 -1.88 14.27 2.95
CA ASP A 49 -0.76 15.03 3.59
C ASP A 49 0.58 14.43 3.17
N GLU A 50 1.63 15.19 3.29
CA GLU A 50 2.99 14.70 2.89
C GLU A 50 3.39 13.51 3.77
N PRO A 51 3.26 13.63 5.10
CA PRO A 51 3.63 12.57 6.02
C PRO A 51 2.71 11.35 5.92
N THR A 52 1.44 11.57 5.76
CA THR A 52 0.49 10.42 5.65
C THR A 52 0.85 9.60 4.40
N VAL A 53 1.11 10.26 3.31
CA VAL A 53 1.45 9.54 2.05
C VAL A 53 2.88 9.00 2.15
N GLU A 54 3.73 9.69 2.85
CA GLU A 54 5.14 9.22 2.98
C GLU A 54 5.18 7.90 3.75
N ALA A 55 4.43 7.80 4.82
CA ALA A 55 4.43 6.54 5.61
C ALA A 55 3.63 5.46 4.87
N LEU A 56 2.64 5.86 4.12
CA LEU A 56 1.81 4.87 3.38
C LEU A 56 2.68 4.17 2.33
N ARG A 57 3.53 4.91 1.67
CA ARG A 57 4.41 4.28 0.63
C ARG A 57 5.45 3.40 1.31
N GLU A 58 6.19 3.96 2.23
CA GLU A 58 7.23 3.16 2.93
C GLU A 58 6.67 1.79 3.29
N ARG A 59 5.48 1.75 3.82
CA ARG A 59 4.88 0.44 4.19
C ARG A 59 4.58 -0.36 2.93
N ALA A 60 4.10 0.29 1.90
CA ALA A 60 3.78 -0.43 0.64
C ALA A 60 5.03 -1.15 0.14
N LYS A 61 6.14 -0.46 0.05
CA LYS A 61 7.39 -1.10 -0.43
C LYS A 61 7.88 -2.10 0.61
N ASN A 62 8.29 -1.62 1.76
CA ASN A 62 8.79 -2.54 2.82
C ASN A 62 7.89 -3.78 2.89
N ALA A 63 6.62 -3.60 2.72
CA ALA A 63 5.69 -4.77 2.77
C ALA A 63 5.93 -5.65 1.55
N LEU A 64 6.22 -5.06 0.42
CA LEU A 64 6.46 -5.86 -0.81
C LEU A 64 7.71 -6.74 -0.62
N ALA A 65 8.73 -6.20 -0.02
CA ALA A 65 9.97 -7.00 0.19
C ALA A 65 9.66 -8.20 1.08
N THR A 66 8.76 -8.05 2.01
CA THR A 66 8.41 -9.19 2.91
C THR A 66 7.85 -10.34 2.08
N ILE A 67 7.07 -10.02 1.08
CA ILE A 67 6.47 -11.10 0.23
C ILE A 67 7.55 -12.15 -0.07
N ALA A 68 8.74 -11.71 -0.37
CA ALA A 68 9.83 -12.68 -0.67
C ALA A 68 10.12 -13.51 0.58
N GLN A 69 9.90 -12.96 1.74
CA GLN A 69 10.16 -13.71 2.99
C GLN A 69 9.01 -14.70 3.23
N ALA A 70 7.83 -14.34 2.82
CA ALA A 70 6.66 -15.26 3.02
C ALA A 70 6.82 -16.47 2.12
N GLN A 71 7.63 -16.36 1.10
CA GLN A 71 7.82 -17.51 0.17
C GLN A 71 8.29 -18.73 0.98
N GLU A 72 9.11 -18.52 1.96
CA GLU A 72 9.60 -19.66 2.79
C GLU A 72 8.42 -20.28 3.55
N GLU A 73 7.47 -19.47 3.94
CA GLU A 73 6.29 -20.00 4.68
C GLU A 73 5.53 -20.97 3.78
N SER A 74 5.51 -20.72 2.50
CA SER A 74 4.77 -21.62 1.58
C SER A 74 5.35 -23.04 1.68
N LEU A 75 6.62 -23.15 1.96
CA LEU A 75 7.24 -24.50 2.07
C LEU A 75 6.56 -25.28 3.20
N GLY A 76 6.17 -24.61 4.24
CA GLY A 76 5.51 -25.32 5.38
C GLY A 76 6.53 -26.22 6.09
N GLU A 1 -12.44 -9.56 -6.04
CA GLU A 1 -11.93 -9.62 -4.63
C GLU A 1 -11.42 -8.23 -4.22
N ALA A 2 -12.07 -7.20 -4.66
CA ALA A 2 -11.62 -5.83 -4.28
C ALA A 2 -11.64 -5.67 -2.76
N HIS A 3 -12.56 -6.33 -2.11
CA HIS A 3 -12.64 -6.22 -0.62
C HIS A 3 -11.32 -6.68 0.00
N ALA A 4 -10.70 -7.67 -0.56
CA ALA A 4 -9.41 -8.17 -0.01
C ALA A 4 -8.36 -7.06 -0.10
N ALA A 5 -8.42 -6.26 -1.12
CA ALA A 5 -7.42 -5.16 -1.27
C ALA A 5 -7.62 -4.14 -0.14
N ILE A 6 -8.81 -4.02 0.36
CA ILE A 6 -9.06 -3.05 1.46
C ILE A 6 -8.38 -3.55 2.73
N ASP A 7 -8.57 -4.79 3.06
CA ASP A 7 -7.95 -5.35 4.30
C ASP A 7 -6.43 -5.45 4.07
N THR A 8 -6.02 -5.92 2.92
CA THR A 8 -4.56 -6.03 2.65
C THR A 8 -3.88 -4.72 3.00
N PHE A 9 -4.21 -3.68 2.29
CA PHE A 9 -3.60 -2.35 2.59
C PHE A 9 -3.70 -2.09 4.09
N THR A 10 -4.83 -2.42 4.67
CA THR A 10 -5.00 -2.20 6.13
C THR A 10 -4.07 -3.13 6.90
N LYS A 11 -3.70 -4.23 6.32
CA LYS A 11 -2.79 -5.18 7.01
C LYS A 11 -1.34 -4.77 6.78
N TYR A 12 -1.06 -4.20 5.63
CA TYR A 12 0.34 -3.78 5.33
C TYR A 12 0.50 -2.27 5.56
N LEU A 13 -0.16 -1.47 4.76
CA LEU A 13 -0.03 0.01 4.93
C LEU A 13 -0.37 0.41 6.36
N ASP A 14 -0.94 -0.47 7.13
CA ASP A 14 -1.29 -0.12 8.54
C ASP A 14 -2.27 1.05 8.53
N ILE A 15 -3.30 0.95 7.74
CA ILE A 15 -4.30 2.06 7.69
C ILE A 15 -5.71 1.48 7.80
N ASP A 16 -6.67 2.28 8.12
CA ASP A 16 -8.06 1.76 8.25
C ASP A 16 -8.58 1.34 6.88
N GLU A 17 -9.59 0.52 6.85
CA GLU A 17 -10.15 0.06 5.55
C GLU A 17 -10.67 1.27 4.77
N ASP A 18 -11.29 2.19 5.44
CA ASP A 18 -11.83 3.39 4.74
C ASP A 18 -10.71 4.11 4.00
N PHE A 19 -9.51 4.08 4.54
CA PHE A 19 -8.37 4.78 3.88
C PHE A 19 -7.84 3.90 2.74
N ALA A 20 -7.49 2.68 3.04
CA ALA A 20 -6.96 1.78 1.97
C ALA A 20 -7.88 1.83 0.75
N THR A 21 -9.17 1.78 0.97
CA THR A 21 -10.12 1.82 -0.17
C THR A 21 -9.76 2.99 -1.10
N VAL A 22 -9.46 4.13 -0.56
CA VAL A 22 -9.11 5.29 -1.43
C VAL A 22 -7.95 4.91 -2.36
N LEU A 23 -7.09 4.02 -1.91
CA LEU A 23 -5.95 3.60 -2.78
C LEU A 23 -6.46 2.57 -3.79
N VAL A 24 -7.23 1.62 -3.33
CA VAL A 24 -7.77 0.59 -4.26
C VAL A 24 -8.88 1.22 -5.09
N GLU A 25 -9.54 2.21 -4.54
CA GLU A 25 -10.63 2.90 -5.27
C GLU A 25 -10.02 3.68 -6.45
N GLU A 26 -8.92 4.33 -6.22
CA GLU A 26 -8.27 5.11 -7.30
C GLU A 26 -7.71 4.14 -8.34
N GLY A 27 -7.24 3.01 -7.92
CA GLY A 27 -6.68 2.02 -8.89
C GLY A 27 -5.37 1.43 -8.34
N PHE A 28 -5.25 1.37 -7.04
CA PHE A 28 -4.00 0.81 -6.44
C PHE A 28 -4.34 -0.43 -5.63
N SER A 29 -4.42 -1.57 -6.26
CA SER A 29 -4.76 -2.82 -5.51
C SER A 29 -3.49 -3.58 -5.14
N THR A 30 -2.35 -3.12 -5.60
CA THR A 30 -1.08 -3.82 -5.25
C THR A 30 -0.15 -2.86 -4.50
N LEU A 31 0.50 -3.34 -3.48
CA LEU A 31 1.42 -2.46 -2.71
C LEU A 31 2.52 -1.94 -3.64
N GLU A 32 2.79 -2.64 -4.70
CA GLU A 32 3.85 -2.18 -5.64
C GLU A 32 3.43 -0.85 -6.26
N GLU A 33 2.20 -0.74 -6.68
CA GLU A 33 1.74 0.54 -7.28
C GLU A 33 1.89 1.65 -6.25
N LEU A 34 1.51 1.39 -5.03
CA LEU A 34 1.63 2.42 -3.96
C LEU A 34 3.10 2.76 -3.71
N ALA A 35 3.93 1.76 -3.60
CA ALA A 35 5.38 2.02 -3.34
C ALA A 35 6.09 2.40 -4.63
N TYR A 36 5.70 1.83 -5.73
CA TYR A 36 6.37 2.16 -7.02
C TYR A 36 5.99 3.58 -7.42
N VAL A 37 4.79 4.00 -7.12
CA VAL A 37 4.37 5.39 -7.47
C VAL A 37 5.06 6.36 -6.52
N PRO A 38 5.52 7.51 -7.03
CA PRO A 38 6.21 8.52 -6.22
C PRO A 38 5.28 9.23 -5.25
N MET A 39 5.85 9.90 -4.29
CA MET A 39 5.04 10.63 -3.28
C MET A 39 4.16 11.68 -3.98
N LYS A 40 4.77 12.67 -4.57
CA LYS A 40 3.98 13.74 -5.26
C LYS A 40 2.75 13.13 -5.94
N GLU A 41 2.94 12.17 -6.80
CA GLU A 41 1.78 11.54 -7.50
C GLU A 41 0.73 11.12 -6.46
N LEU A 42 1.19 10.71 -5.31
CA LEU A 42 0.24 10.29 -4.24
C LEU A 42 -0.19 11.50 -3.41
N LEU A 43 0.74 12.29 -2.96
CA LEU A 43 0.38 13.48 -2.14
C LEU A 43 -0.56 14.38 -2.94
N GLU A 44 -0.46 14.37 -4.24
CA GLU A 44 -1.36 15.23 -5.05
C GLU A 44 -2.59 14.42 -5.50
N ILE A 45 -2.48 13.12 -5.51
CA ILE A 45 -3.63 12.28 -5.93
C ILE A 45 -4.90 12.71 -5.20
N GLU A 46 -4.78 13.33 -4.06
CA GLU A 46 -6.00 13.77 -3.32
C GLU A 46 -5.62 14.83 -2.28
N GLY A 47 -5.79 14.55 -1.02
CA GLY A 47 -5.44 15.56 0.02
C GLY A 47 -4.65 14.88 1.15
N LEU A 48 -3.73 14.02 0.80
CA LEU A 48 -2.93 13.33 1.84
C LEU A 48 -1.78 14.24 2.27
N ASP A 49 -1.37 14.17 3.51
CA ASP A 49 -0.27 15.04 3.99
C ASP A 49 1.09 14.44 3.61
N GLU A 50 2.11 15.24 3.60
CA GLU A 50 3.47 14.74 3.23
C GLU A 50 3.80 13.48 4.04
N PRO A 51 3.58 13.50 5.36
CA PRO A 51 3.87 12.35 6.23
C PRO A 51 2.93 11.17 5.95
N THR A 52 1.66 11.44 5.75
CA THR A 52 0.71 10.33 5.47
C THR A 52 1.18 9.58 4.22
N VAL A 53 1.51 10.29 3.18
CA VAL A 53 1.98 9.63 1.94
C VAL A 53 3.37 9.03 2.17
N GLU A 54 4.18 9.69 2.94
CA GLU A 54 5.55 9.17 3.22
C GLU A 54 5.44 7.85 4.00
N ALA A 55 4.55 7.78 4.94
CA ALA A 55 4.40 6.53 5.74
C ALA A 55 3.69 5.47 4.89
N LEU A 56 2.72 5.87 4.13
CA LEU A 56 1.98 4.89 3.28
C LEU A 56 2.94 4.26 2.28
N ARG A 57 3.76 5.06 1.64
CA ARG A 57 4.72 4.49 0.65
C ARG A 57 5.75 3.64 1.39
N GLU A 58 6.39 4.19 2.38
CA GLU A 58 7.40 3.40 3.14
C GLU A 58 6.88 1.99 3.40
N ARG A 59 5.65 1.88 3.83
CA ARG A 59 5.08 0.54 4.10
C ARG A 59 4.92 -0.23 2.79
N ALA A 60 4.50 0.45 1.75
CA ALA A 60 4.33 -0.23 0.44
C ALA A 60 5.59 -1.03 0.11
N LYS A 61 6.71 -0.36 -0.05
CA LYS A 61 7.97 -1.10 -0.36
C LYS A 61 8.28 -2.08 0.75
N ASN A 62 8.26 -1.63 1.97
CA ASN A 62 8.56 -2.55 3.11
C ASN A 62 7.63 -3.76 3.03
N ALA A 63 6.39 -3.55 2.73
CA ALA A 63 5.44 -4.69 2.63
C ALA A 63 5.86 -5.60 1.48
N LEU A 64 6.23 -5.01 0.37
CA LEU A 64 6.67 -5.84 -0.80
C LEU A 64 7.87 -6.71 -0.40
N ALA A 65 8.80 -6.14 0.33
CA ALA A 65 9.99 -6.92 0.75
C ALA A 65 9.55 -8.02 1.72
N THR A 66 8.50 -7.77 2.46
CA THR A 66 8.02 -8.80 3.43
C THR A 66 7.77 -10.11 2.70
N ILE A 67 7.28 -10.05 1.49
CA ILE A 67 7.01 -11.30 0.73
C ILE A 67 8.21 -12.23 0.88
N ALA A 68 9.40 -11.69 0.80
CA ALA A 68 10.62 -12.54 0.94
C ALA A 68 10.65 -13.13 2.34
N GLN A 69 10.06 -12.44 3.29
CA GLN A 69 10.05 -12.97 4.69
C GLN A 69 9.13 -14.18 4.76
N ALA A 70 8.09 -14.20 3.98
CA ALA A 70 7.16 -15.36 4.00
C ALA A 70 7.91 -16.61 3.53
N GLN A 71 8.94 -16.43 2.74
CA GLN A 71 9.71 -17.61 2.26
C GLN A 71 10.17 -18.44 3.45
N GLU A 72 10.57 -17.79 4.52
CA GLU A 72 11.04 -18.54 5.72
C GLU A 72 9.88 -19.40 6.26
N GLU A 73 8.69 -18.89 6.23
CA GLU A 73 7.53 -19.68 6.73
C GLU A 73 7.29 -20.88 5.82
N SER A 74 7.53 -20.73 4.55
CA SER A 74 7.33 -21.86 3.61
C SER A 74 8.30 -22.99 3.96
N LEU A 75 9.42 -22.66 4.53
CA LEU A 75 10.41 -23.72 4.90
C LEU A 75 10.24 -24.07 6.37
N GLY A 76 10.14 -25.33 6.68
CA GLY A 76 9.97 -25.75 8.10
C GLY A 76 10.23 -27.25 8.24
N GLU A 1 -12.31 -10.24 -4.25
CA GLU A 1 -11.18 -9.73 -5.06
C GLU A 1 -10.74 -8.36 -4.52
N ALA A 2 -11.47 -7.33 -4.83
CA ALA A 2 -11.10 -5.98 -4.33
C ALA A 2 -11.15 -5.97 -2.79
N HIS A 3 -12.05 -6.71 -2.22
CA HIS A 3 -12.16 -6.73 -0.73
C HIS A 3 -10.81 -7.09 -0.14
N ALA A 4 -10.06 -7.94 -0.79
CA ALA A 4 -8.72 -8.33 -0.25
C ALA A 4 -7.78 -7.13 -0.30
N ALA A 5 -7.90 -6.30 -1.31
CA ALA A 5 -7.01 -5.12 -1.41
C ALA A 5 -7.28 -4.16 -0.25
N ILE A 6 -8.51 -4.08 0.18
CA ILE A 6 -8.83 -3.17 1.32
C ILE A 6 -8.22 -3.71 2.60
N ASP A 7 -8.34 -4.99 2.82
CA ASP A 7 -7.76 -5.59 4.05
C ASP A 7 -6.25 -5.67 3.90
N THR A 8 -5.77 -6.04 2.75
CA THR A 8 -4.29 -6.14 2.55
C THR A 8 -3.67 -4.82 2.98
N PHE A 9 -4.04 -3.74 2.36
CA PHE A 9 -3.49 -2.42 2.75
C PHE A 9 -3.65 -2.23 4.26
N THR A 10 -4.82 -2.55 4.77
CA THR A 10 -5.05 -2.40 6.23
C THR A 10 -4.12 -3.35 6.98
N LYS A 11 -3.73 -4.43 6.36
CA LYS A 11 -2.82 -5.40 7.04
C LYS A 11 -1.38 -4.93 6.89
N TYR A 12 -1.06 -4.28 5.79
CA TYR A 12 0.33 -3.80 5.58
C TYR A 12 0.41 -2.29 5.80
N LEU A 13 -0.28 -1.52 5.01
CA LEU A 13 -0.23 -0.04 5.19
C LEU A 13 -0.59 0.33 6.62
N ASP A 14 -1.20 -0.58 7.35
CA ASP A 14 -1.58 -0.26 8.76
C ASP A 14 -2.53 0.93 8.75
N ILE A 15 -3.54 0.89 7.91
CA ILE A 15 -4.50 2.01 7.84
C ILE A 15 -5.92 1.51 8.15
N ASP A 16 -6.89 2.36 8.02
CA ASP A 16 -8.29 1.94 8.30
C ASP A 16 -8.92 1.40 7.02
N GLU A 17 -10.00 0.69 7.13
CA GLU A 17 -10.66 0.12 5.92
C GLU A 17 -11.18 1.24 5.02
N ASP A 18 -11.61 2.32 5.60
CA ASP A 18 -12.15 3.44 4.77
C ASP A 18 -11.00 4.16 4.05
N PHE A 19 -9.82 4.11 4.61
CA PHE A 19 -8.66 4.78 3.96
C PHE A 19 -8.11 3.89 2.85
N ALA A 20 -7.85 2.65 3.15
CA ALA A 20 -7.30 1.73 2.11
C ALA A 20 -8.14 1.84 0.84
N THR A 21 -9.44 1.78 0.96
CA THR A 21 -10.31 1.88 -0.25
C THR A 21 -9.89 3.08 -1.11
N VAL A 22 -9.58 4.19 -0.52
CA VAL A 22 -9.17 5.37 -1.32
C VAL A 22 -7.94 5.02 -2.17
N LEU A 23 -7.11 4.14 -1.69
CA LEU A 23 -5.91 3.75 -2.46
C LEU A 23 -6.32 2.77 -3.56
N VAL A 24 -7.14 1.81 -3.22
CA VAL A 24 -7.61 0.82 -4.23
C VAL A 24 -8.67 1.48 -5.10
N GLU A 25 -9.38 2.42 -4.55
CA GLU A 25 -10.45 3.12 -5.33
C GLU A 25 -9.80 3.90 -6.47
N GLU A 26 -8.70 4.56 -6.20
CA GLU A 26 -8.01 5.34 -7.27
C GLU A 26 -7.42 4.39 -8.31
N GLY A 27 -7.03 3.22 -7.90
CA GLY A 27 -6.45 2.25 -8.89
C GLY A 27 -5.20 1.60 -8.30
N PHE A 28 -5.11 1.50 -7.00
CA PHE A 28 -3.91 0.87 -6.38
C PHE A 28 -4.36 -0.36 -5.58
N SER A 29 -4.53 -1.47 -6.22
CA SER A 29 -4.95 -2.70 -5.50
C SER A 29 -3.73 -3.51 -5.07
N THR A 30 -2.56 -3.07 -5.43
CA THR A 30 -1.33 -3.83 -5.03
C THR A 30 -0.36 -2.89 -4.33
N LEU A 31 0.33 -3.37 -3.33
CA LEU A 31 1.29 -2.50 -2.62
C LEU A 31 2.38 -2.05 -3.58
N GLU A 32 2.62 -2.82 -4.62
CA GLU A 32 3.65 -2.43 -5.62
C GLU A 32 3.34 -1.02 -6.14
N GLU A 33 2.16 -0.81 -6.62
CA GLU A 33 1.80 0.54 -7.12
C GLU A 33 1.93 1.54 -5.98
N LEU A 34 1.45 1.19 -4.82
CA LEU A 34 1.54 2.11 -3.65
C LEU A 34 3.00 2.38 -3.30
N ALA A 35 3.81 1.36 -3.32
CA ALA A 35 5.25 1.55 -2.97
C ALA A 35 6.03 2.03 -4.19
N TYR A 36 5.67 1.58 -5.35
CA TYR A 36 6.41 2.01 -6.58
C TYR A 36 5.99 3.44 -6.93
N VAL A 37 4.79 3.81 -6.61
CA VAL A 37 4.33 5.19 -6.92
C VAL A 37 5.11 6.17 -6.04
N PRO A 38 5.57 7.30 -6.62
CA PRO A 38 6.34 8.30 -5.89
C PRO A 38 5.47 9.07 -4.89
N MET A 39 6.11 9.78 -4.01
CA MET A 39 5.35 10.56 -2.98
C MET A 39 4.40 11.55 -3.67
N LYS A 40 4.94 12.51 -4.36
CA LYS A 40 4.07 13.52 -5.03
C LYS A 40 2.92 12.83 -5.77
N GLU A 41 3.21 11.89 -6.63
CA GLU A 41 2.12 11.21 -7.38
C GLU A 41 1.06 10.73 -6.40
N LEU A 42 1.48 10.23 -5.27
CA LEU A 42 0.50 9.74 -4.26
C LEU A 42 -0.08 10.92 -3.49
N LEU A 43 0.73 11.87 -3.11
CA LEU A 43 0.22 13.05 -2.37
C LEU A 43 -0.76 13.81 -3.24
N GLU A 44 -0.62 13.71 -4.53
CA GLU A 44 -1.55 14.43 -5.46
C GLU A 44 -2.84 13.62 -5.61
N ILE A 45 -2.76 12.34 -5.42
CA ILE A 45 -3.98 11.48 -5.58
C ILE A 45 -5.19 12.16 -4.92
N GLU A 46 -4.97 13.02 -3.96
CA GLU A 46 -6.14 13.68 -3.30
C GLU A 46 -5.65 14.81 -2.40
N GLY A 47 -5.72 14.63 -1.09
CA GLY A 47 -5.26 15.70 -0.16
C GLY A 47 -4.42 15.07 0.95
N LEU A 48 -3.51 14.21 0.59
CA LEU A 48 -2.65 13.57 1.61
C LEU A 48 -1.48 14.51 1.96
N ASP A 49 -1.07 14.52 3.20
CA ASP A 49 0.05 15.42 3.60
C ASP A 49 1.38 14.78 3.21
N GLU A 50 2.43 15.56 3.20
CA GLU A 50 3.76 15.01 2.84
C GLU A 50 4.09 13.79 3.69
N PRO A 51 3.82 13.86 5.02
CA PRO A 51 4.10 12.75 5.94
C PRO A 51 3.18 11.55 5.67
N THR A 52 1.92 11.79 5.46
CA THR A 52 0.98 10.65 5.19
C THR A 52 1.49 9.86 3.99
N VAL A 53 1.88 10.54 2.94
CA VAL A 53 2.38 9.84 1.74
C VAL A 53 3.69 9.11 2.06
N GLU A 54 4.62 9.78 2.67
CA GLU A 54 5.91 9.12 3.01
C GLU A 54 5.67 7.91 3.91
N ALA A 55 4.80 8.05 4.88
CA ALA A 55 4.52 6.90 5.79
C ALA A 55 3.69 5.84 5.06
N LEU A 56 2.78 6.27 4.23
CA LEU A 56 1.93 5.30 3.48
C LEU A 56 2.79 4.52 2.49
N ARG A 57 3.61 5.19 1.74
CA ARG A 57 4.48 4.48 0.76
C ARG A 57 5.50 3.63 1.51
N GLU A 58 6.18 4.20 2.46
CA GLU A 58 7.19 3.41 3.24
C GLU A 58 6.61 2.04 3.59
N ARG A 59 5.37 2.00 4.03
CA ARG A 59 4.75 0.69 4.39
C ARG A 59 4.56 -0.14 3.12
N ALA A 60 4.09 0.47 2.07
CA ALA A 60 3.87 -0.29 0.81
C ALA A 60 5.17 -0.98 0.38
N LYS A 61 6.26 -0.26 0.40
CA LYS A 61 7.56 -0.88 0.00
C LYS A 61 7.90 -2.01 0.97
N ASN A 62 7.93 -1.73 2.23
CA ASN A 62 8.26 -2.80 3.22
C ASN A 62 7.34 -4.00 2.99
N ALA A 63 6.07 -3.76 2.81
CA ALA A 63 5.13 -4.89 2.57
C ALA A 63 5.46 -5.55 1.22
N LEU A 64 5.83 -4.76 0.25
CA LEU A 64 6.16 -5.33 -1.08
C LEU A 64 7.52 -6.02 -1.01
N ALA A 65 8.48 -5.40 -0.38
CA ALA A 65 9.83 -6.02 -0.27
C ALA A 65 9.73 -7.30 0.55
N THR A 66 8.88 -7.31 1.55
CA THR A 66 8.74 -8.53 2.39
C THR A 66 8.25 -9.69 1.52
N ILE A 67 7.34 -9.44 0.63
CA ILE A 67 6.83 -10.53 -0.25
C ILE A 67 8.01 -11.34 -0.78
N ALA A 68 9.06 -10.68 -1.20
CA ALA A 68 10.25 -11.42 -1.72
C ALA A 68 10.90 -12.18 -0.57
N GLN A 69 10.73 -11.71 0.64
CA GLN A 69 11.35 -12.42 1.80
C GLN A 69 10.63 -13.74 2.02
N ALA A 70 9.36 -13.80 1.73
CA ALA A 70 8.61 -15.07 1.92
C ALA A 70 9.16 -16.13 0.96
N GLN A 71 9.72 -15.70 -0.14
CA GLN A 71 10.26 -16.68 -1.12
C GLN A 71 11.27 -17.59 -0.41
N GLU A 72 12.04 -17.04 0.49
CA GLU A 72 13.05 -17.86 1.21
C GLU A 72 12.33 -18.92 2.05
N GLU A 73 11.16 -18.61 2.55
CA GLU A 73 10.42 -19.60 3.38
C GLU A 73 10.05 -20.80 2.51
N SER A 74 9.84 -20.59 1.25
CA SER A 74 9.48 -21.72 0.35
C SER A 74 10.65 -22.71 0.28
N LEU A 75 10.37 -23.97 0.09
CA LEU A 75 11.47 -24.97 0.01
C LEU A 75 12.43 -24.58 -1.12
N GLY A 76 11.92 -24.07 -2.21
CA GLY A 76 12.80 -23.68 -3.33
C GLY A 76 12.46 -24.51 -4.57
N GLU A 1 -10.75 -10.54 -4.68
CA GLU A 1 -11.82 -9.50 -4.67
C GLU A 1 -11.22 -8.16 -4.23
N ALA A 2 -11.88 -7.08 -4.55
CA ALA A 2 -11.35 -5.75 -4.16
C ALA A 2 -11.29 -5.64 -2.63
N HIS A 3 -12.17 -6.32 -1.95
CA HIS A 3 -12.16 -6.26 -0.46
C HIS A 3 -10.78 -6.67 0.06
N ALA A 4 -10.16 -7.61 -0.60
CA ALA A 4 -8.80 -8.06 -0.15
C ALA A 4 -7.81 -6.90 -0.29
N ALA A 5 -7.94 -6.13 -1.33
CA ALA A 5 -6.99 -4.99 -1.53
C ALA A 5 -7.16 -3.97 -0.40
N ILE A 6 -8.36 -3.81 0.09
CA ILE A 6 -8.58 -2.84 1.20
C ILE A 6 -7.97 -3.38 2.48
N ASP A 7 -8.18 -4.64 2.76
CA ASP A 7 -7.60 -5.24 3.99
C ASP A 7 -6.08 -5.35 3.83
N THR A 8 -5.63 -5.73 2.67
CA THR A 8 -4.16 -5.85 2.45
C THR A 8 -3.49 -4.55 2.87
N PHE A 9 -3.88 -3.46 2.28
CA PHE A 9 -3.28 -2.15 2.66
C PHE A 9 -3.42 -1.96 4.16
N THR A 10 -4.56 -2.29 4.69
CA THR A 10 -4.79 -2.15 6.15
C THR A 10 -3.88 -3.13 6.89
N LYS A 11 -3.59 -4.25 6.29
CA LYS A 11 -2.71 -5.25 6.95
C LYS A 11 -1.25 -4.83 6.80
N TYR A 12 -0.92 -4.23 5.68
CA TYR A 12 0.49 -3.80 5.45
C TYR A 12 0.65 -2.30 5.72
N LEU A 13 0.00 -1.49 4.93
CA LEU A 13 0.12 -0.02 5.12
C LEU A 13 -0.34 0.38 6.52
N ASP A 14 -0.99 -0.50 7.23
CA ASP A 14 -1.44 -0.15 8.61
C ASP A 14 -2.37 1.06 8.56
N ILE A 15 -3.38 1.01 7.75
CA ILE A 15 -4.32 2.16 7.66
C ILE A 15 -5.76 1.66 7.78
N ASP A 16 -6.69 2.52 8.08
CA ASP A 16 -8.10 2.08 8.24
C ASP A 16 -8.63 1.60 6.88
N GLU A 17 -9.68 0.82 6.90
CA GLU A 17 -10.25 0.30 5.61
C GLU A 17 -10.74 1.47 4.76
N ASP A 18 -11.30 2.47 5.37
CA ASP A 18 -11.81 3.64 4.60
C ASP A 18 -10.63 4.35 3.94
N PHE A 19 -9.47 4.25 4.52
CA PHE A 19 -8.28 4.92 3.93
C PHE A 19 -7.76 4.08 2.76
N ALA A 20 -7.53 2.81 2.99
CA ALA A 20 -7.01 1.95 1.91
C ALA A 20 -7.92 2.07 0.68
N THR A 21 -9.21 2.05 0.89
CA THR A 21 -10.15 2.17 -0.26
C THR A 21 -9.72 3.32 -1.16
N VAL A 22 -9.37 4.45 -0.59
CA VAL A 22 -8.95 5.60 -1.44
C VAL A 22 -7.75 5.20 -2.31
N LEU A 23 -6.95 4.28 -1.86
CA LEU A 23 -5.78 3.84 -2.68
C LEU A 23 -6.27 2.84 -3.72
N VAL A 24 -7.07 1.90 -3.30
CA VAL A 24 -7.61 0.89 -4.27
C VAL A 24 -8.72 1.54 -5.09
N GLU A 25 -9.38 2.51 -4.53
CA GLU A 25 -10.47 3.21 -5.26
C GLU A 25 -9.86 4.03 -6.39
N GLU A 26 -8.72 4.62 -6.16
CA GLU A 26 -8.07 5.43 -7.21
C GLU A 26 -7.48 4.49 -8.29
N GLY A 27 -7.13 3.30 -7.91
CA GLY A 27 -6.57 2.35 -8.90
C GLY A 27 -5.28 1.72 -8.36
N PHE A 28 -5.16 1.61 -7.06
CA PHE A 28 -3.93 1.00 -6.48
C PHE A 28 -4.31 -0.24 -5.67
N SER A 29 -4.42 -1.37 -6.33
CA SER A 29 -4.81 -2.61 -5.59
C SER A 29 -3.55 -3.42 -5.26
N THR A 30 -2.40 -2.96 -5.67
CA THR A 30 -1.14 -3.72 -5.37
C THR A 30 -0.18 -2.82 -4.59
N LEU A 31 0.49 -3.37 -3.61
CA LEU A 31 1.45 -2.55 -2.82
C LEU A 31 2.53 -2.01 -3.76
N GLU A 32 2.80 -2.71 -4.82
CA GLU A 32 3.85 -2.25 -5.78
C GLU A 32 3.48 -0.86 -6.29
N GLU A 33 2.26 -0.66 -6.70
CA GLU A 33 1.84 0.68 -7.21
C GLU A 33 2.01 1.70 -6.09
N LEU A 34 1.62 1.36 -4.90
CA LEU A 34 1.74 2.31 -3.76
C LEU A 34 3.23 2.58 -3.47
N ALA A 35 4.04 1.56 -3.45
CA ALA A 35 5.48 1.76 -3.16
C ALA A 35 6.22 2.22 -4.43
N TYR A 36 5.84 1.71 -5.56
CA TYR A 36 6.53 2.12 -6.82
C TYR A 36 6.09 3.53 -7.19
N VAL A 37 4.85 3.86 -6.96
CA VAL A 37 4.38 5.24 -7.28
C VAL A 37 5.07 6.23 -6.35
N PRO A 38 5.49 7.39 -6.88
CA PRO A 38 6.19 8.41 -6.09
C PRO A 38 5.28 9.08 -5.07
N MET A 39 5.87 9.77 -4.13
CA MET A 39 5.09 10.47 -3.07
C MET A 39 4.04 11.39 -3.69
N LYS A 40 4.48 12.40 -4.40
CA LYS A 40 3.51 13.35 -5.02
C LYS A 40 2.34 12.59 -5.65
N GLU A 41 2.63 11.68 -6.54
CA GLU A 41 1.53 10.92 -7.19
C GLU A 41 0.54 10.47 -6.13
N LEU A 42 1.05 10.09 -4.98
CA LEU A 42 0.15 9.64 -3.88
C LEU A 42 -0.40 10.85 -3.13
N LEU A 43 0.44 11.81 -2.83
CA LEU A 43 -0.05 13.01 -2.09
C LEU A 43 -1.01 13.80 -2.98
N GLU A 44 -0.83 13.74 -4.26
CA GLU A 44 -1.74 14.48 -5.18
C GLU A 44 -3.06 13.72 -5.31
N ILE A 45 -3.04 12.45 -5.03
CA ILE A 45 -4.29 11.63 -5.14
C ILE A 45 -5.51 12.48 -4.80
N GLU A 46 -5.39 13.38 -3.87
CA GLU A 46 -6.55 14.23 -3.51
C GLU A 46 -6.12 15.27 -2.46
N GLY A 47 -6.11 14.89 -1.21
CA GLY A 47 -5.71 15.86 -0.14
C GLY A 47 -4.93 15.12 0.94
N LEU A 48 -4.09 14.21 0.56
CA LEU A 48 -3.29 13.46 1.58
C LEU A 48 -2.12 14.32 2.05
N ASP A 49 -1.62 14.08 3.22
CA ASP A 49 -0.49 14.90 3.73
C ASP A 49 0.85 14.31 3.27
N GLU A 50 1.88 15.11 3.27
CA GLU A 50 3.22 14.61 2.83
C GLU A 50 3.65 13.42 3.68
N PRO A 51 3.55 13.54 5.02
CA PRO A 51 3.94 12.46 5.94
C PRO A 51 3.02 11.25 5.84
N THR A 52 1.73 11.47 5.93
CA THR A 52 0.79 10.32 5.82
C THR A 52 1.06 9.55 4.53
N VAL A 53 1.20 10.24 3.44
CA VAL A 53 1.48 9.56 2.14
C VAL A 53 2.93 9.06 2.14
N GLU A 54 3.82 9.82 2.71
CA GLU A 54 5.24 9.39 2.73
C GLU A 54 5.38 8.09 3.51
N ALA A 55 4.73 7.99 4.64
CA ALA A 55 4.82 6.74 5.45
C ALA A 55 4.04 5.63 4.74
N LEU A 56 3.00 5.98 4.04
CA LEU A 56 2.20 4.93 3.33
C LEU A 56 3.09 4.22 2.31
N ARG A 57 3.88 4.95 1.58
CA ARG A 57 4.77 4.31 0.58
C ARG A 57 5.82 3.46 1.30
N GLU A 58 6.49 4.02 2.27
CA GLU A 58 7.51 3.25 3.01
C GLU A 58 6.95 1.86 3.35
N ARG A 59 5.73 1.82 3.81
CA ARG A 59 5.11 0.49 4.15
C ARG A 59 4.99 -0.35 2.88
N ALA A 60 4.54 0.24 1.81
CA ALA A 60 4.40 -0.54 0.54
C ALA A 60 5.70 -1.29 0.26
N LYS A 61 6.81 -0.60 0.16
CA LYS A 61 8.10 -1.28 -0.12
C LYS A 61 8.39 -2.27 1.01
N ASN A 62 8.33 -1.82 2.23
CA ASN A 62 8.60 -2.73 3.38
C ASN A 62 7.65 -3.93 3.31
N ALA A 63 6.40 -3.69 3.00
CA ALA A 63 5.42 -4.81 2.90
C ALA A 63 5.80 -5.70 1.73
N LEU A 64 6.10 -5.11 0.60
CA LEU A 64 6.48 -5.93 -0.59
C LEU A 64 7.71 -6.77 -0.24
N ALA A 65 8.63 -6.22 0.50
CA ALA A 65 9.85 -6.99 0.87
C ALA A 65 9.42 -8.31 1.53
N THR A 66 8.54 -8.24 2.49
CA THR A 66 8.08 -9.49 3.16
C THR A 66 7.47 -10.43 2.11
N ILE A 67 6.61 -9.92 1.27
CA ILE A 67 6.00 -10.78 0.24
C ILE A 67 7.08 -11.64 -0.42
N ALA A 68 8.24 -11.09 -0.64
CA ALA A 68 9.34 -11.87 -1.25
C ALA A 68 9.72 -13.02 -0.32
N GLN A 69 9.51 -12.84 0.96
CA GLN A 69 9.85 -13.93 1.92
C GLN A 69 8.87 -15.09 1.75
N ALA A 70 7.63 -14.79 1.47
CA ALA A 70 6.63 -15.87 1.27
C ALA A 70 6.86 -16.54 -0.09
N GLN A 71 7.41 -15.82 -1.03
CA GLN A 71 7.67 -16.40 -2.36
C GLN A 71 8.62 -17.60 -2.21
N GLU A 72 9.56 -17.50 -1.31
CA GLU A 72 10.50 -18.63 -1.11
C GLU A 72 9.74 -19.86 -0.63
N GLU A 73 8.73 -19.66 0.17
CA GLU A 73 7.94 -20.82 0.68
C GLU A 73 7.17 -21.45 -0.49
N SER A 74 6.76 -20.65 -1.45
CA SER A 74 6.02 -21.21 -2.61
C SER A 74 6.97 -22.06 -3.47
N LEU A 75 6.42 -22.90 -4.31
CA LEU A 75 7.29 -23.75 -5.17
C LEU A 75 7.52 -23.06 -6.52
N GLY A 76 8.70 -23.18 -7.07
CA GLY A 76 8.97 -22.53 -8.38
C GLY A 76 8.25 -23.30 -9.49
N GLU A 1 -10.20 -9.79 -5.73
CA GLU A 1 -11.39 -8.93 -5.49
C GLU A 1 -10.95 -7.59 -4.90
N ALA A 2 -11.63 -6.53 -5.25
CA ALA A 2 -11.25 -5.19 -4.70
C ALA A 2 -11.36 -5.22 -3.17
N HIS A 3 -12.32 -5.93 -2.66
CA HIS A 3 -12.48 -6.00 -1.17
C HIS A 3 -11.18 -6.51 -0.55
N ALA A 4 -10.52 -7.43 -1.18
CA ALA A 4 -9.26 -7.98 -0.61
C ALA A 4 -8.21 -6.87 -0.57
N ALA A 5 -8.27 -5.94 -1.49
CA ALA A 5 -7.27 -4.84 -1.49
C ALA A 5 -7.45 -3.97 -0.25
N ILE A 6 -8.66 -3.90 0.26
CA ILE A 6 -8.90 -3.07 1.46
C ILE A 6 -8.29 -3.76 2.68
N ASP A 7 -8.51 -5.04 2.82
CA ASP A 7 -7.94 -5.78 3.99
C ASP A 7 -6.44 -5.94 3.79
N THR A 8 -6.01 -6.20 2.58
CA THR A 8 -4.55 -6.36 2.33
C THR A 8 -3.81 -5.12 2.86
N PHE A 9 -4.19 -3.97 2.38
CA PHE A 9 -3.54 -2.72 2.85
C PHE A 9 -3.69 -2.63 4.37
N THR A 10 -4.83 -2.99 4.90
CA THR A 10 -5.01 -2.94 6.37
C THR A 10 -4.05 -3.93 7.02
N LYS A 11 -3.70 -4.96 6.31
CA LYS A 11 -2.76 -5.98 6.88
C LYS A 11 -1.32 -5.47 6.71
N TYR A 12 -1.06 -4.79 5.63
CA TYR A 12 0.33 -4.27 5.39
C TYR A 12 0.40 -2.80 5.77
N LEU A 13 -0.29 -1.95 5.04
CA LEU A 13 -0.25 -0.50 5.35
C LEU A 13 -0.68 -0.26 6.81
N ASP A 14 -1.33 -1.23 7.42
CA ASP A 14 -1.79 -1.04 8.82
C ASP A 14 -2.74 0.15 8.87
N ILE A 15 -3.70 0.17 8.00
CA ILE A 15 -4.67 1.31 7.97
C ILE A 15 -6.10 0.78 8.16
N ASP A 16 -7.07 1.63 8.08
CA ASP A 16 -8.48 1.18 8.25
C ASP A 16 -9.06 0.85 6.88
N GLU A 17 -10.17 0.17 6.84
CA GLU A 17 -10.78 -0.20 5.53
C GLU A 17 -11.21 1.07 4.79
N ASP A 18 -11.82 2.00 5.48
CA ASP A 18 -12.27 3.24 4.82
C ASP A 18 -11.07 3.96 4.20
N PHE A 19 -9.91 3.84 4.81
CA PHE A 19 -8.70 4.51 4.24
C PHE A 19 -8.12 3.66 3.11
N ALA A 20 -7.87 2.41 3.37
CA ALA A 20 -7.32 1.54 2.30
C ALA A 20 -8.09 1.77 1.00
N THR A 21 -9.39 1.74 1.06
CA THR A 21 -10.20 1.97 -0.16
C THR A 21 -9.69 3.20 -0.89
N VAL A 22 -9.39 4.26 -0.17
CA VAL A 22 -8.89 5.49 -0.84
C VAL A 22 -7.66 5.14 -1.69
N LEU A 23 -6.87 4.20 -1.25
CA LEU A 23 -5.68 3.80 -2.04
C LEU A 23 -6.13 2.92 -3.20
N VAL A 24 -7.00 1.98 -2.93
CA VAL A 24 -7.50 1.10 -4.02
C VAL A 24 -8.45 1.89 -4.90
N GLU A 25 -9.07 2.89 -4.33
CA GLU A 25 -10.02 3.74 -5.11
C GLU A 25 -9.23 4.55 -6.14
N GLU A 26 -8.10 5.06 -5.76
CA GLU A 26 -7.28 5.86 -6.70
C GLU A 26 -6.73 4.94 -7.80
N GLY A 27 -6.47 3.71 -7.49
CA GLY A 27 -5.93 2.77 -8.52
C GLY A 27 -4.68 2.06 -7.98
N PHE A 28 -4.59 1.91 -6.69
CA PHE A 28 -3.39 1.23 -6.10
C PHE A 28 -3.87 0.11 -5.18
N SER A 29 -4.23 -1.01 -5.74
CA SER A 29 -4.71 -2.14 -4.89
C SER A 29 -3.57 -3.13 -4.64
N THR A 30 -2.38 -2.79 -5.07
CA THR A 30 -1.23 -3.71 -4.85
C THR A 30 -0.14 -2.97 -4.06
N LEU A 31 0.54 -3.66 -3.19
CA LEU A 31 1.61 -2.98 -2.41
C LEU A 31 2.65 -2.41 -3.37
N GLU A 32 2.80 -3.03 -4.51
CA GLU A 32 3.80 -2.52 -5.50
C GLU A 32 3.27 -1.22 -6.11
N GLU A 33 2.01 -1.17 -6.44
CA GLU A 33 1.46 0.08 -7.03
C GLU A 33 1.67 1.23 -6.04
N LEU A 34 1.39 1.00 -4.79
CA LEU A 34 1.56 2.06 -3.77
C LEU A 34 3.04 2.41 -3.61
N ALA A 35 3.89 1.41 -3.54
CA ALA A 35 5.34 1.68 -3.37
C ALA A 35 5.97 2.08 -4.70
N TYR A 36 5.48 1.53 -5.79
CA TYR A 36 6.05 1.87 -7.12
C TYR A 36 5.62 3.28 -7.50
N VAL A 37 4.45 3.68 -7.10
CA VAL A 37 3.98 5.05 -7.45
C VAL A 37 4.83 6.06 -6.68
N PRO A 38 5.15 7.20 -7.32
CA PRO A 38 5.98 8.24 -6.69
C PRO A 38 5.23 8.98 -5.58
N MET A 39 5.94 9.71 -4.78
CA MET A 39 5.30 10.47 -3.67
C MET A 39 4.26 11.44 -4.22
N LYS A 40 4.69 12.43 -4.95
CA LYS A 40 3.73 13.43 -5.50
C LYS A 40 2.51 12.75 -6.13
N GLU A 41 2.71 11.83 -7.04
CA GLU A 41 1.56 11.15 -7.67
C GLU A 41 0.59 10.70 -6.58
N LEU A 42 1.10 10.27 -5.48
CA LEU A 42 0.22 9.81 -4.38
C LEU A 42 -0.19 11.00 -3.51
N LEU A 43 0.76 11.84 -3.17
CA LEU A 43 0.45 13.02 -2.31
C LEU A 43 -0.45 14.00 -3.09
N GLU A 44 -0.31 14.05 -4.38
CA GLU A 44 -1.14 14.98 -5.18
C GLU A 44 -2.50 14.33 -5.49
N ILE A 45 -2.61 13.05 -5.28
CA ILE A 45 -3.89 12.35 -5.56
C ILE A 45 -5.07 13.28 -5.27
N GLU A 46 -4.98 14.08 -4.26
CA GLU A 46 -6.11 15.01 -3.94
C GLU A 46 -5.71 15.94 -2.80
N GLY A 47 -5.96 15.54 -1.57
CA GLY A 47 -5.61 16.41 -0.42
C GLY A 47 -4.91 15.59 0.67
N LEU A 48 -4.09 14.67 0.29
CA LEU A 48 -3.38 13.83 1.30
C LEU A 48 -2.18 14.62 1.84
N ASP A 49 -1.71 14.28 3.01
CA ASP A 49 -0.55 15.03 3.59
C ASP A 49 0.76 14.43 3.07
N GLU A 50 1.81 15.21 3.05
CA GLU A 50 3.12 14.72 2.55
C GLU A 50 3.63 13.57 3.42
N PRO A 51 3.60 13.73 4.76
CA PRO A 51 4.07 12.71 5.69
C PRO A 51 3.20 11.45 5.67
N THR A 52 1.91 11.61 5.56
CA THR A 52 1.01 10.41 5.54
C THR A 52 1.33 9.56 4.31
N VAL A 53 1.48 10.19 3.18
CA VAL A 53 1.79 9.42 1.94
C VAL A 53 3.24 8.95 1.98
N GLU A 54 4.08 9.68 2.66
CA GLU A 54 5.51 9.27 2.75
C GLU A 54 5.62 8.01 3.60
N ALA A 55 4.92 7.96 4.70
CA ALA A 55 4.96 6.76 5.57
C ALA A 55 4.13 5.65 4.93
N LEU A 56 2.99 5.99 4.41
CA LEU A 56 2.14 4.96 3.76
C LEU A 56 2.85 4.42 2.52
N ARG A 57 3.44 5.29 1.75
CA ARG A 57 4.17 4.83 0.53
C ARG A 57 5.41 4.05 0.97
N GLU A 58 6.33 4.70 1.62
CA GLU A 58 7.56 4.00 2.09
C GLU A 58 7.13 2.67 2.71
N ARG A 59 6.12 2.69 3.53
CA ARG A 59 5.65 1.43 4.18
C ARG A 59 5.35 0.40 3.08
N ALA A 60 4.64 0.81 2.06
CA ALA A 60 4.31 -0.14 0.95
C ALA A 60 5.59 -0.83 0.47
N LYS A 61 6.66 -0.09 0.35
CA LYS A 61 7.94 -0.70 -0.12
C LYS A 61 8.42 -1.72 0.91
N ASN A 62 8.63 -1.30 2.13
CA ASN A 62 9.10 -2.24 3.17
C ASN A 62 8.16 -3.45 3.23
N ALA A 63 6.88 -3.23 3.11
CA ALA A 63 5.92 -4.36 3.14
C ALA A 63 6.22 -5.31 1.97
N LEU A 64 6.44 -4.78 0.81
CA LEU A 64 6.73 -5.65 -0.37
C LEU A 64 7.93 -6.55 -0.04
N ALA A 65 8.92 -6.03 0.63
CA ALA A 65 10.10 -6.86 0.98
C ALA A 65 9.63 -8.12 1.69
N THR A 66 8.50 -8.06 2.33
CA THR A 66 7.97 -9.26 3.04
C THR A 66 7.49 -10.29 2.01
N ILE A 67 7.01 -9.84 0.88
CA ILE A 67 6.52 -10.79 -0.15
C ILE A 67 7.53 -11.94 -0.28
N ALA A 68 8.80 -11.63 -0.24
CA ALA A 68 9.83 -12.71 -0.35
C ALA A 68 9.75 -13.62 0.87
N GLN A 69 9.32 -13.09 1.99
CA GLN A 69 9.22 -13.93 3.22
C GLN A 69 8.10 -14.96 3.03
N ALA A 70 7.08 -14.61 2.32
CA ALA A 70 5.96 -15.57 2.11
C ALA A 70 6.45 -16.74 1.24
N GLN A 71 7.45 -16.51 0.44
CA GLN A 71 7.98 -17.60 -0.42
C GLN A 71 8.34 -18.80 0.45
N GLU A 72 8.83 -18.56 1.63
CA GLU A 72 9.21 -19.69 2.52
C GLU A 72 7.97 -20.54 2.81
N GLU A 73 6.83 -19.92 2.93
CA GLU A 73 5.58 -20.69 3.20
C GLU A 73 5.28 -21.60 2.02
N SER A 74 5.56 -21.17 0.83
CA SER A 74 5.30 -22.02 -0.37
C SER A 74 6.16 -23.27 -0.30
N LEU A 75 7.31 -23.18 0.31
CA LEU A 75 8.20 -24.37 0.40
C LEU A 75 7.99 -25.06 1.75
N GLY A 76 8.02 -26.36 1.77
CA GLY A 76 7.83 -27.10 3.06
C GLY A 76 7.12 -28.42 2.79
N GLU A 1 -9.97 -9.88 -5.91
CA GLU A 1 -11.14 -9.30 -5.17
C GLU A 1 -10.75 -7.93 -4.61
N ALA A 2 -11.48 -6.91 -4.97
CA ALA A 2 -11.16 -5.55 -4.45
C ALA A 2 -11.32 -5.54 -2.93
N HIS A 3 -12.26 -6.27 -2.42
CA HIS A 3 -12.46 -6.30 -0.94
C HIS A 3 -11.15 -6.71 -0.25
N ALA A 4 -10.38 -7.56 -0.88
CA ALA A 4 -9.10 -8.00 -0.26
C ALA A 4 -8.09 -6.85 -0.31
N ALA A 5 -8.09 -6.10 -1.37
CA ALA A 5 -7.12 -4.96 -1.48
C ALA A 5 -7.38 -3.97 -0.34
N ILE A 6 -8.60 -3.85 0.09
CA ILE A 6 -8.92 -2.90 1.19
C ILE A 6 -8.31 -3.42 2.49
N ASP A 7 -8.60 -4.64 2.83
CA ASP A 7 -8.04 -5.22 4.09
C ASP A 7 -6.55 -5.50 3.90
N THR A 8 -6.16 -5.91 2.72
CA THR A 8 -4.72 -6.19 2.49
C THR A 8 -3.91 -4.94 2.82
N PHE A 9 -4.28 -3.83 2.25
CA PHE A 9 -3.55 -2.56 2.54
C PHE A 9 -3.59 -2.32 4.06
N THR A 10 -4.73 -2.53 4.66
CA THR A 10 -4.84 -2.32 6.14
C THR A 10 -3.91 -3.28 6.86
N LYS A 11 -3.67 -4.43 6.29
CA LYS A 11 -2.78 -5.43 6.94
C LYS A 11 -1.32 -5.06 6.67
N TYR A 12 -1.05 -4.53 5.50
CA TYR A 12 0.36 -4.17 5.15
C TYR A 12 0.63 -2.71 5.52
N LEU A 13 -0.14 -1.80 5.00
CA LEU A 13 0.09 -0.35 5.30
C LEU A 13 -0.33 -0.05 6.75
N ASP A 14 -0.94 -1.00 7.42
CA ASP A 14 -1.38 -0.74 8.83
C ASP A 14 -2.34 0.44 8.83
N ILE A 15 -3.34 0.40 7.99
CA ILE A 15 -4.32 1.52 7.93
C ILE A 15 -5.73 0.96 8.09
N ASP A 16 -6.73 1.74 7.76
CA ASP A 16 -8.13 1.25 7.89
C ASP A 16 -8.72 1.04 6.50
N GLU A 17 -9.83 0.36 6.41
CA GLU A 17 -10.45 0.11 5.07
C GLU A 17 -10.85 1.45 4.44
N ASP A 18 -11.47 2.30 5.20
CA ASP A 18 -11.88 3.63 4.65
C ASP A 18 -10.70 4.32 3.99
N PHE A 19 -9.54 4.21 4.56
CA PHE A 19 -8.34 4.87 3.95
C PHE A 19 -7.80 4.01 2.81
N ALA A 20 -7.44 2.80 3.09
CA ALA A 20 -6.90 1.90 2.03
C ALA A 20 -7.77 2.00 0.77
N THR A 21 -9.06 1.94 0.92
CA THR A 21 -9.95 2.02 -0.27
C THR A 21 -9.57 3.22 -1.13
N VAL A 22 -9.31 4.35 -0.52
CA VAL A 22 -8.93 5.55 -1.33
C VAL A 22 -7.73 5.21 -2.21
N LEU A 23 -6.88 4.32 -1.75
CA LEU A 23 -5.69 3.93 -2.56
C LEU A 23 -6.13 2.97 -3.65
N VAL A 24 -6.94 2.00 -3.30
CA VAL A 24 -7.41 1.03 -4.32
C VAL A 24 -8.49 1.68 -5.17
N GLU A 25 -9.18 2.64 -4.61
CA GLU A 25 -10.26 3.34 -5.35
C GLU A 25 -9.66 4.10 -6.54
N GLU A 26 -8.53 4.72 -6.35
CA GLU A 26 -7.89 5.48 -7.46
C GLU A 26 -7.32 4.50 -8.49
N GLY A 27 -6.89 3.35 -8.06
CA GLY A 27 -6.32 2.37 -9.04
C GLY A 27 -5.06 1.72 -8.45
N PHE A 28 -4.99 1.60 -7.16
CA PHE A 28 -3.79 0.97 -6.53
C PHE A 28 -4.23 -0.25 -5.72
N SER A 29 -4.42 -1.36 -6.38
CA SER A 29 -4.86 -2.59 -5.65
C SER A 29 -3.66 -3.46 -5.32
N THR A 30 -2.49 -3.06 -5.75
CA THR A 30 -1.28 -3.89 -5.46
C THR A 30 -0.29 -3.07 -4.63
N LEU A 31 0.34 -3.67 -3.66
CA LEU A 31 1.32 -2.92 -2.82
C LEU A 31 2.38 -2.32 -3.74
N GLU A 32 2.65 -2.93 -4.85
CA GLU A 32 3.67 -2.39 -5.79
C GLU A 32 3.23 -1.02 -6.29
N GLU A 33 1.99 -0.87 -6.61
CA GLU A 33 1.51 0.45 -7.09
C GLU A 33 1.75 1.51 -6.01
N LEU A 34 1.43 1.18 -4.79
CA LEU A 34 1.64 2.16 -3.67
C LEU A 34 3.13 2.41 -3.48
N ALA A 35 3.93 1.39 -3.50
CA ALA A 35 5.39 1.57 -3.29
C ALA A 35 6.06 2.04 -4.59
N TYR A 36 5.60 1.56 -5.71
CA TYR A 36 6.22 1.98 -7.00
C TYR A 36 5.72 3.36 -7.39
N VAL A 37 4.51 3.68 -7.04
CA VAL A 37 3.97 5.03 -7.38
C VAL A 37 4.79 6.09 -6.64
N PRO A 38 5.05 7.24 -7.29
CA PRO A 38 5.83 8.32 -6.70
C PRO A 38 5.07 9.04 -5.58
N MET A 39 5.78 9.77 -4.78
CA MET A 39 5.14 10.49 -3.64
C MET A 39 4.08 11.47 -4.16
N LYS A 40 4.49 12.48 -4.87
CA LYS A 40 3.50 13.48 -5.39
C LYS A 40 2.25 12.78 -5.93
N GLU A 41 2.41 11.84 -6.80
CA GLU A 41 1.21 11.14 -7.35
C GLU A 41 0.31 10.69 -6.20
N LEU A 42 0.90 10.33 -5.10
CA LEU A 42 0.09 9.88 -3.93
C LEU A 42 -0.42 11.09 -3.16
N LEU A 43 0.42 12.05 -2.89
CA LEU A 43 -0.02 13.25 -2.14
C LEU A 43 -1.07 14.02 -2.96
N GLU A 44 -1.02 13.89 -4.26
CA GLU A 44 -2.00 14.60 -5.11
C GLU A 44 -3.29 13.80 -5.18
N ILE A 45 -3.20 12.52 -4.95
CA ILE A 45 -4.42 11.66 -5.01
C ILE A 45 -5.63 12.39 -4.44
N GLU A 46 -5.43 13.27 -3.49
CA GLU A 46 -6.59 13.99 -2.90
C GLU A 46 -6.10 15.12 -2.00
N GLY A 47 -6.20 14.95 -0.70
CA GLY A 47 -5.74 16.03 0.22
C GLY A 47 -4.84 15.42 1.30
N LEU A 48 -3.96 14.54 0.92
CA LEU A 48 -3.04 13.92 1.92
C LEU A 48 -1.87 14.87 2.18
N ASP A 49 -1.16 14.66 3.26
CA ASP A 49 -0.01 15.57 3.57
C ASP A 49 1.30 14.88 3.18
N GLU A 50 2.35 15.65 3.07
CA GLU A 50 3.67 15.06 2.70
C GLU A 50 4.01 13.89 3.62
N PRO A 51 3.78 14.04 4.94
CA PRO A 51 4.08 12.99 5.91
C PRO A 51 3.16 11.77 5.73
N THR A 52 1.90 11.99 5.47
CA THR A 52 0.98 10.85 5.28
C THR A 52 1.48 10.00 4.11
N VAL A 53 1.81 10.63 3.01
CA VAL A 53 2.30 9.86 1.84
C VAL A 53 3.68 9.27 2.13
N GLU A 54 4.43 9.91 3.00
CA GLU A 54 5.78 9.38 3.33
C GLU A 54 5.67 8.08 4.12
N ALA A 55 4.73 8.01 5.04
CA ALA A 55 4.58 6.76 5.85
C ALA A 55 3.87 5.70 5.01
N LEU A 56 2.95 6.10 4.17
CA LEU A 56 2.21 5.12 3.34
C LEU A 56 3.18 4.43 2.38
N ARG A 57 4.05 5.18 1.75
CA ARG A 57 5.02 4.57 0.80
C ARG A 57 6.01 3.71 1.57
N GLU A 58 6.65 4.26 2.57
CA GLU A 58 7.64 3.49 3.36
C GLU A 58 7.09 2.07 3.61
N ARG A 59 5.85 1.97 3.98
CA ARG A 59 5.25 0.62 4.24
C ARG A 59 5.10 -0.13 2.93
N ALA A 60 4.67 0.54 1.90
CA ALA A 60 4.48 -0.14 0.59
C ALA A 60 5.66 -1.08 0.32
N LYS A 61 6.81 -0.55 0.05
CA LYS A 61 7.99 -1.41 -0.21
C LYS A 61 8.25 -2.29 1.01
N ASN A 62 8.41 -1.67 2.16
CA ASN A 62 8.66 -2.48 3.40
C ASN A 62 7.77 -3.72 3.39
N ALA A 63 6.49 -3.55 3.21
CA ALA A 63 5.58 -4.72 3.16
C ALA A 63 5.95 -5.59 1.96
N LEU A 64 6.30 -4.97 0.87
CA LEU A 64 6.67 -5.75 -0.34
C LEU A 64 7.88 -6.63 -0.02
N ALA A 65 8.82 -6.11 0.73
CA ALA A 65 10.03 -6.91 1.08
C ALA A 65 9.58 -8.16 1.85
N THR A 66 8.58 -8.04 2.67
CA THR A 66 8.10 -9.22 3.45
C THR A 66 7.71 -10.34 2.48
N ILE A 67 6.95 -10.02 1.47
CA ILE A 67 6.55 -11.07 0.49
C ILE A 67 7.76 -11.95 0.16
N ALA A 68 8.85 -11.33 -0.21
CA ALA A 68 10.07 -12.13 -0.54
C ALA A 68 10.64 -12.73 0.74
N GLN A 69 10.35 -12.14 1.87
CA GLN A 69 10.87 -12.68 3.15
C GLN A 69 10.27 -14.06 3.41
N ALA A 70 9.05 -14.27 2.99
CA ALA A 70 8.41 -15.60 3.21
C ALA A 70 9.22 -16.67 2.47
N GLN A 71 9.69 -16.35 1.30
CA GLN A 71 10.48 -17.35 0.53
C GLN A 71 11.77 -17.69 1.30
N GLU A 72 12.36 -16.71 1.92
CA GLU A 72 13.61 -16.97 2.69
C GLU A 72 13.29 -17.85 3.89
N GLU A 73 12.13 -17.67 4.47
CA GLU A 73 11.75 -18.51 5.65
C GLU A 73 11.80 -19.98 5.27
N SER A 74 11.41 -20.31 4.07
CA SER A 74 11.43 -21.73 3.64
C SER A 74 12.87 -22.26 3.70
N LEU A 75 13.84 -21.41 3.50
CA LEU A 75 15.26 -21.86 3.54
C LEU A 75 15.57 -22.43 4.93
N GLY A 76 14.97 -21.88 5.95
CA GLY A 76 15.24 -22.40 7.32
C GLY A 76 15.59 -21.23 8.25
N GLU A 1 -14.82 -5.31 -4.33
CA GLU A 1 -13.49 -5.98 -4.21
C GLU A 1 -12.57 -5.15 -3.32
N ALA A 2 -13.00 -3.97 -2.94
CA ALA A 2 -12.15 -3.10 -2.09
C ALA A 2 -11.85 -3.82 -0.77
N HIS A 3 -12.79 -4.56 -0.26
CA HIS A 3 -12.55 -5.28 1.02
C HIS A 3 -11.34 -6.20 0.87
N ALA A 4 -11.13 -6.74 -0.30
CA ALA A 4 -9.97 -7.66 -0.51
C ALA A 4 -8.69 -6.83 -0.68
N ALA A 5 -8.73 -5.81 -1.49
CA ALA A 5 -7.51 -4.98 -1.70
C ALA A 5 -7.30 -4.08 -0.48
N ILE A 6 -8.34 -3.49 0.02
CA ILE A 6 -8.20 -2.60 1.21
C ILE A 6 -7.61 -3.39 2.37
N ASP A 7 -8.07 -4.58 2.59
CA ASP A 7 -7.54 -5.41 3.71
C ASP A 7 -6.03 -5.54 3.58
N THR A 8 -5.55 -5.87 2.41
CA THR A 8 -4.08 -6.02 2.23
C THR A 8 -3.40 -4.74 2.72
N PHE A 9 -3.81 -3.61 2.21
CA PHE A 9 -3.20 -2.33 2.66
C PHE A 9 -3.37 -2.20 4.17
N THR A 10 -4.50 -2.63 4.69
CA THR A 10 -4.73 -2.53 6.16
C THR A 10 -3.79 -3.50 6.86
N LYS A 11 -3.39 -4.55 6.18
CA LYS A 11 -2.47 -5.54 6.80
C LYS A 11 -1.03 -5.05 6.65
N TYR A 12 -0.74 -4.39 5.57
CA TYR A 12 0.65 -3.91 5.34
C TYR A 12 0.75 -2.41 5.62
N LEU A 13 0.04 -1.61 4.87
CA LEU A 13 0.11 -0.14 5.08
C LEU A 13 -0.39 0.23 6.48
N ASP A 14 -1.04 -0.68 7.16
CA ASP A 14 -1.54 -0.37 8.52
C ASP A 14 -2.46 0.85 8.45
N ILE A 15 -3.49 0.78 7.65
CA ILE A 15 -4.43 1.92 7.53
C ILE A 15 -5.85 1.46 7.86
N ASP A 16 -6.83 2.25 7.54
CA ASP A 16 -8.24 1.86 7.84
C ASP A 16 -8.94 1.52 6.53
N GLU A 17 -10.09 0.89 6.60
CA GLU A 17 -10.82 0.53 5.36
C GLU A 17 -11.17 1.79 4.57
N ASP A 18 -11.65 2.80 5.24
CA ASP A 18 -12.03 4.05 4.53
C ASP A 18 -10.78 4.67 3.86
N PHE A 19 -9.63 4.48 4.44
CA PHE A 19 -8.40 5.05 3.84
C PHE A 19 -7.91 4.15 2.71
N ALA A 20 -7.70 2.90 2.98
CA ALA A 20 -7.22 1.97 1.91
C ALA A 20 -8.08 2.16 0.66
N THR A 21 -9.38 2.09 0.80
CA THR A 21 -10.26 2.25 -0.39
C THR A 21 -9.76 3.42 -1.24
N VAL A 22 -9.37 4.50 -0.63
CA VAL A 22 -8.88 5.68 -1.41
C VAL A 22 -7.69 5.27 -2.28
N LEU A 23 -6.88 4.37 -1.81
CA LEU A 23 -5.71 3.94 -2.63
C LEU A 23 -6.21 2.94 -3.68
N VAL A 24 -6.99 1.99 -3.25
CA VAL A 24 -7.54 1.00 -4.22
C VAL A 24 -8.59 1.69 -5.10
N GLU A 25 -9.21 2.70 -4.57
CA GLU A 25 -10.24 3.45 -5.36
C GLU A 25 -9.52 4.23 -6.46
N GLU A 26 -8.43 4.85 -6.13
CA GLU A 26 -7.67 5.63 -7.15
C GLU A 26 -7.12 4.67 -8.21
N GLY A 27 -6.80 3.47 -7.82
CA GLY A 27 -6.26 2.49 -8.80
C GLY A 27 -4.99 1.84 -8.26
N PHE A 28 -4.90 1.67 -6.97
CA PHE A 28 -3.69 1.04 -6.37
C PHE A 28 -4.10 -0.22 -5.60
N SER A 29 -4.24 -1.32 -6.28
CA SER A 29 -4.64 -2.58 -5.59
C SER A 29 -3.40 -3.41 -5.25
N THR A 30 -2.25 -2.97 -5.64
CA THR A 30 -1.02 -3.76 -5.35
C THR A 30 -0.06 -2.91 -4.51
N LEU A 31 0.59 -3.50 -3.55
CA LEU A 31 1.55 -2.73 -2.70
C LEU A 31 2.62 -2.11 -3.60
N GLU A 32 2.92 -2.75 -4.70
CA GLU A 32 3.96 -2.20 -5.62
C GLU A 32 3.49 -0.86 -6.19
N GLU A 33 2.24 -0.77 -6.55
CA GLU A 33 1.73 0.52 -7.10
C GLU A 33 1.89 1.62 -6.05
N LEU A 34 1.57 1.33 -4.82
CA LEU A 34 1.70 2.35 -3.74
C LEU A 34 3.18 2.66 -3.49
N ALA A 35 3.99 1.65 -3.39
CA ALA A 35 5.45 1.88 -3.13
C ALA A 35 6.15 2.31 -4.42
N TYR A 36 5.74 1.79 -5.54
CA TYR A 36 6.41 2.17 -6.82
C TYR A 36 5.95 3.57 -7.22
N VAL A 37 4.72 3.91 -6.96
CA VAL A 37 4.23 5.27 -7.30
C VAL A 37 4.99 6.29 -6.45
N PRO A 38 5.32 7.46 -7.02
CA PRO A 38 6.05 8.50 -6.30
C PRO A 38 5.21 9.14 -5.21
N MET A 39 5.85 9.84 -4.32
CA MET A 39 5.12 10.50 -3.19
C MET A 39 4.06 11.45 -3.75
N LYS A 40 4.47 12.48 -4.42
CA LYS A 40 3.48 13.47 -4.97
C LYS A 40 2.33 12.74 -5.67
N GLU A 41 2.62 11.90 -6.62
CA GLU A 41 1.53 11.17 -7.32
C GLU A 41 0.60 10.55 -6.29
N LEU A 42 1.15 10.05 -5.22
CA LEU A 42 0.30 9.43 -4.17
C LEU A 42 -0.34 10.53 -3.33
N LEU A 43 0.41 11.55 -3.00
CA LEU A 43 -0.16 12.67 -2.18
C LEU A 43 -1.18 13.44 -3.02
N GLU A 44 -1.05 13.38 -4.32
CA GLU A 44 -2.01 14.10 -5.19
C GLU A 44 -3.30 13.29 -5.29
N ILE A 45 -3.21 12.01 -5.03
CA ILE A 45 -4.41 11.14 -5.10
C ILE A 45 -5.67 11.93 -4.69
N GLU A 46 -5.54 12.82 -3.75
CA GLU A 46 -6.73 13.61 -3.32
C GLU A 46 -6.31 14.68 -2.32
N GLY A 47 -6.33 14.37 -1.06
CA GLY A 47 -5.94 15.37 -0.03
C GLY A 47 -5.08 14.71 1.06
N LEU A 48 -4.17 13.87 0.67
CA LEU A 48 -3.30 13.19 1.67
C LEU A 48 -2.19 14.15 2.12
N ASP A 49 -1.68 13.97 3.30
CA ASP A 49 -0.61 14.88 3.80
C ASP A 49 0.76 14.38 3.31
N GLU A 50 1.74 15.24 3.33
CA GLU A 50 3.10 14.85 2.85
C GLU A 50 3.63 13.69 3.70
N PRO A 51 3.53 13.79 5.04
CA PRO A 51 4.02 12.74 5.95
C PRO A 51 3.19 11.47 5.84
N THR A 52 1.90 11.59 5.72
CA THR A 52 1.04 10.38 5.61
C THR A 52 1.43 9.60 4.36
N VAL A 53 1.62 10.29 3.27
CA VAL A 53 2.00 9.60 2.00
C VAL A 53 3.36 8.94 2.16
N GLU A 54 4.30 9.63 2.74
CA GLU A 54 5.66 9.06 2.93
C GLU A 54 5.56 7.80 3.80
N ALA A 55 4.77 7.83 4.83
CA ALA A 55 4.64 6.63 5.71
C ALA A 55 3.85 5.55 4.97
N LEU A 56 2.87 5.93 4.22
CA LEU A 56 2.05 4.92 3.48
C LEU A 56 2.93 4.22 2.44
N ARG A 57 3.73 4.96 1.72
CA ARG A 57 4.61 4.34 0.69
C ARG A 57 5.68 3.51 1.38
N GLU A 58 6.35 4.09 2.34
CA GLU A 58 7.42 3.34 3.07
C GLU A 58 6.91 1.94 3.39
N ARG A 59 5.71 1.82 3.89
CA ARG A 59 5.16 0.47 4.22
C ARG A 59 5.04 -0.35 2.95
N ALA A 60 4.57 0.25 1.88
CA ALA A 60 4.41 -0.51 0.61
C ALA A 60 5.72 -1.24 0.29
N LYS A 61 6.80 -0.52 0.13
CA LYS A 61 8.09 -1.18 -0.18
C LYS A 61 8.41 -2.20 0.92
N ASN A 62 8.39 -1.77 2.15
CA ASN A 62 8.68 -2.70 3.28
C ASN A 62 7.77 -3.93 3.18
N ALA A 63 6.51 -3.71 2.89
CA ALA A 63 5.57 -4.87 2.77
C ALA A 63 5.97 -5.70 1.55
N LEU A 64 6.29 -5.06 0.47
CA LEU A 64 6.69 -5.82 -0.75
C LEU A 64 7.94 -6.66 -0.45
N ALA A 65 8.86 -6.11 0.31
CA ALA A 65 10.09 -6.86 0.64
C ALA A 65 9.74 -8.04 1.55
N THR A 66 8.74 -7.88 2.38
CA THR A 66 8.34 -8.99 3.29
C THR A 66 7.84 -10.17 2.46
N ILE A 67 7.19 -9.91 1.35
CA ILE A 67 6.68 -11.01 0.50
C ILE A 67 7.75 -12.10 0.39
N ALA A 68 8.99 -11.70 0.24
CA ALA A 68 10.08 -12.71 0.11
C ALA A 68 10.20 -13.48 1.43
N GLN A 69 9.86 -12.85 2.53
CA GLN A 69 9.97 -13.54 3.84
C GLN A 69 8.85 -14.58 3.96
N ALA A 70 7.72 -14.32 3.35
CA ALA A 70 6.59 -15.29 3.41
C ALA A 70 7.00 -16.60 2.73
N GLN A 71 7.85 -16.51 1.72
CA GLN A 71 8.28 -17.75 1.02
C GLN A 71 8.93 -18.71 2.02
N GLU A 72 9.71 -18.18 2.93
CA GLU A 72 10.38 -19.06 3.93
C GLU A 72 9.31 -19.66 4.86
N GLU A 73 8.32 -18.90 5.21
CA GLU A 73 7.25 -19.42 6.11
C GLU A 73 6.47 -20.53 5.39
N SER A 74 6.30 -20.41 4.11
CA SER A 74 5.55 -21.46 3.35
C SER A 74 6.29 -22.79 3.47
N LEU A 75 7.59 -22.75 3.59
CA LEU A 75 8.35 -24.02 3.71
C LEU A 75 7.87 -24.81 4.93
N GLY A 76 7.55 -24.12 5.99
CA GLY A 76 7.07 -24.82 7.22
C GLY A 76 5.54 -24.76 7.28
N GLU A 1 -12.72 -9.56 -6.09
CA GLU A 1 -12.54 -9.62 -4.61
C GLU A 1 -11.83 -8.36 -4.13
N ALA A 2 -12.37 -7.21 -4.43
CA ALA A 2 -11.72 -5.94 -3.99
C ALA A 2 -11.70 -5.89 -2.47
N HIS A 3 -12.59 -6.58 -1.83
CA HIS A 3 -12.62 -6.57 -0.34
C HIS A 3 -11.27 -6.99 0.21
N ALA A 4 -10.63 -7.95 -0.42
CA ALA A 4 -9.30 -8.42 0.06
C ALA A 4 -8.29 -7.28 -0.07
N ALA A 5 -8.37 -6.50 -1.11
CA ALA A 5 -7.40 -5.38 -1.28
C ALA A 5 -7.58 -4.36 -0.15
N ILE A 6 -8.78 -4.20 0.33
CA ILE A 6 -9.02 -3.23 1.42
C ILE A 6 -8.33 -3.73 2.70
N ASP A 7 -8.56 -4.96 3.05
CA ASP A 7 -7.92 -5.52 4.28
C ASP A 7 -6.42 -5.66 4.04
N THR A 8 -6.03 -6.12 2.89
CA THR A 8 -4.57 -6.27 2.61
C THR A 8 -3.86 -4.98 2.99
N PHE A 9 -4.25 -3.89 2.39
CA PHE A 9 -3.62 -2.58 2.71
C PHE A 9 -3.67 -2.38 4.23
N THR A 10 -4.80 -2.60 4.83
CA THR A 10 -4.91 -2.42 6.30
C THR A 10 -3.94 -3.37 7.00
N LYS A 11 -3.69 -4.50 6.41
CA LYS A 11 -2.75 -5.48 7.03
C LYS A 11 -1.31 -5.01 6.81
N TYR A 12 -1.05 -4.39 5.70
CA TYR A 12 0.33 -3.92 5.42
C TYR A 12 0.47 -2.44 5.73
N LEU A 13 -0.16 -1.58 4.96
CA LEU A 13 -0.06 -0.11 5.21
C LEU A 13 -0.46 0.19 6.65
N ASP A 14 -1.09 -0.74 7.33
CA ASP A 14 -1.50 -0.48 8.74
C ASP A 14 -2.46 0.71 8.76
N ILE A 15 -3.53 0.63 8.01
CA ILE A 15 -4.51 1.75 7.99
C ILE A 15 -5.92 1.19 8.15
N ASP A 16 -6.92 1.98 7.90
CA ASP A 16 -8.32 1.49 8.03
C ASP A 16 -8.87 1.16 6.64
N GLU A 17 -9.94 0.43 6.58
CA GLU A 17 -10.53 0.07 5.26
C GLU A 17 -10.88 1.36 4.49
N ASP A 18 -11.52 2.28 5.14
CA ASP A 18 -11.90 3.55 4.45
C ASP A 18 -10.66 4.19 3.84
N PHE A 19 -9.52 4.02 4.46
CA PHE A 19 -8.27 4.62 3.92
C PHE A 19 -7.73 3.74 2.80
N ALA A 20 -7.52 2.48 3.07
CA ALA A 20 -6.99 1.57 2.01
C ALA A 20 -7.92 1.57 0.80
N THR A 21 -9.21 1.50 1.02
CA THR A 21 -10.16 1.49 -0.13
C THR A 21 -9.90 2.68 -1.05
N VAL A 22 -9.67 3.85 -0.49
CA VAL A 22 -9.41 5.04 -1.36
C VAL A 22 -8.22 4.76 -2.28
N LEU A 23 -7.29 3.95 -1.84
CA LEU A 23 -6.12 3.63 -2.71
C LEU A 23 -6.53 2.57 -3.72
N VAL A 24 -7.26 1.57 -3.28
CA VAL A 24 -7.71 0.51 -4.22
C VAL A 24 -8.86 1.06 -5.05
N GLU A 25 -9.61 1.96 -4.48
CA GLU A 25 -10.76 2.56 -5.20
C GLU A 25 -10.25 3.41 -6.37
N GLU A 26 -9.19 4.14 -6.15
CA GLU A 26 -8.64 5.00 -7.25
C GLU A 26 -7.92 4.12 -8.27
N GLY A 27 -7.35 3.02 -7.86
CA GLY A 27 -6.64 2.14 -8.82
C GLY A 27 -5.35 1.60 -8.20
N PHE A 28 -5.25 1.59 -6.90
CA PHE A 28 -4.02 1.07 -6.26
C PHE A 28 -4.37 -0.19 -5.45
N SER A 29 -4.45 -1.32 -6.11
CA SER A 29 -4.79 -2.57 -5.38
C SER A 29 -3.52 -3.36 -5.05
N THR A 30 -2.40 -2.92 -5.52
CA THR A 30 -1.13 -3.65 -5.22
C THR A 30 -0.16 -2.73 -4.47
N LEU A 31 0.50 -3.26 -3.47
CA LEU A 31 1.46 -2.42 -2.70
C LEU A 31 2.52 -1.87 -3.65
N GLU A 32 2.75 -2.53 -4.75
CA GLU A 32 3.77 -2.04 -5.72
C GLU A 32 3.35 -0.66 -6.24
N GLU A 33 2.10 -0.51 -6.59
CA GLU A 33 1.63 0.81 -7.10
C GLU A 33 1.85 1.87 -6.01
N LEU A 34 1.47 1.55 -4.80
CA LEU A 34 1.63 2.52 -3.69
C LEU A 34 3.11 2.78 -3.44
N ALA A 35 3.91 1.74 -3.42
CA ALA A 35 5.37 1.92 -3.17
C ALA A 35 6.09 2.39 -4.43
N TYR A 36 5.73 1.85 -5.56
CA TYR A 36 6.41 2.26 -6.83
C TYR A 36 5.96 3.67 -7.19
N VAL A 37 4.72 4.01 -6.96
CA VAL A 37 4.24 5.37 -7.28
C VAL A 37 5.03 6.38 -6.44
N PRO A 38 5.46 7.50 -7.05
CA PRO A 38 6.24 8.52 -6.36
C PRO A 38 5.41 9.27 -5.31
N MET A 39 6.07 9.98 -4.46
CA MET A 39 5.36 10.74 -3.38
C MET A 39 4.40 11.75 -4.00
N LYS A 40 4.91 12.76 -4.64
CA LYS A 40 4.03 13.80 -5.26
C LYS A 40 2.81 13.15 -5.92
N GLU A 41 3.01 12.18 -6.77
CA GLU A 41 1.84 11.54 -7.44
C GLU A 41 0.81 11.16 -6.37
N LEU A 42 1.27 10.78 -5.22
CA LEU A 42 0.32 10.40 -4.14
C LEU A 42 -0.13 11.66 -3.39
N LEU A 43 0.81 12.44 -2.93
CA LEU A 43 0.45 13.69 -2.19
C LEU A 43 -0.46 14.55 -3.06
N GLU A 44 -0.27 14.51 -4.35
CA GLU A 44 -1.12 15.32 -5.25
C GLU A 44 -2.37 14.53 -5.64
N ILE A 45 -2.28 13.22 -5.62
CA ILE A 45 -3.46 12.39 -6.00
C ILE A 45 -4.73 12.94 -5.36
N GLU A 46 -4.61 13.62 -4.26
CA GLU A 46 -5.83 14.19 -3.60
C GLU A 46 -5.42 15.23 -2.55
N GLY A 47 -5.69 14.98 -1.30
CA GLY A 47 -5.30 15.96 -0.25
C GLY A 47 -4.52 15.25 0.86
N LEU A 48 -3.68 14.34 0.50
CA LEU A 48 -2.88 13.61 1.53
C LEU A 48 -1.70 14.47 1.96
N ASP A 49 -1.26 14.34 3.19
CA ASP A 49 -0.12 15.17 3.68
C ASP A 49 1.20 14.52 3.26
N GLU A 50 2.27 15.28 3.26
CA GLU A 50 3.59 14.72 2.88
C GLU A 50 3.94 13.52 3.75
N PRO A 51 3.74 13.62 5.08
CA PRO A 51 4.04 12.52 6.01
C PRO A 51 3.09 11.33 5.82
N THR A 52 1.81 11.58 5.81
CA THR A 52 0.86 10.44 5.63
C THR A 52 1.22 9.68 4.36
N VAL A 53 1.47 10.39 3.29
CA VAL A 53 1.83 9.72 2.01
C VAL A 53 3.25 9.18 2.11
N GLU A 54 4.11 9.89 2.78
CA GLU A 54 5.52 9.43 2.91
C GLU A 54 5.55 8.11 3.70
N ALA A 55 4.79 8.03 4.77
CA ALA A 55 4.77 6.79 5.58
C ALA A 55 4.00 5.70 4.82
N LEU A 56 3.02 6.09 4.05
CA LEU A 56 2.22 5.10 3.29
C LEU A 56 3.14 4.37 2.29
N ARG A 57 4.02 5.09 1.65
CA ARG A 57 4.94 4.43 0.68
C ARG A 57 5.92 3.55 1.44
N GLU A 58 6.57 4.09 2.44
CA GLU A 58 7.54 3.29 3.23
C GLU A 58 6.94 1.91 3.51
N ARG A 59 5.71 1.88 3.95
CA ARG A 59 5.06 0.57 4.24
C ARG A 59 4.90 -0.22 2.94
N ALA A 60 4.49 0.42 1.89
CA ALA A 60 4.31 -0.30 0.60
C ALA A 60 5.56 -1.14 0.31
N LYS A 61 6.67 -0.51 0.09
CA LYS A 61 7.92 -1.29 -0.19
C LYS A 61 8.17 -2.24 0.98
N ASN A 62 8.25 -1.72 2.17
CA ASN A 62 8.48 -2.59 3.35
C ASN A 62 7.58 -3.83 3.24
N ALA A 63 6.31 -3.61 2.99
CA ALA A 63 5.38 -4.76 2.85
C ALA A 63 5.76 -5.56 1.60
N LEU A 64 6.18 -4.87 0.57
CA LEU A 64 6.58 -5.58 -0.67
C LEU A 64 7.84 -6.41 -0.39
N ALA A 65 8.72 -5.90 0.42
CA ALA A 65 9.97 -6.66 0.74
C ALA A 65 9.58 -7.98 1.42
N THR A 66 8.67 -7.93 2.34
CA THR A 66 8.26 -9.18 3.05
C THR A 66 7.75 -10.20 2.02
N ILE A 67 6.92 -9.75 1.10
CA ILE A 67 6.39 -10.69 0.07
C ILE A 67 7.55 -11.52 -0.48
N ALA A 68 8.68 -10.91 -0.68
CA ALA A 68 9.85 -11.66 -1.20
C ALA A 68 10.25 -12.74 -0.19
N GLN A 69 10.00 -12.49 1.07
CA GLN A 69 10.35 -13.50 2.11
C GLN A 69 9.48 -14.73 1.93
N ALA A 70 8.22 -14.55 1.60
CA ALA A 70 7.33 -15.72 1.40
C ALA A 70 7.57 -16.31 0.02
N GLN A 71 8.24 -15.59 -0.84
CA GLN A 71 8.51 -16.11 -2.21
C GLN A 71 9.11 -17.51 -2.11
N GLU A 72 10.01 -17.71 -1.18
CA GLU A 72 10.63 -19.06 -1.04
C GLU A 72 9.54 -20.08 -0.67
N GLU A 73 8.58 -19.68 0.11
CA GLU A 73 7.50 -20.62 0.51
C GLU A 73 6.67 -20.99 -0.72
N SER A 74 6.52 -20.08 -1.64
CA SER A 74 5.72 -20.38 -2.86
C SER A 74 6.42 -21.49 -3.65
N LEU A 75 7.70 -21.59 -3.55
CA LEU A 75 8.45 -22.65 -4.29
C LEU A 75 7.90 -24.02 -3.88
N GLY A 76 7.56 -24.19 -2.64
CA GLY A 76 7.02 -25.50 -2.18
C GLY A 76 6.60 -25.39 -0.71
N GLU A 1 -13.59 -9.30 -3.83
CA GLU A 1 -12.43 -9.05 -4.73
C GLU A 1 -11.78 -7.72 -4.36
N ALA A 2 -12.35 -6.62 -4.78
CA ALA A 2 -11.75 -5.30 -4.45
C ALA A 2 -11.68 -5.14 -2.93
N HIS A 3 -12.61 -5.71 -2.22
CA HIS A 3 -12.60 -5.59 -0.74
C HIS A 3 -11.27 -6.14 -0.19
N ALA A 4 -10.80 -7.22 -0.75
CA ALA A 4 -9.52 -7.81 -0.27
C ALA A 4 -8.36 -6.85 -0.56
N ALA A 5 -8.47 -6.08 -1.61
CA ALA A 5 -7.37 -5.13 -1.94
C ALA A 5 -7.24 -4.10 -0.83
N ILE A 6 -8.31 -3.82 -0.13
CA ILE A 6 -8.24 -2.84 0.98
C ILE A 6 -7.67 -3.53 2.22
N ASP A 7 -7.94 -4.79 2.38
CA ASP A 7 -7.42 -5.53 3.55
C ASP A 7 -5.90 -5.65 3.43
N THR A 8 -5.41 -5.86 2.24
CA THR A 8 -3.93 -5.97 2.07
C THR A 8 -3.28 -4.71 2.63
N PHE A 9 -3.67 -3.57 2.12
CA PHE A 9 -3.08 -2.30 2.63
C PHE A 9 -3.29 -2.24 4.15
N THR A 10 -4.43 -2.68 4.62
CA THR A 10 -4.70 -2.66 6.08
C THR A 10 -3.81 -3.69 6.77
N LYS A 11 -3.52 -4.77 6.10
CA LYS A 11 -2.65 -5.82 6.71
C LYS A 11 -1.19 -5.36 6.66
N TYR A 12 -0.82 -4.66 5.63
CA TYR A 12 0.59 -4.21 5.50
C TYR A 12 0.72 -2.75 5.92
N LEU A 13 -0.01 -1.86 5.29
CA LEU A 13 0.09 -0.42 5.65
C LEU A 13 -0.44 -0.17 7.06
N ASP A 14 -1.12 -1.14 7.62
CA ASP A 14 -1.67 -0.94 8.99
C ASP A 14 -2.62 0.26 8.99
N ILE A 15 -3.60 0.24 8.13
CA ILE A 15 -4.56 1.37 8.07
C ILE A 15 -5.98 0.83 8.20
N ASP A 16 -6.96 1.67 7.95
CA ASP A 16 -8.36 1.20 8.06
C ASP A 16 -8.93 0.99 6.65
N GLU A 17 -10.03 0.30 6.53
CA GLU A 17 -10.63 0.07 5.19
C GLU A 17 -10.97 1.41 4.54
N ASP A 18 -11.60 2.27 5.29
CA ASP A 18 -11.99 3.59 4.72
C ASP A 18 -10.76 4.27 4.09
N PHE A 19 -9.61 4.11 4.68
CA PHE A 19 -8.39 4.73 4.11
C PHE A 19 -7.84 3.87 2.98
N ALA A 20 -7.66 2.60 3.22
CA ALA A 20 -7.14 1.70 2.16
C ALA A 20 -7.99 1.86 0.90
N THR A 21 -9.28 1.86 1.05
CA THR A 21 -10.18 1.99 -0.15
C THR A 21 -9.71 3.18 -0.98
N VAL A 22 -9.39 4.28 -0.37
CA VAL A 22 -8.94 5.48 -1.14
C VAL A 22 -7.72 5.12 -2.00
N LEU A 23 -6.89 4.21 -1.54
CA LEU A 23 -5.70 3.83 -2.34
C LEU A 23 -6.14 2.86 -3.44
N VAL A 24 -6.97 1.92 -3.10
CA VAL A 24 -7.44 0.94 -4.13
C VAL A 24 -8.53 1.60 -4.97
N GLU A 25 -9.20 2.58 -4.40
CA GLU A 25 -10.28 3.28 -5.15
C GLU A 25 -9.66 4.11 -6.28
N GLU A 26 -8.59 4.79 -5.99
CA GLU A 26 -7.93 5.63 -7.03
C GLU A 26 -7.35 4.72 -8.13
N GLY A 27 -6.98 3.51 -7.78
CA GLY A 27 -6.42 2.59 -8.80
C GLY A 27 -5.13 1.95 -8.28
N PHE A 28 -4.97 1.89 -6.99
CA PHE A 28 -3.73 1.27 -6.42
C PHE A 28 -4.13 0.08 -5.53
N SER A 29 -4.35 -1.06 -6.12
CA SER A 29 -4.75 -2.24 -5.30
C SER A 29 -3.55 -3.15 -5.05
N THR A 30 -2.39 -2.79 -5.55
CA THR A 30 -1.20 -3.65 -5.33
C THR A 30 -0.13 -2.86 -4.59
N LEU A 31 0.56 -3.49 -3.68
CA LEU A 31 1.62 -2.77 -2.93
C LEU A 31 2.67 -2.27 -3.94
N GLU A 32 2.84 -2.98 -5.02
CA GLU A 32 3.83 -2.54 -6.04
C GLU A 32 3.56 -1.09 -6.40
N GLU A 33 2.41 -0.81 -6.96
CA GLU A 33 2.09 0.59 -7.32
C GLU A 33 2.15 1.44 -6.06
N LEU A 34 1.58 0.97 -4.99
CA LEU A 34 1.60 1.74 -3.71
C LEU A 34 3.05 2.02 -3.31
N ALA A 35 3.96 1.18 -3.71
CA ALA A 35 5.40 1.42 -3.35
C ALA A 35 6.15 2.00 -4.54
N TYR A 36 5.69 1.71 -5.73
CA TYR A 36 6.37 2.25 -6.94
C TYR A 36 5.73 3.58 -7.33
N VAL A 37 4.56 3.86 -6.83
CA VAL A 37 3.89 5.15 -7.16
C VAL A 37 4.71 6.28 -6.53
N PRO A 38 4.94 7.36 -7.29
CA PRO A 38 5.73 8.50 -6.80
C PRO A 38 5.01 9.28 -5.69
N MET A 39 5.75 10.07 -4.98
CA MET A 39 5.17 10.86 -3.86
C MET A 39 4.00 11.72 -4.37
N LYS A 40 4.27 12.62 -5.26
CA LYS A 40 3.19 13.52 -5.78
C LYS A 40 1.98 12.69 -6.25
N GLU A 41 2.19 11.73 -7.11
CA GLU A 41 1.04 10.92 -7.60
C GLU A 41 0.20 10.49 -6.39
N LEU A 42 0.85 10.15 -5.32
CA LEU A 42 0.11 9.71 -4.10
C LEU A 42 -0.32 10.95 -3.30
N LEU A 43 0.59 11.86 -3.07
CA LEU A 43 0.25 13.09 -2.29
C LEU A 43 -0.77 13.93 -3.05
N GLU A 44 -0.75 13.86 -4.35
CA GLU A 44 -1.71 14.66 -5.16
C GLU A 44 -3.04 13.91 -5.28
N ILE A 45 -3.03 12.63 -5.00
CA ILE A 45 -4.29 11.84 -5.10
C ILE A 45 -5.50 12.71 -4.75
N GLU A 46 -5.35 13.58 -3.78
CA GLU A 46 -6.50 14.44 -3.40
C GLU A 46 -6.04 15.50 -2.41
N GLY A 47 -5.92 15.15 -1.16
CA GLY A 47 -5.48 16.13 -0.13
C GLY A 47 -4.66 15.42 0.94
N LEU A 48 -3.84 14.49 0.55
CA LEU A 48 -3.01 13.77 1.55
C LEU A 48 -1.81 14.64 1.96
N ASP A 49 -1.29 14.45 3.14
CA ASP A 49 -0.14 15.28 3.58
C ASP A 49 1.18 14.63 3.15
N GLU A 50 2.23 15.40 3.12
CA GLU A 50 3.55 14.85 2.69
C GLU A 50 3.96 13.67 3.58
N PRO A 51 3.83 13.82 4.91
CA PRO A 51 4.19 12.76 5.86
C PRO A 51 3.25 11.55 5.76
N THR A 52 1.97 11.78 5.77
CA THR A 52 1.02 10.64 5.66
C THR A 52 1.36 9.81 4.43
N VAL A 53 1.58 10.46 3.32
CA VAL A 53 1.91 9.72 2.07
C VAL A 53 3.32 9.15 2.18
N GLU A 54 4.19 9.83 2.86
CA GLU A 54 5.58 9.33 3.02
C GLU A 54 5.58 8.04 3.85
N ALA A 55 4.81 8.02 4.91
CA ALA A 55 4.76 6.80 5.76
C ALA A 55 4.01 5.69 5.03
N LEU A 56 2.99 6.05 4.30
CA LEU A 56 2.22 5.02 3.54
C LEU A 56 3.12 4.34 2.53
N ARG A 57 3.90 5.11 1.80
CA ARG A 57 4.81 4.49 0.79
C ARG A 57 5.82 3.59 1.51
N GLU A 58 6.48 4.11 2.51
CA GLU A 58 7.48 3.28 3.24
C GLU A 58 6.89 1.89 3.49
N ARG A 59 5.66 1.84 3.93
CA ARG A 59 5.02 0.53 4.20
C ARG A 59 4.90 -0.25 2.89
N ALA A 60 4.55 0.42 1.82
CA ALA A 60 4.41 -0.28 0.52
C ALA A 60 5.68 -1.07 0.23
N LYS A 61 6.82 -0.43 0.25
CA LYS A 61 8.09 -1.15 -0.02
C LYS A 61 8.33 -2.19 1.07
N ASN A 62 8.42 -1.76 2.31
CA ASN A 62 8.66 -2.74 3.40
C ASN A 62 7.61 -3.86 3.33
N ALA A 63 6.38 -3.51 3.05
CA ALA A 63 5.33 -4.55 2.95
C ALA A 63 5.66 -5.49 1.78
N LEU A 64 5.97 -4.93 0.64
CA LEU A 64 6.30 -5.79 -0.53
C LEU A 64 7.53 -6.64 -0.21
N ALA A 65 8.53 -6.06 0.39
CA ALA A 65 9.76 -6.85 0.72
C ALA A 65 9.40 -7.89 1.78
N THR A 66 8.51 -7.57 2.67
CA THR A 66 8.11 -8.55 3.72
C THR A 66 7.62 -9.84 3.06
N ILE A 67 6.77 -9.72 2.07
CA ILE A 67 6.25 -10.93 1.38
C ILE A 67 7.39 -11.95 1.23
N ALA A 68 8.51 -11.52 0.72
CA ALA A 68 9.66 -12.45 0.55
C ALA A 68 10.23 -12.79 1.93
N GLN A 69 10.20 -11.86 2.84
CA GLN A 69 10.72 -12.14 4.20
C GLN A 69 9.68 -12.89 5.02
N ALA A 70 8.53 -13.15 4.45
CA ALA A 70 7.48 -13.88 5.20
C ALA A 70 8.00 -15.24 5.63
N GLN A 71 8.86 -15.83 4.86
CA GLN A 71 9.42 -17.16 5.24
C GLN A 71 10.14 -17.05 6.58
N GLU A 72 10.81 -15.94 6.81
CA GLU A 72 11.53 -15.78 8.11
C GLU A 72 10.52 -15.80 9.26
N GLU A 73 9.36 -15.25 9.06
CA GLU A 73 8.34 -15.25 10.14
C GLU A 73 7.96 -16.69 10.49
N SER A 74 7.91 -17.55 9.52
CA SER A 74 7.55 -18.97 9.80
C SER A 74 8.57 -19.58 10.76
N LEU A 75 9.81 -19.18 10.66
CA LEU A 75 10.85 -19.73 11.57
C LEU A 75 11.15 -18.72 12.68
N GLY A 76 11.15 -19.16 13.91
CA GLY A 76 11.43 -18.23 15.03
C GLY A 76 12.91 -18.32 15.41
N GLU A 1 -11.10 -9.91 -5.76
CA GLU A 1 -11.98 -9.25 -4.75
C GLU A 1 -11.38 -7.91 -4.34
N ALA A 2 -11.94 -6.83 -4.84
CA ALA A 2 -11.40 -5.49 -4.48
C ALA A 2 -11.49 -5.29 -2.97
N HIS A 3 -12.44 -5.91 -2.33
CA HIS A 3 -12.57 -5.75 -0.85
C HIS A 3 -11.30 -6.26 -0.16
N ALA A 4 -10.70 -7.29 -0.70
CA ALA A 4 -9.46 -7.84 -0.08
C ALA A 4 -8.31 -6.86 -0.29
N ALA A 5 -8.38 -6.05 -1.31
CA ALA A 5 -7.29 -5.07 -1.57
C ALA A 5 -7.31 -4.00 -0.48
N ILE A 6 -8.44 -3.78 0.12
CA ILE A 6 -8.53 -2.76 1.19
C ILE A 6 -7.95 -3.33 2.48
N ASP A 7 -8.23 -4.57 2.76
CA ASP A 7 -7.69 -5.20 4.00
C ASP A 7 -6.17 -5.37 3.87
N THR A 8 -5.71 -5.75 2.70
CA THR A 8 -4.24 -5.92 2.52
C THR A 8 -3.55 -4.63 2.94
N PHE A 9 -3.88 -3.55 2.31
CA PHE A 9 -3.25 -2.25 2.69
C PHE A 9 -3.40 -2.05 4.20
N THR A 10 -4.55 -2.35 4.73
CA THR A 10 -4.76 -2.21 6.19
C THR A 10 -3.82 -3.15 6.94
N LYS A 11 -3.53 -4.28 6.34
CA LYS A 11 -2.61 -5.24 7.02
C LYS A 11 -1.16 -4.79 6.83
N TYR A 12 -0.86 -4.19 5.71
CA TYR A 12 0.53 -3.74 5.46
C TYR A 12 0.64 -2.22 5.68
N LEU A 13 -0.03 -1.44 4.88
CA LEU A 13 0.05 0.04 5.03
C LEU A 13 -0.33 0.42 6.47
N ASP A 14 -0.92 -0.48 7.21
CA ASP A 14 -1.30 -0.14 8.61
C ASP A 14 -2.29 1.03 8.58
N ILE A 15 -3.29 0.95 7.75
CA ILE A 15 -4.28 2.05 7.67
C ILE A 15 -5.68 1.51 8.00
N ASP A 16 -6.67 2.36 7.98
CA ASP A 16 -8.04 1.90 8.28
C ASP A 16 -8.66 1.28 7.03
N GLU A 17 -9.71 0.52 7.20
CA GLU A 17 -10.36 -0.12 6.02
C GLU A 17 -10.98 0.94 5.11
N ASP A 18 -11.56 1.95 5.68
CA ASP A 18 -12.18 3.01 4.85
C ASP A 18 -11.10 3.83 4.14
N PHE A 19 -9.92 3.87 4.70
CA PHE A 19 -8.82 4.64 4.05
C PHE A 19 -8.25 3.80 2.90
N ALA A 20 -7.95 2.57 3.15
CA ALA A 20 -7.39 1.70 2.09
C ALA A 20 -8.22 1.86 0.81
N THR A 21 -9.52 1.87 0.94
CA THR A 21 -10.40 1.99 -0.26
C THR A 21 -9.94 3.15 -1.16
N VAL A 22 -9.58 4.27 -0.58
CA VAL A 22 -9.16 5.43 -1.43
C VAL A 22 -7.97 5.03 -2.31
N LEU A 23 -7.13 4.17 -1.84
CA LEU A 23 -5.95 3.74 -2.66
C LEU A 23 -6.42 2.71 -3.69
N VAL A 24 -7.22 1.77 -3.29
CA VAL A 24 -7.73 0.75 -4.25
C VAL A 24 -8.81 1.40 -5.12
N GLU A 25 -9.47 2.39 -4.58
CA GLU A 25 -10.54 3.09 -5.36
C GLU A 25 -9.88 3.88 -6.48
N GLU A 26 -8.79 4.53 -6.19
CA GLU A 26 -8.08 5.33 -7.23
C GLU A 26 -7.50 4.38 -8.28
N GLY A 27 -7.10 3.21 -7.89
CA GLY A 27 -6.53 2.25 -8.88
C GLY A 27 -5.25 1.62 -8.32
N PHE A 28 -5.14 1.52 -7.02
CA PHE A 28 -3.92 0.91 -6.42
C PHE A 28 -4.30 -0.34 -5.63
N SER A 29 -4.39 -1.46 -6.28
CA SER A 29 -4.76 -2.71 -5.57
C SER A 29 -3.50 -3.49 -5.20
N THR A 30 -2.36 -3.03 -5.64
CA THR A 30 -1.09 -3.75 -5.31
C THR A 30 -0.16 -2.80 -4.54
N LEU A 31 0.52 -3.31 -3.55
CA LEU A 31 1.45 -2.44 -2.77
C LEU A 31 2.51 -1.87 -3.72
N GLU A 32 2.77 -2.53 -4.80
CA GLU A 32 3.79 -2.03 -5.76
C GLU A 32 3.35 -0.66 -6.29
N GLU A 33 2.10 -0.53 -6.64
CA GLU A 33 1.62 0.79 -7.14
C GLU A 33 1.82 1.84 -6.06
N LEU A 34 1.51 1.52 -4.85
CA LEU A 34 1.68 2.50 -3.73
C LEU A 34 3.17 2.73 -3.47
N ALA A 35 3.94 1.68 -3.47
CA ALA A 35 5.40 1.83 -3.20
C ALA A 35 6.13 2.33 -4.46
N TYR A 36 5.72 1.89 -5.61
CA TYR A 36 6.39 2.34 -6.86
C TYR A 36 5.95 3.77 -7.20
N VAL A 37 4.72 4.09 -6.95
CA VAL A 37 4.24 5.47 -7.25
C VAL A 37 5.04 6.46 -6.40
N PRO A 38 5.46 7.58 -7.01
CA PRO A 38 6.24 8.61 -6.31
C PRO A 38 5.40 9.39 -5.29
N MET A 39 6.05 10.15 -4.46
CA MET A 39 5.31 10.94 -3.44
C MET A 39 4.25 11.83 -4.11
N LYS A 40 4.69 12.79 -4.87
CA LYS A 40 3.73 13.71 -5.55
C LYS A 40 2.54 12.93 -6.12
N GLU A 41 2.79 11.96 -6.95
CA GLU A 41 1.67 11.18 -7.53
C GLU A 41 0.70 10.77 -6.41
N LEU A 42 1.24 10.46 -5.27
CA LEU A 42 0.36 10.04 -4.13
C LEU A 42 -0.12 11.27 -3.37
N LEU A 43 0.77 12.12 -2.94
CA LEU A 43 0.35 13.33 -2.18
C LEU A 43 -0.70 14.12 -2.99
N GLU A 44 -0.66 14.01 -4.29
CA GLU A 44 -1.66 14.77 -5.11
C GLU A 44 -2.84 13.87 -5.46
N ILE A 45 -2.64 12.58 -5.48
CA ILE A 45 -3.76 11.66 -5.83
C ILE A 45 -5.04 12.07 -5.11
N GLU A 46 -4.93 12.75 -4.00
CA GLU A 46 -6.15 13.18 -3.27
C GLU A 46 -5.80 14.29 -2.27
N GLY A 47 -5.88 14.02 -0.99
CA GLY A 47 -5.56 15.08 0.01
C GLY A 47 -4.67 14.48 1.10
N LEU A 48 -3.73 13.65 0.73
CA LEU A 48 -2.84 13.04 1.74
C LEU A 48 -1.74 14.03 2.11
N ASP A 49 -1.32 14.03 3.34
CA ASP A 49 -0.24 14.98 3.77
C ASP A 49 1.12 14.41 3.38
N GLU A 50 2.14 15.23 3.39
CA GLU A 50 3.49 14.76 3.01
C GLU A 50 3.86 13.53 3.85
N PRO A 51 3.60 13.57 5.17
CA PRO A 51 3.92 12.46 6.07
C PRO A 51 3.04 11.24 5.82
N THR A 52 1.76 11.45 5.62
CA THR A 52 0.86 10.30 5.36
C THR A 52 1.36 9.53 4.14
N VAL A 53 1.69 10.23 3.09
CA VAL A 53 2.20 9.55 1.87
C VAL A 53 3.52 8.85 2.19
N GLU A 54 4.45 9.54 2.77
CA GLU A 54 5.76 8.91 3.10
C GLU A 54 5.52 7.65 3.95
N ALA A 55 4.67 7.73 4.93
CA ALA A 55 4.40 6.54 5.78
C ALA A 55 3.66 5.48 4.96
N LEU A 56 2.72 5.91 4.16
CA LEU A 56 1.96 4.94 3.33
C LEU A 56 2.90 4.30 2.30
N ARG A 57 3.71 5.08 1.65
CA ARG A 57 4.65 4.51 0.65
C ARG A 57 5.71 3.69 1.36
N GLU A 58 6.35 4.26 2.34
CA GLU A 58 7.41 3.50 3.09
C GLU A 58 6.90 2.09 3.39
N ARG A 59 5.69 1.98 3.89
CA ARG A 59 5.13 0.64 4.20
C ARG A 59 4.98 -0.17 2.91
N ALA A 60 4.53 0.47 1.86
CA ALA A 60 4.35 -0.25 0.57
C ALA A 60 5.57 -1.14 0.32
N LYS A 61 6.70 -0.55 0.04
CA LYS A 61 7.93 -1.36 -0.21
C LYS A 61 8.16 -2.28 0.99
N ASN A 62 8.19 -1.71 2.18
CA ASN A 62 8.40 -2.56 3.38
C ASN A 62 7.55 -3.81 3.27
N ALA A 63 6.29 -3.65 2.94
CA ALA A 63 5.41 -4.83 2.78
C ALA A 63 5.87 -5.64 1.58
N LEU A 64 6.30 -4.97 0.55
CA LEU A 64 6.79 -5.69 -0.66
C LEU A 64 7.97 -6.58 -0.25
N ALA A 65 8.80 -6.09 0.62
CA ALA A 65 9.97 -6.90 1.07
C ALA A 65 9.46 -8.15 1.80
N THR A 66 8.46 -7.99 2.62
CA THR A 66 7.90 -9.17 3.36
C THR A 66 7.44 -10.22 2.34
N ILE A 67 6.71 -9.81 1.34
CA ILE A 67 6.23 -10.79 0.32
C ILE A 67 7.40 -11.68 -0.08
N ALA A 68 8.57 -11.12 -0.20
CA ALA A 68 9.76 -11.94 -0.58
C ALA A 68 10.01 -12.99 0.50
N GLN A 69 9.61 -12.71 1.71
CA GLN A 69 9.82 -13.69 2.82
C GLN A 69 9.02 -14.96 2.51
N ALA A 70 7.87 -14.82 1.90
CA ALA A 70 7.05 -16.02 1.58
C ALA A 70 7.74 -16.82 0.47
N GLN A 71 8.65 -16.21 -0.23
CA GLN A 71 9.36 -16.93 -1.31
C GLN A 71 9.95 -18.23 -0.75
N GLU A 72 10.48 -18.17 0.44
CA GLU A 72 11.08 -19.39 1.04
C GLU A 72 9.97 -20.43 1.27
N GLU A 73 8.79 -19.99 1.62
CA GLU A 73 7.68 -20.95 1.86
C GLU A 73 7.29 -21.60 0.53
N SER A 74 7.40 -20.89 -0.55
CA SER A 74 7.04 -21.47 -1.88
C SER A 74 8.12 -22.47 -2.30
N LEU A 75 7.78 -23.38 -3.18
CA LEU A 75 8.79 -24.38 -3.62
C LEU A 75 9.25 -24.04 -5.05
N GLY A 76 10.52 -24.20 -5.32
CA GLY A 76 11.03 -23.89 -6.68
C GLY A 76 10.44 -22.55 -7.15
N GLU A 1 -15.12 -8.08 -3.96
CA GLU A 1 -13.78 -8.37 -4.54
C GLU A 1 -12.86 -7.17 -4.32
N ALA A 2 -13.21 -6.04 -4.88
CA ALA A 2 -12.36 -4.84 -4.71
C ALA A 2 -12.17 -4.55 -3.21
N HIS A 3 -13.06 -5.02 -2.40
CA HIS A 3 -12.94 -4.78 -0.93
C HIS A 3 -11.70 -5.48 -0.40
N ALA A 4 -11.49 -6.71 -0.78
CA ALA A 4 -10.29 -7.45 -0.29
C ALA A 4 -9.03 -6.62 -0.54
N ALA A 5 -8.95 -6.00 -1.70
CA ALA A 5 -7.74 -5.17 -2.00
C ALA A 5 -7.51 -4.17 -0.88
N ILE A 6 -8.55 -3.72 -0.24
CA ILE A 6 -8.38 -2.75 0.87
C ILE A 6 -7.81 -3.48 2.08
N ASP A 7 -8.24 -4.68 2.31
CA ASP A 7 -7.73 -5.47 3.48
C ASP A 7 -6.22 -5.64 3.34
N THR A 8 -5.75 -5.99 2.18
CA THR A 8 -4.28 -6.18 1.99
C THR A 8 -3.56 -4.95 2.56
N PHE A 9 -3.93 -3.79 2.10
CA PHE A 9 -3.29 -2.55 2.63
C PHE A 9 -3.44 -2.51 4.15
N THR A 10 -4.59 -2.86 4.65
CA THR A 10 -4.79 -2.84 6.13
C THR A 10 -3.84 -3.86 6.77
N LYS A 11 -3.50 -4.89 6.04
CA LYS A 11 -2.57 -5.92 6.59
C LYS A 11 -1.13 -5.44 6.45
N TYR A 12 -0.84 -4.76 5.37
CA TYR A 12 0.55 -4.28 5.16
C TYR A 12 0.68 -2.80 5.51
N LEU A 13 -0.09 -1.95 4.89
CA LEU A 13 0.00 -0.49 5.19
C LEU A 13 -0.40 -0.24 6.65
N ASP A 14 -1.00 -1.20 7.30
CA ASP A 14 -1.40 -1.00 8.71
C ASP A 14 -2.37 0.19 8.77
N ILE A 15 -3.37 0.18 7.93
CA ILE A 15 -4.35 1.30 7.91
C ILE A 15 -5.76 0.75 8.08
N ASP A 16 -6.75 1.58 7.90
CA ASP A 16 -8.16 1.12 8.04
C ASP A 16 -8.75 0.90 6.65
N GLU A 17 -9.88 0.26 6.56
CA GLU A 17 -10.49 0.02 5.23
C GLU A 17 -10.85 1.37 4.58
N ASP A 18 -11.47 2.24 5.32
CA ASP A 18 -11.85 3.56 4.74
C ASP A 18 -10.64 4.24 4.10
N PHE A 19 -9.48 4.09 4.69
CA PHE A 19 -8.27 4.73 4.10
C PHE A 19 -7.75 3.89 2.93
N ALA A 20 -7.58 2.62 3.14
CA ALA A 20 -7.08 1.74 2.05
C ALA A 20 -7.98 1.92 0.81
N THR A 21 -9.26 1.97 1.01
CA THR A 21 -10.19 2.13 -0.15
C THR A 21 -9.71 3.30 -1.01
N VAL A 22 -9.35 4.40 -0.42
CA VAL A 22 -8.89 5.57 -1.22
C VAL A 22 -7.70 5.16 -2.10
N LEU A 23 -6.93 4.20 -1.65
CA LEU A 23 -5.78 3.75 -2.48
C LEU A 23 -6.28 2.77 -3.53
N VAL A 24 -7.10 1.84 -3.14
CA VAL A 24 -7.65 0.87 -4.13
C VAL A 24 -8.72 1.58 -4.97
N GLU A 25 -9.33 2.58 -4.40
CA GLU A 25 -10.38 3.33 -5.14
C GLU A 25 -9.70 4.13 -6.26
N GLU A 26 -8.61 4.75 -5.97
CA GLU A 26 -7.88 5.56 -6.99
C GLU A 26 -7.34 4.62 -8.08
N GLY A 27 -7.01 3.41 -7.72
CA GLY A 27 -6.48 2.46 -8.73
C GLY A 27 -5.19 1.81 -8.20
N PHE A 28 -5.05 1.71 -6.91
CA PHE A 28 -3.82 1.09 -6.34
C PHE A 28 -4.22 -0.10 -5.46
N SER A 29 -4.43 -1.24 -6.05
CA SER A 29 -4.83 -2.43 -5.24
C SER A 29 -3.61 -3.32 -4.97
N THR A 30 -2.45 -2.92 -5.43
CA THR A 30 -1.25 -3.76 -5.19
C THR A 30 -0.18 -2.93 -4.47
N LEU A 31 0.54 -3.53 -3.56
CA LEU A 31 1.59 -2.77 -2.84
C LEU A 31 2.62 -2.25 -3.85
N GLU A 32 2.78 -2.95 -4.94
CA GLU A 32 3.76 -2.50 -5.97
C GLU A 32 3.46 -1.06 -6.35
N GLU A 33 2.26 -0.78 -6.77
CA GLU A 33 1.90 0.62 -7.14
C GLU A 33 2.02 1.49 -5.89
N LEU A 34 1.49 1.02 -4.80
CA LEU A 34 1.55 1.81 -3.53
C LEU A 34 3.02 2.11 -3.17
N ALA A 35 3.92 1.24 -3.57
CA ALA A 35 5.36 1.48 -3.24
C ALA A 35 6.08 2.04 -4.46
N TYR A 36 5.78 1.53 -5.62
CA TYR A 36 6.45 2.03 -6.86
C TYR A 36 5.88 3.40 -7.24
N VAL A 37 4.65 3.67 -6.87
CA VAL A 37 4.07 5.00 -7.20
C VAL A 37 4.83 6.08 -6.43
N PRO A 38 5.11 7.22 -7.08
CA PRO A 38 5.84 8.32 -6.47
C PRO A 38 5.03 9.04 -5.39
N MET A 39 5.70 9.78 -4.56
CA MET A 39 5.01 10.51 -3.47
C MET A 39 3.95 11.46 -4.05
N LYS A 40 4.36 12.45 -4.80
CA LYS A 40 3.38 13.40 -5.38
C LYS A 40 2.16 12.65 -5.93
N GLU A 41 2.38 11.67 -6.76
CA GLU A 41 1.23 10.91 -7.32
C GLU A 41 0.32 10.48 -6.18
N LEU A 42 0.90 10.12 -5.07
CA LEU A 42 0.07 9.68 -3.91
C LEU A 42 -0.47 10.92 -3.18
N LEU A 43 0.37 11.89 -2.94
CA LEU A 43 -0.09 13.12 -2.23
C LEU A 43 -1.12 13.86 -3.09
N GLU A 44 -1.03 13.73 -4.38
CA GLU A 44 -2.00 14.43 -5.27
C GLU A 44 -3.31 13.66 -5.29
N ILE A 45 -3.26 12.39 -4.99
CA ILE A 45 -4.51 11.56 -5.01
C ILE A 45 -5.71 12.41 -4.61
N GLU A 46 -5.54 13.33 -3.71
CA GLU A 46 -6.70 14.17 -3.30
C GLU A 46 -6.22 15.27 -2.34
N GLY A 47 -6.15 14.98 -1.07
CA GLY A 47 -5.70 16.01 -0.10
C GLY A 47 -4.83 15.35 0.97
N LEU A 48 -3.95 14.47 0.57
CA LEU A 48 -3.07 13.80 1.56
C LEU A 48 -1.91 14.73 1.93
N ASP A 49 -1.35 14.56 3.10
CA ASP A 49 -0.22 15.45 3.51
C ASP A 49 1.10 14.87 3.01
N GLU A 50 2.13 15.67 3.00
CA GLU A 50 3.46 15.18 2.52
C GLU A 50 3.95 14.03 3.40
N PRO A 51 3.82 14.15 4.74
CA PRO A 51 4.26 13.11 5.67
C PRO A 51 3.41 11.84 5.55
N THR A 52 2.12 11.98 5.42
CA THR A 52 1.25 10.78 5.30
C THR A 52 1.70 9.96 4.08
N VAL A 53 1.97 10.62 2.99
CA VAL A 53 2.41 9.89 1.77
C VAL A 53 3.71 9.14 2.07
N GLU A 54 4.72 9.84 2.51
CA GLU A 54 6.01 9.19 2.81
C GLU A 54 5.79 8.00 3.74
N ALA A 55 5.02 8.18 4.79
CA ALA A 55 4.76 7.06 5.73
C ALA A 55 3.97 5.96 5.02
N LEU A 56 3.06 6.34 4.16
CA LEU A 56 2.26 5.32 3.43
C LEU A 56 3.15 4.54 2.47
N ARG A 57 4.01 5.23 1.77
CA ARG A 57 4.92 4.53 0.81
C ARG A 57 5.91 3.67 1.59
N GLU A 58 6.55 4.23 2.58
CA GLU A 58 7.53 3.44 3.37
C GLU A 58 6.94 2.06 3.67
N ARG A 59 5.72 2.00 4.11
CA ARG A 59 5.09 0.69 4.41
C ARG A 59 4.99 -0.13 3.14
N ALA A 60 4.57 0.47 2.06
CA ALA A 60 4.46 -0.28 0.78
C ALA A 60 5.74 -1.09 0.55
N LYS A 61 6.83 -0.43 0.33
CA LYS A 61 8.11 -1.18 0.10
C LYS A 61 8.36 -2.12 1.27
N ASN A 62 8.37 -1.60 2.48
CA ASN A 62 8.59 -2.47 3.66
C ASN A 62 7.71 -3.71 3.53
N ALA A 63 6.46 -3.53 3.21
CA ALA A 63 5.56 -4.71 3.06
C ALA A 63 5.99 -5.50 1.82
N LEU A 64 6.43 -4.81 0.81
CA LEU A 64 6.88 -5.50 -0.43
C LEU A 64 8.08 -6.40 -0.11
N ALA A 65 8.97 -5.92 0.72
CA ALA A 65 10.16 -6.74 1.08
C ALA A 65 9.73 -7.93 1.93
N THR A 66 8.72 -7.76 2.74
CA THR A 66 8.25 -8.88 3.59
C THR A 66 7.85 -10.06 2.70
N ILE A 67 7.23 -9.80 1.58
CA ILE A 67 6.83 -10.91 0.68
C ILE A 67 7.98 -11.91 0.55
N ALA A 68 9.18 -11.42 0.38
CA ALA A 68 10.35 -12.34 0.27
C ALA A 68 10.55 -13.07 1.60
N GLN A 69 10.16 -12.46 2.68
CA GLN A 69 10.33 -13.11 4.01
C GLN A 69 9.38 -14.31 4.11
N ALA A 70 8.26 -14.24 3.46
CA ALA A 70 7.29 -15.37 3.50
C ALA A 70 7.94 -16.62 2.91
N GLN A 71 8.95 -16.44 2.09
CA GLN A 71 9.63 -17.61 1.48
C GLN A 71 10.06 -18.58 2.58
N GLU A 72 10.47 -18.06 3.70
CA GLU A 72 10.91 -18.95 4.82
C GLU A 72 9.72 -19.80 5.28
N GLU A 73 8.54 -19.26 5.27
CA GLU A 73 7.35 -20.03 5.71
C GLU A 73 7.11 -21.19 4.74
N SER A 74 7.45 -21.00 3.49
CA SER A 74 7.24 -22.10 2.50
C SER A 74 7.96 -23.36 2.96
N LEU A 75 9.07 -23.21 3.63
CA LEU A 75 9.82 -24.39 4.13
C LEU A 75 8.91 -25.25 5.01
N GLY A 76 8.04 -24.63 5.77
CA GLY A 76 7.13 -25.40 6.65
C GLY A 76 5.69 -25.27 6.13
N GLU A 1 -11.37 -9.58 -6.34
CA GLU A 1 -11.64 -9.50 -4.87
C GLU A 1 -11.13 -8.17 -4.34
N ALA A 2 -11.82 -7.10 -4.62
CA ALA A 2 -11.38 -5.77 -4.12
C ALA A 2 -11.38 -5.77 -2.58
N HIS A 3 -12.25 -6.53 -1.99
CA HIS A 3 -12.30 -6.58 -0.50
C HIS A 3 -10.91 -6.96 0.04
N ALA A 4 -10.23 -7.85 -0.63
CA ALA A 4 -8.88 -8.26 -0.16
C ALA A 4 -7.92 -7.07 -0.26
N ALA A 5 -8.08 -6.25 -1.26
CA ALA A 5 -7.19 -5.07 -1.41
C ALA A 5 -7.37 -4.13 -0.21
N ILE A 6 -8.56 -4.06 0.32
CA ILE A 6 -8.79 -3.17 1.49
C ILE A 6 -8.12 -3.77 2.73
N ASP A 7 -8.27 -5.05 2.92
CA ASP A 7 -7.63 -5.70 4.10
C ASP A 7 -6.12 -5.80 3.88
N THR A 8 -5.71 -6.08 2.67
CA THR A 8 -4.25 -6.17 2.40
C THR A 8 -3.58 -4.88 2.86
N PHE A 9 -4.00 -3.77 2.32
CA PHE A 9 -3.40 -2.48 2.74
C PHE A 9 -3.51 -2.35 4.26
N THR A 10 -4.62 -2.75 4.81
CA THR A 10 -4.78 -2.66 6.30
C THR A 10 -3.83 -3.65 6.95
N LYS A 11 -3.51 -4.72 6.28
CA LYS A 11 -2.58 -5.73 6.85
C LYS A 11 -1.14 -5.24 6.67
N TYR A 12 -0.86 -4.58 5.58
CA TYR A 12 0.51 -4.07 5.34
C TYR A 12 0.60 -2.59 5.68
N LEU A 13 0.00 -1.75 4.87
CA LEU A 13 0.05 -0.29 5.15
C LEU A 13 -0.39 -0.02 6.59
N ASP A 14 -1.03 -0.96 7.23
CA ASP A 14 -1.48 -0.73 8.63
C ASP A 14 -2.46 0.44 8.65
N ILE A 15 -3.43 0.41 7.79
CA ILE A 15 -4.42 1.52 7.74
C ILE A 15 -5.83 0.96 7.94
N ASP A 16 -6.84 1.75 7.69
CA ASP A 16 -8.23 1.26 7.86
C ASP A 16 -8.86 1.07 6.48
N GLU A 17 -9.98 0.41 6.42
CA GLU A 17 -10.64 0.20 5.10
C GLU A 17 -11.02 1.55 4.50
N ASP A 18 -11.61 2.41 5.30
CA ASP A 18 -12.01 3.74 4.79
C ASP A 18 -10.83 4.41 4.09
N PHE A 19 -9.65 4.29 4.65
CA PHE A 19 -8.46 4.92 4.03
C PHE A 19 -7.90 3.99 2.95
N ALA A 20 -7.64 2.76 3.29
CA ALA A 20 -7.11 1.81 2.28
C ALA A 20 -7.95 1.88 1.01
N THR A 21 -9.23 1.75 1.14
CA THR A 21 -10.10 1.81 -0.07
C THR A 21 -9.72 3.04 -0.90
N VAL A 22 -9.45 4.15 -0.27
CA VAL A 22 -9.08 5.36 -1.04
C VAL A 22 -7.90 5.05 -1.97
N LEU A 23 -7.01 4.19 -1.56
CA LEU A 23 -5.86 3.83 -2.43
C LEU A 23 -6.36 2.86 -3.50
N VAL A 24 -7.16 1.92 -3.10
CA VAL A 24 -7.70 0.94 -4.10
C VAL A 24 -8.77 1.64 -4.93
N GLU A 25 -9.39 2.63 -4.37
CA GLU A 25 -10.45 3.39 -5.09
C GLU A 25 -9.80 4.22 -6.19
N GLU A 26 -8.67 4.81 -5.89
CA GLU A 26 -7.97 5.64 -6.90
C GLU A 26 -7.41 4.74 -8.00
N GLY A 27 -6.98 3.56 -7.64
CA GLY A 27 -6.42 2.63 -8.66
C GLY A 27 -5.16 1.95 -8.10
N PHE A 28 -5.09 1.80 -6.80
CA PHE A 28 -3.90 1.13 -6.19
C PHE A 28 -4.33 -0.11 -5.43
N SER A 29 -4.49 -1.21 -6.12
CA SER A 29 -4.93 -2.45 -5.43
C SER A 29 -3.72 -3.33 -5.09
N THR A 30 -2.55 -2.91 -5.49
CA THR A 30 -1.34 -3.72 -5.19
C THR A 30 -0.34 -2.87 -4.38
N LEU A 31 0.31 -3.46 -3.42
CA LEU A 31 1.29 -2.68 -2.61
C LEU A 31 2.39 -2.15 -3.53
N GLU A 32 2.65 -2.82 -4.61
CA GLU A 32 3.71 -2.36 -5.55
C GLU A 32 3.27 -1.03 -6.18
N GLU A 33 2.03 -0.92 -6.55
CA GLU A 33 1.56 0.35 -7.17
C GLU A 33 1.75 1.48 -6.17
N LEU A 34 1.44 1.25 -4.91
CA LEU A 34 1.61 2.31 -3.89
C LEU A 34 3.09 2.63 -3.70
N ALA A 35 3.91 1.61 -3.58
CA ALA A 35 5.37 1.84 -3.37
C ALA A 35 6.03 2.18 -4.71
N TYR A 36 5.60 1.57 -5.77
CA TYR A 36 6.22 1.85 -7.09
C TYR A 36 5.94 3.30 -7.47
N VAL A 37 4.77 3.79 -7.18
CA VAL A 37 4.44 5.20 -7.51
C VAL A 37 5.24 6.12 -6.58
N PRO A 38 5.63 7.29 -7.07
CA PRO A 38 6.41 8.25 -6.27
C PRO A 38 5.56 8.94 -5.21
N MET A 39 6.20 9.59 -4.28
CA MET A 39 5.47 10.28 -3.18
C MET A 39 4.50 11.31 -3.77
N LYS A 40 5.02 12.34 -4.38
CA LYS A 40 4.13 13.39 -4.96
C LYS A 40 2.93 12.74 -5.65
N GLU A 41 3.16 11.83 -6.56
CA GLU A 41 2.03 11.18 -7.26
C GLU A 41 1.00 10.71 -6.24
N LEU A 42 1.46 10.26 -5.11
CA LEU A 42 0.52 9.79 -4.06
C LEU A 42 -0.05 11.00 -3.31
N LEU A 43 0.80 11.94 -2.94
CA LEU A 43 0.31 13.13 -2.21
C LEU A 43 -0.62 13.95 -3.11
N GLU A 44 -0.40 13.90 -4.40
CA GLU A 44 -1.26 14.68 -5.33
C GLU A 44 -2.60 13.96 -5.51
N ILE A 45 -2.61 12.67 -5.27
CA ILE A 45 -3.87 11.88 -5.43
C ILE A 45 -5.09 12.74 -5.08
N GLU A 46 -4.95 13.62 -4.12
CA GLU A 46 -6.12 14.47 -3.74
C GLU A 46 -5.69 15.48 -2.67
N GLY A 47 -5.96 15.20 -1.42
CA GLY A 47 -5.58 16.15 -0.34
C GLY A 47 -4.82 15.39 0.75
N LEU A 48 -3.97 14.48 0.37
CA LEU A 48 -3.19 13.72 1.39
C LEU A 48 -2.01 14.57 1.86
N ASP A 49 -1.55 14.35 3.05
CA ASP A 49 -0.40 15.15 3.57
C ASP A 49 0.93 14.53 3.14
N GLU A 50 1.97 15.31 3.16
CA GLU A 50 3.30 14.79 2.76
C GLU A 50 3.69 13.59 3.64
N PRO A 51 3.56 13.74 4.97
CA PRO A 51 3.91 12.67 5.92
C PRO A 51 2.96 11.46 5.80
N THR A 52 1.69 11.71 5.76
CA THR A 52 0.72 10.58 5.65
C THR A 52 1.04 9.77 4.39
N VAL A 53 1.23 10.44 3.29
CA VAL A 53 1.54 9.73 2.03
C VAL A 53 2.98 9.21 2.08
N GLU A 54 3.85 9.93 2.73
CA GLU A 54 5.27 9.48 2.83
C GLU A 54 5.33 8.20 3.67
N ALA A 55 4.58 8.13 4.73
CA ALA A 55 4.60 6.91 5.59
C ALA A 55 3.83 5.80 4.89
N LEU A 56 2.71 6.11 4.33
CA LEU A 56 1.90 5.07 3.62
C LEU A 56 2.72 4.50 2.46
N ARG A 57 3.35 5.36 1.70
CA ARG A 57 4.17 4.89 0.55
C ARG A 57 5.35 4.07 1.07
N GLU A 58 6.05 4.59 2.04
CA GLU A 58 7.23 3.86 2.60
C GLU A 58 6.79 2.45 3.01
N ARG A 59 5.63 2.32 3.60
CA ARG A 59 5.16 0.98 4.03
C ARG A 59 5.02 0.06 2.82
N ALA A 60 4.53 0.58 1.72
CA ALA A 60 4.37 -0.27 0.50
C ALA A 60 5.67 -1.05 0.24
N LYS A 61 6.75 -0.35 0.05
CA LYS A 61 8.04 -1.05 -0.23
C LYS A 61 8.36 -2.00 0.94
N ASN A 62 8.38 -1.49 2.13
CA ASN A 62 8.68 -2.36 3.30
C ASN A 62 7.73 -3.57 3.29
N ALA A 63 6.48 -3.36 3.01
CA ALA A 63 5.53 -4.49 2.96
C ALA A 63 5.92 -5.44 1.83
N LEU A 64 6.25 -4.89 0.69
CA LEU A 64 6.65 -5.75 -0.46
C LEU A 64 7.84 -6.62 -0.07
N ALA A 65 8.78 -6.06 0.65
CA ALA A 65 9.97 -6.87 1.05
C ALA A 65 9.49 -8.13 1.78
N THR A 66 8.31 -8.09 2.33
CA THR A 66 7.78 -9.29 3.05
C THR A 66 7.33 -10.33 2.02
N ILE A 67 6.86 -9.90 0.89
CA ILE A 67 6.41 -10.87 -0.15
C ILE A 67 7.40 -12.04 -0.22
N ALA A 68 8.66 -11.75 -0.27
CA ALA A 68 9.68 -12.84 -0.34
C ALA A 68 9.79 -13.52 1.03
N GLN A 69 9.46 -12.81 2.08
CA GLN A 69 9.56 -13.42 3.44
C GLN A 69 8.50 -14.53 3.57
N ALA A 70 7.34 -14.34 3.00
CA ALA A 70 6.30 -15.38 3.10
C ALA A 70 6.74 -16.62 2.33
N GLN A 71 7.31 -16.42 1.16
CA GLN A 71 7.76 -17.59 0.36
C GLN A 71 8.90 -18.30 1.09
N GLU A 72 9.82 -17.55 1.65
CA GLU A 72 10.96 -18.19 2.37
C GLU A 72 10.42 -18.98 3.57
N GLU A 73 9.33 -18.54 4.15
CA GLU A 73 8.76 -19.27 5.31
C GLU A 73 8.30 -20.65 4.88
N SER A 74 7.92 -20.80 3.64
CA SER A 74 7.46 -22.13 3.15
C SER A 74 8.37 -22.59 2.00
N LEU A 75 8.54 -23.88 1.86
CA LEU A 75 9.42 -24.38 0.76
C LEU A 75 8.91 -23.84 -0.58
N GLY A 76 7.62 -23.74 -0.74
CA GLY A 76 7.06 -23.23 -2.03
C GLY A 76 6.14 -22.04 -1.75
N GLU A 1 -9.31 -9.73 -5.72
CA GLU A 1 -10.47 -8.81 -5.89
C GLU A 1 -10.17 -7.50 -5.16
N ALA A 2 -10.88 -6.45 -5.49
CA ALA A 2 -10.64 -5.14 -4.83
C ALA A 2 -10.89 -5.29 -3.32
N HIS A 3 -11.82 -6.12 -2.94
CA HIS A 3 -12.10 -6.30 -1.49
C HIS A 3 -10.82 -6.72 -0.76
N ALA A 4 -10.02 -7.53 -1.38
CA ALA A 4 -8.76 -7.99 -0.72
C ALA A 4 -7.78 -6.82 -0.63
N ALA A 5 -7.78 -5.95 -1.60
CA ALA A 5 -6.84 -4.79 -1.56
C ALA A 5 -7.16 -3.91 -0.36
N ILE A 6 -8.40 -3.89 0.07
CA ILE A 6 -8.77 -3.05 1.24
C ILE A 6 -8.19 -3.69 2.50
N ASP A 7 -8.42 -4.96 2.69
CA ASP A 7 -7.89 -5.65 3.90
C ASP A 7 -6.37 -5.82 3.75
N THR A 8 -5.90 -6.10 2.57
CA THR A 8 -4.43 -6.26 2.38
C THR A 8 -3.73 -5.00 2.87
N PHE A 9 -4.17 -3.86 2.40
CA PHE A 9 -3.55 -2.59 2.85
C PHE A 9 -3.67 -2.48 4.38
N THR A 10 -4.78 -2.90 4.92
CA THR A 10 -4.94 -2.84 6.40
C THR A 10 -3.93 -3.79 7.04
N LYS A 11 -3.53 -4.81 6.33
CA LYS A 11 -2.54 -5.78 6.89
C LYS A 11 -1.12 -5.24 6.65
N TYR A 12 -0.91 -4.57 5.56
CA TYR A 12 0.44 -4.03 5.26
C TYR A 12 0.50 -2.54 5.60
N LEU A 13 -0.23 -1.73 4.88
CA LEU A 13 -0.21 -0.26 5.16
C LEU A 13 -0.64 -0.01 6.60
N ASP A 14 -1.24 -0.97 7.24
CA ASP A 14 -1.68 -0.76 8.65
C ASP A 14 -2.65 0.42 8.69
N ILE A 15 -3.66 0.39 7.87
CA ILE A 15 -4.65 1.51 7.83
C ILE A 15 -6.06 0.95 8.00
N ASP A 16 -7.05 1.75 7.79
CA ASP A 16 -8.45 1.27 7.94
C ASP A 16 -9.09 1.13 6.55
N GLU A 17 -10.26 0.57 6.50
CA GLU A 17 -10.94 0.39 5.19
C GLU A 17 -11.21 1.77 4.56
N ASP A 18 -11.71 2.69 5.34
CA ASP A 18 -12.01 4.04 4.80
C ASP A 18 -10.76 4.63 4.14
N PHE A 19 -9.61 4.41 4.72
CA PHE A 19 -8.36 4.96 4.12
C PHE A 19 -7.89 4.04 2.99
N ALA A 20 -7.71 2.78 3.29
CA ALA A 20 -7.26 1.83 2.24
C ALA A 20 -8.11 2.01 0.98
N THR A 21 -9.41 1.98 1.13
CA THR A 21 -10.29 2.14 -0.06
C THR A 21 -9.82 3.35 -0.88
N VAL A 22 -9.51 4.43 -0.24
CA VAL A 22 -9.04 5.63 -1.00
C VAL A 22 -7.87 5.24 -1.89
N LEU A 23 -7.05 4.33 -1.45
CA LEU A 23 -5.89 3.90 -2.29
C LEU A 23 -6.39 2.93 -3.36
N VAL A 24 -7.22 2.00 -2.97
CA VAL A 24 -7.76 1.04 -3.97
C VAL A 24 -8.79 1.76 -4.83
N GLU A 25 -9.40 2.77 -4.28
CA GLU A 25 -10.42 3.55 -5.04
C GLU A 25 -9.72 4.34 -6.13
N GLU A 26 -8.58 4.89 -5.83
CA GLU A 26 -7.82 5.67 -6.84
C GLU A 26 -7.27 4.72 -7.91
N GLY A 27 -6.87 3.54 -7.52
CA GLY A 27 -6.33 2.59 -8.53
C GLY A 27 -5.10 1.88 -7.96
N PHE A 28 -5.05 1.71 -6.67
CA PHE A 28 -3.89 1.01 -6.06
C PHE A 28 -4.37 -0.22 -5.30
N SER A 29 -4.53 -1.32 -5.99
CA SER A 29 -5.02 -2.55 -5.32
C SER A 29 -3.84 -3.43 -4.87
N THR A 30 -2.64 -3.02 -5.17
CA THR A 30 -1.46 -3.84 -4.76
C THR A 30 -0.40 -2.94 -4.14
N LEU A 31 0.38 -3.48 -3.23
CA LEU A 31 1.43 -2.66 -2.57
C LEU A 31 2.42 -2.15 -3.62
N GLU A 32 2.57 -2.86 -4.71
CA GLU A 32 3.51 -2.42 -5.76
C GLU A 32 3.05 -1.06 -6.30
N GLU A 33 1.80 -0.92 -6.60
CA GLU A 33 1.31 0.39 -7.12
C GLU A 33 1.55 1.47 -6.08
N LEU A 34 1.25 1.19 -4.84
CA LEU A 34 1.46 2.20 -3.76
C LEU A 34 2.96 2.42 -3.55
N ALA A 35 3.73 1.38 -3.55
CA ALA A 35 5.19 1.52 -3.33
C ALA A 35 5.88 1.98 -4.62
N TYR A 36 5.39 1.55 -5.75
CA TYR A 36 6.02 1.96 -7.04
C TYR A 36 5.63 3.40 -7.35
N VAL A 37 4.45 3.80 -6.99
CA VAL A 37 4.02 5.20 -7.25
C VAL A 37 4.79 6.12 -6.30
N PRO A 38 5.38 7.21 -6.83
CA PRO A 38 6.15 8.15 -6.01
C PRO A 38 5.26 8.93 -5.04
N MET A 39 5.88 9.61 -4.12
CA MET A 39 5.12 10.40 -3.11
C MET A 39 4.20 11.40 -3.84
N LYS A 40 4.78 12.36 -4.49
CA LYS A 40 3.97 13.38 -5.21
C LYS A 40 2.73 12.74 -5.84
N GLU A 41 2.91 11.84 -6.76
CA GLU A 41 1.73 11.20 -7.40
C GLU A 41 0.73 10.80 -6.32
N LEU A 42 1.23 10.42 -5.18
CA LEU A 42 0.31 10.01 -4.08
C LEU A 42 -0.24 11.25 -3.37
N LEU A 43 0.61 12.18 -3.03
CA LEU A 43 0.13 13.41 -2.34
C LEU A 43 -0.84 14.17 -3.25
N GLU A 44 -0.68 14.06 -4.54
CA GLU A 44 -1.58 14.79 -5.47
C GLU A 44 -2.89 14.02 -5.61
N ILE A 45 -2.86 12.74 -5.38
CA ILE A 45 -4.09 11.91 -5.50
C ILE A 45 -5.32 12.73 -5.07
N GLU A 46 -5.17 13.61 -4.12
CA GLU A 46 -6.34 14.42 -3.68
C GLU A 46 -5.89 15.44 -2.63
N GLY A 47 -5.92 15.08 -1.37
CA GLY A 47 -5.50 16.04 -0.31
C GLY A 47 -4.72 15.30 0.77
N LEU A 48 -3.89 14.37 0.39
CA LEU A 48 -3.09 13.63 1.40
C LEU A 48 -1.89 14.47 1.83
N ASP A 49 -1.39 14.27 3.02
CA ASP A 49 -0.23 15.07 3.49
C ASP A 49 1.09 14.43 3.02
N GLU A 50 2.13 15.20 2.97
CA GLU A 50 3.45 14.66 2.53
C GLU A 50 3.89 13.51 3.43
N PRO A 51 3.78 13.69 4.76
CA PRO A 51 4.19 12.66 5.73
C PRO A 51 3.25 11.44 5.71
N THR A 52 1.97 11.66 5.81
CA THR A 52 1.02 10.51 5.79
C THR A 52 1.27 9.68 4.53
N VAL A 53 1.39 10.32 3.40
CA VAL A 53 1.63 9.58 2.15
C VAL A 53 3.05 9.00 2.15
N GLU A 54 3.98 9.73 2.70
CA GLU A 54 5.38 9.23 2.76
C GLU A 54 5.42 7.90 3.51
N ALA A 55 4.75 7.83 4.63
CA ALA A 55 4.76 6.56 5.40
C ALA A 55 3.99 5.49 4.63
N LEU A 56 3.01 5.89 3.86
CA LEU A 56 2.23 4.89 3.08
C LEU A 56 3.17 4.16 2.10
N ARG A 57 4.06 4.89 1.46
CA ARG A 57 4.99 4.25 0.50
C ARG A 57 5.95 3.34 1.27
N GLU A 58 6.56 3.85 2.31
CA GLU A 58 7.49 3.01 3.11
C GLU A 58 6.86 1.64 3.35
N ARG A 59 5.61 1.62 3.71
CA ARG A 59 4.93 0.31 3.96
C ARG A 59 4.81 -0.44 2.64
N ALA A 60 4.41 0.23 1.60
CA ALA A 60 4.26 -0.45 0.27
C ALA A 60 5.59 -1.14 -0.08
N LYS A 61 6.69 -0.47 0.04
CA LYS A 61 7.99 -1.11 -0.31
C LYS A 61 8.45 -2.00 0.85
N ASN A 62 8.79 -1.41 1.96
CA ASN A 62 9.26 -2.22 3.12
C ASN A 62 8.33 -3.42 3.31
N ALA A 63 7.05 -3.18 3.44
CA ALA A 63 6.11 -4.32 3.64
C ALA A 63 6.17 -5.26 2.44
N LEU A 64 6.20 -4.73 1.24
CA LEU A 64 6.26 -5.61 0.05
C LEU A 64 7.61 -6.34 0.03
N ALA A 65 8.65 -5.70 0.47
CA ALA A 65 9.98 -6.37 0.48
C ALA A 65 9.89 -7.63 1.33
N THR A 66 9.14 -7.59 2.39
CA THR A 66 9.01 -8.80 3.25
C THR A 66 8.40 -9.95 2.44
N ILE A 67 7.43 -9.65 1.62
CA ILE A 67 6.81 -10.72 0.79
C ILE A 67 7.90 -11.58 0.16
N ALA A 68 8.93 -10.95 -0.35
CA ALA A 68 10.04 -11.72 -0.97
C ALA A 68 10.73 -12.57 0.09
N GLN A 69 10.63 -12.17 1.33
CA GLN A 69 11.28 -12.96 2.42
C GLN A 69 10.55 -14.30 2.58
N ALA A 70 9.27 -14.32 2.34
CA ALA A 70 8.50 -15.59 2.46
C ALA A 70 8.95 -16.56 1.36
N GLN A 71 9.32 -16.04 0.22
CA GLN A 71 9.76 -16.93 -0.88
C GLN A 71 11.00 -17.72 -0.43
N GLU A 72 11.87 -17.09 0.31
CA GLU A 72 13.10 -17.79 0.78
C GLU A 72 12.70 -18.93 1.70
N GLU A 73 11.65 -18.77 2.45
CA GLU A 73 11.21 -19.85 3.38
C GLU A 73 10.79 -21.07 2.57
N SER A 74 10.29 -20.87 1.38
CA SER A 74 9.87 -22.03 0.54
C SER A 74 11.05 -22.98 0.35
N LEU A 75 12.25 -22.46 0.28
CA LEU A 75 13.43 -23.33 0.10
C LEU A 75 13.52 -24.33 1.25
N GLY A 76 13.14 -23.92 2.43
CA GLY A 76 13.20 -24.83 3.61
C GLY A 76 12.19 -24.38 4.66
N GLU A 1 -10.95 -9.71 -6.36
CA GLU A 1 -11.62 -9.30 -5.09
C GLU A 1 -11.04 -7.97 -4.63
N ALA A 2 -11.66 -6.88 -5.03
CA ALA A 2 -11.15 -5.55 -4.61
C ALA A 2 -11.21 -5.43 -3.09
N HIS A 3 -12.14 -6.10 -2.46
CA HIS A 3 -12.25 -6.02 -0.98
C HIS A 3 -10.92 -6.45 -0.35
N ALA A 4 -10.27 -7.41 -0.94
CA ALA A 4 -8.96 -7.88 -0.36
C ALA A 4 -7.92 -6.77 -0.51
N ALA A 5 -8.02 -5.97 -1.53
CA ALA A 5 -7.03 -4.88 -1.72
C ALA A 5 -7.19 -3.85 -0.61
N ILE A 6 -8.38 -3.70 -0.08
CA ILE A 6 -8.59 -2.71 1.02
C ILE A 6 -8.01 -3.27 2.31
N ASP A 7 -8.23 -4.54 2.56
CA ASP A 7 -7.70 -5.15 3.81
C ASP A 7 -6.17 -5.25 3.70
N THR A 8 -5.68 -5.59 2.53
CA THR A 8 -4.20 -5.68 2.36
C THR A 8 -3.56 -4.39 2.84
N PHE A 9 -3.90 -3.30 2.22
CA PHE A 9 -3.33 -1.99 2.65
C PHE A 9 -3.56 -1.82 4.15
N THR A 10 -4.72 -2.19 4.62
CA THR A 10 -5.00 -2.07 6.08
C THR A 10 -4.15 -3.07 6.85
N LYS A 11 -3.70 -4.09 6.19
CA LYS A 11 -2.85 -5.11 6.89
C LYS A 11 -1.38 -4.71 6.76
N TYR A 12 -1.01 -4.09 5.67
CA TYR A 12 0.42 -3.70 5.49
C TYR A 12 0.59 -2.20 5.74
N LEU A 13 -0.13 -1.37 5.03
CA LEU A 13 0.00 0.10 5.23
C LEU A 13 -0.36 0.46 6.67
N ASP A 14 -0.96 -0.45 7.40
CA ASP A 14 -1.34 -0.14 8.80
C ASP A 14 -2.32 1.02 8.80
N ILE A 15 -3.30 0.97 7.94
CA ILE A 15 -4.30 2.07 7.85
C ILE A 15 -5.69 1.51 8.08
N ASP A 16 -6.71 2.30 7.87
CA ASP A 16 -8.10 1.81 8.06
C ASP A 16 -8.67 1.40 6.70
N GLU A 17 -9.73 0.65 6.71
CA GLU A 17 -10.35 0.22 5.42
C GLU A 17 -10.78 1.46 4.63
N ASP A 18 -11.31 2.44 5.30
CA ASP A 18 -11.76 3.67 4.60
C ASP A 18 -10.58 4.33 3.88
N PHE A 19 -9.40 4.23 4.43
CA PHE A 19 -8.22 4.86 3.78
C PHE A 19 -7.77 3.99 2.61
N ALA A 20 -7.48 2.74 2.87
CA ALA A 20 -7.03 1.84 1.76
C ALA A 20 -7.95 2.01 0.55
N THR A 21 -9.24 2.06 0.77
CA THR A 21 -10.18 2.21 -0.37
C THR A 21 -9.74 3.36 -1.27
N VAL A 22 -9.39 4.48 -0.70
CA VAL A 22 -8.95 5.64 -1.55
C VAL A 22 -7.76 5.21 -2.41
N LEU A 23 -6.95 4.30 -1.93
CA LEU A 23 -5.80 3.85 -2.74
C LEU A 23 -6.27 2.87 -3.80
N VAL A 24 -7.10 1.94 -3.41
CA VAL A 24 -7.63 0.95 -4.39
C VAL A 24 -8.65 1.65 -5.28
N GLU A 25 -9.31 2.64 -4.75
CA GLU A 25 -10.32 3.38 -5.56
C GLU A 25 -9.61 4.10 -6.71
N GLU A 26 -8.49 4.71 -6.43
CA GLU A 26 -7.74 5.43 -7.50
C GLU A 26 -7.23 4.43 -8.54
N GLY A 27 -6.87 3.25 -8.11
CA GLY A 27 -6.37 2.23 -9.07
C GLY A 27 -5.09 1.59 -8.53
N PHE A 28 -4.94 1.51 -7.24
CA PHE A 28 -3.72 0.90 -6.66
C PHE A 28 -4.13 -0.19 -5.67
N SER A 29 -4.44 -1.37 -6.15
CA SER A 29 -4.86 -2.46 -5.23
C SER A 29 -3.66 -3.30 -4.81
N THR A 30 -2.47 -2.89 -5.14
CA THR A 30 -1.28 -3.70 -4.73
C THR A 30 -0.25 -2.78 -4.08
N LEU A 31 0.50 -3.29 -3.15
CA LEU A 31 1.53 -2.45 -2.47
C LEU A 31 2.58 -2.02 -3.50
N GLU A 32 2.79 -2.81 -4.52
CA GLU A 32 3.80 -2.43 -5.55
C GLU A 32 3.43 -1.05 -6.10
N GLU A 33 2.24 -0.89 -6.62
CA GLU A 33 1.84 0.44 -7.15
C GLU A 33 1.88 1.45 -5.99
N LEU A 34 1.34 1.09 -4.87
CA LEU A 34 1.34 2.00 -3.69
C LEU A 34 2.78 2.35 -3.31
N ALA A 35 3.69 1.42 -3.48
CA ALA A 35 5.11 1.70 -3.11
C ALA A 35 5.87 2.21 -4.34
N TYR A 36 5.54 1.73 -5.49
CA TYR A 36 6.24 2.19 -6.73
C TYR A 36 5.74 3.59 -7.08
N VAL A 37 4.50 3.88 -6.78
CA VAL A 37 3.95 5.23 -7.08
C VAL A 37 4.71 6.26 -6.25
N PRO A 38 5.04 7.42 -6.84
CA PRO A 38 5.78 8.47 -6.15
C PRO A 38 4.93 9.18 -5.09
N MET A 39 5.58 9.88 -4.22
CA MET A 39 4.85 10.61 -3.13
C MET A 39 3.81 11.55 -3.74
N LYS A 40 4.24 12.53 -4.49
CA LYS A 40 3.27 13.49 -5.09
C LYS A 40 2.10 12.73 -5.73
N GLU A 41 2.39 11.80 -6.61
CA GLU A 41 1.29 11.04 -7.26
C GLU A 41 0.32 10.54 -6.19
N LEU A 42 0.85 10.09 -5.08
CA LEU A 42 -0.03 9.59 -3.99
C LEU A 42 -0.60 10.78 -3.21
N LEU A 43 0.24 11.72 -2.85
CA LEU A 43 -0.25 12.90 -2.08
C LEU A 43 -1.26 13.66 -2.94
N GLU A 44 -1.15 13.55 -4.24
CA GLU A 44 -2.10 14.27 -5.12
C GLU A 44 -3.37 13.44 -5.30
N ILE A 45 -3.26 12.15 -5.14
CA ILE A 45 -4.45 11.27 -5.31
C ILE A 45 -5.66 11.87 -4.59
N GLU A 46 -5.45 12.71 -3.62
CA GLU A 46 -6.62 13.31 -2.90
C GLU A 46 -6.13 14.45 -2.00
N GLY A 47 -6.17 14.28 -0.71
CA GLY A 47 -5.72 15.36 0.21
C GLY A 47 -4.85 14.76 1.32
N LEU A 48 -3.94 13.90 0.96
CA LEU A 48 -3.05 13.28 1.98
C LEU A 48 -1.90 14.24 2.29
N ASP A 49 -1.34 14.15 3.47
CA ASP A 49 -0.22 15.06 3.83
C ASP A 49 1.10 14.50 3.31
N GLU A 50 2.11 15.34 3.21
CA GLU A 50 3.43 14.87 2.71
C GLU A 50 3.95 13.70 3.56
N PRO A 51 3.85 13.82 4.90
CA PRO A 51 4.32 12.78 5.81
C PRO A 51 3.48 11.50 5.71
N THR A 52 2.19 11.64 5.55
CA THR A 52 1.32 10.44 5.43
C THR A 52 1.75 9.63 4.21
N VAL A 53 2.03 10.30 3.13
CA VAL A 53 2.46 9.58 1.90
C VAL A 53 3.79 8.88 2.15
N GLU A 54 4.75 9.57 2.69
CA GLU A 54 6.07 8.94 2.95
C GLU A 54 5.88 7.71 3.84
N ALA A 55 5.05 7.80 4.84
CA ALA A 55 4.83 6.63 5.74
C ALA A 55 4.02 5.57 5.01
N LEU A 56 3.06 5.97 4.23
CA LEU A 56 2.23 4.99 3.49
C LEU A 56 3.10 4.27 2.46
N ARG A 57 3.88 4.98 1.71
CA ARG A 57 4.75 4.34 0.69
C ARG A 57 5.81 3.49 1.41
N GLU A 58 6.49 4.07 2.37
CA GLU A 58 7.53 3.30 3.10
C GLU A 58 6.99 1.91 3.44
N ARG A 59 5.78 1.84 3.93
CA ARG A 59 5.19 0.52 4.28
C ARG A 59 4.99 -0.30 3.01
N ALA A 60 4.52 0.32 1.96
CA ALA A 60 4.30 -0.41 0.69
C ALA A 60 5.56 -1.18 0.30
N LYS A 61 6.66 -0.50 0.16
CA LYS A 61 7.92 -1.19 -0.20
C LYS A 61 8.28 -2.21 0.88
N ASN A 62 8.24 -1.79 2.12
CA ASN A 62 8.56 -2.73 3.23
C ASN A 62 7.63 -3.94 3.15
N ALA A 63 6.37 -3.71 2.87
CA ALA A 63 5.41 -4.84 2.77
C ALA A 63 5.77 -5.69 1.56
N LEU A 64 6.11 -5.07 0.46
CA LEU A 64 6.47 -5.83 -0.76
C LEU A 64 7.72 -6.67 -0.48
N ALA A 65 8.69 -6.09 0.18
CA ALA A 65 9.93 -6.83 0.49
C ALA A 65 9.59 -8.01 1.39
N THR A 66 8.70 -7.83 2.32
CA THR A 66 8.31 -8.94 3.23
C THR A 66 7.77 -10.10 2.41
N ILE A 67 6.85 -9.84 1.53
CA ILE A 67 6.29 -10.94 0.69
C ILE A 67 7.42 -11.82 0.18
N ALA A 68 8.49 -11.22 -0.28
CA ALA A 68 9.64 -12.01 -0.78
C ALA A 68 10.30 -12.75 0.39
N GLN A 69 10.13 -12.23 1.58
CA GLN A 69 10.75 -12.89 2.76
C GLN A 69 10.07 -14.24 3.01
N ALA A 70 8.79 -14.32 2.74
CA ALA A 70 8.07 -15.61 2.96
C ALA A 70 8.51 -16.62 1.90
N GLN A 71 8.80 -16.16 0.71
CA GLN A 71 9.23 -17.09 -0.36
C GLN A 71 10.57 -17.72 0.03
N GLU A 72 11.42 -16.97 0.67
CA GLU A 72 12.74 -17.53 1.09
C GLU A 72 12.51 -18.67 2.09
N GLU A 73 11.51 -18.56 2.91
CA GLU A 73 11.23 -19.64 3.90
C GLU A 73 10.95 -20.95 3.15
N SER A 74 10.25 -20.87 2.05
CA SER A 74 9.94 -22.10 1.27
C SER A 74 11.23 -22.78 0.83
N LEU A 75 12.24 -22.01 0.52
CA LEU A 75 13.52 -22.62 0.08
C LEU A 75 14.09 -23.49 1.21
N GLY A 76 13.88 -23.09 2.43
CA GLY A 76 14.40 -23.90 3.58
C GLY A 76 13.74 -25.28 3.57
N GLU A 1 -12.66 -9.05 -4.86
CA GLU A 1 -11.21 -8.75 -5.05
C GLU A 1 -10.88 -7.40 -4.40
N ALA A 2 -11.56 -6.37 -4.79
CA ALA A 2 -11.29 -5.02 -4.19
C ALA A 2 -11.36 -5.11 -2.66
N HIS A 3 -12.25 -5.94 -2.16
CA HIS A 3 -12.37 -6.07 -0.67
C HIS A 3 -11.04 -6.52 -0.09
N ALA A 4 -10.41 -7.50 -0.68
CA ALA A 4 -9.10 -7.98 -0.16
C ALA A 4 -8.02 -6.93 -0.43
N ALA A 5 -8.22 -6.11 -1.43
CA ALA A 5 -7.20 -5.07 -1.73
C ALA A 5 -7.20 -4.02 -0.63
N ILE A 6 -8.34 -3.78 -0.03
CA ILE A 6 -8.39 -2.77 1.07
C ILE A 6 -7.81 -3.40 2.33
N ASP A 7 -8.11 -4.65 2.57
CA ASP A 7 -7.57 -5.33 3.77
C ASP A 7 -6.05 -5.43 3.63
N THR A 8 -5.58 -5.76 2.46
CA THR A 8 -4.11 -5.86 2.26
C THR A 8 -3.47 -4.56 2.74
N PHE A 9 -3.84 -3.46 2.13
CA PHE A 9 -3.28 -2.15 2.57
C PHE A 9 -3.45 -2.03 4.08
N THR A 10 -4.62 -2.33 4.58
CA THR A 10 -4.87 -2.24 6.04
C THR A 10 -3.95 -3.21 6.77
N LYS A 11 -3.61 -4.30 6.14
CA LYS A 11 -2.72 -5.30 6.81
C LYS A 11 -1.26 -4.85 6.68
N TYR A 12 -0.91 -4.22 5.59
CA TYR A 12 0.50 -3.78 5.41
C TYR A 12 0.64 -2.28 5.69
N LEU A 13 -0.13 -1.45 5.04
CA LEU A 13 -0.02 0.01 5.27
C LEU A 13 -0.37 0.33 6.72
N ASP A 14 -0.96 -0.60 7.43
CA ASP A 14 -1.33 -0.32 8.85
C ASP A 14 -2.32 0.84 8.88
N ILE A 15 -3.32 0.78 8.05
CA ILE A 15 -4.32 1.89 8.01
C ILE A 15 -5.73 1.31 8.15
N ASP A 16 -6.72 2.16 8.18
CA ASP A 16 -8.12 1.65 8.31
C ASP A 16 -8.62 1.24 6.92
N GLU A 17 -9.68 0.49 6.86
CA GLU A 17 -10.21 0.07 5.54
C GLU A 17 -10.70 1.30 4.78
N ASP A 18 -11.37 2.19 5.45
CA ASP A 18 -11.88 3.41 4.76
C ASP A 18 -10.74 4.14 4.06
N PHE A 19 -9.56 4.11 4.61
CA PHE A 19 -8.41 4.80 3.97
C PHE A 19 -7.87 3.94 2.83
N ALA A 20 -7.70 2.66 3.09
CA ALA A 20 -7.17 1.75 2.04
C ALA A 20 -8.03 1.89 0.76
N THR A 21 -9.32 1.93 0.92
CA THR A 21 -10.20 2.05 -0.27
C THR A 21 -9.75 3.22 -1.15
N VAL A 22 -9.44 4.35 -0.56
CA VAL A 22 -9.00 5.51 -1.38
C VAL A 22 -7.79 5.12 -2.23
N LEU A 23 -6.99 4.19 -1.75
CA LEU A 23 -5.80 3.77 -2.54
C LEU A 23 -6.25 2.79 -3.62
N VAL A 24 -7.11 1.87 -3.27
CA VAL A 24 -7.59 0.89 -4.28
C VAL A 24 -8.68 1.54 -5.13
N GLU A 25 -9.31 2.55 -4.60
CA GLU A 25 -10.39 3.25 -5.35
C GLU A 25 -9.78 4.02 -6.53
N GLU A 26 -8.68 4.69 -6.30
CA GLU A 26 -8.03 5.46 -7.39
C GLU A 26 -7.47 4.49 -8.44
N GLY A 27 -7.15 3.29 -8.05
CA GLY A 27 -6.60 2.31 -9.04
C GLY A 27 -5.33 1.68 -8.49
N PHE A 28 -5.18 1.63 -7.19
CA PHE A 28 -3.96 1.02 -6.60
C PHE A 28 -4.37 -0.10 -5.64
N SER A 29 -4.65 -1.26 -6.15
CA SER A 29 -5.07 -2.38 -5.27
C SER A 29 -3.89 -3.30 -4.95
N THR A 30 -2.71 -2.95 -5.40
CA THR A 30 -1.53 -3.80 -5.12
C THR A 30 -0.47 -2.97 -4.40
N LEU A 31 0.24 -3.57 -3.47
CA LEU A 31 1.29 -2.81 -2.74
C LEU A 31 2.31 -2.27 -3.74
N GLU A 32 2.47 -2.93 -4.85
CA GLU A 32 3.45 -2.46 -5.86
C GLU A 32 3.14 -1.01 -6.23
N GLU A 33 1.95 -0.74 -6.71
CA GLU A 33 1.61 0.66 -7.08
C GLU A 33 1.77 1.55 -5.84
N LEU A 34 1.29 1.10 -4.73
CA LEU A 34 1.40 1.90 -3.48
C LEU A 34 2.89 2.05 -3.11
N ALA A 35 3.72 1.19 -3.61
CA ALA A 35 5.18 1.28 -3.28
C ALA A 35 5.93 2.03 -4.38
N TYR A 36 5.70 1.68 -5.61
CA TYR A 36 6.41 2.35 -6.73
C TYR A 36 5.80 3.72 -7.00
N VAL A 37 4.58 3.93 -6.58
CA VAL A 37 3.94 5.25 -6.81
C VAL A 37 4.77 6.31 -6.08
N PRO A 38 5.17 7.38 -6.79
CA PRO A 38 5.99 8.45 -6.21
C PRO A 38 5.22 9.28 -5.19
N MET A 39 5.93 10.08 -4.44
CA MET A 39 5.28 10.92 -3.40
C MET A 39 4.17 11.78 -4.01
N LYS A 40 4.54 12.68 -4.88
CA LYS A 40 3.52 13.58 -5.50
C LYS A 40 2.36 12.77 -6.10
N GLU A 41 2.66 11.78 -6.90
CA GLU A 41 1.57 10.98 -7.51
C GLU A 41 0.60 10.56 -6.41
N LEU A 42 1.12 10.18 -5.28
CA LEU A 42 0.24 9.76 -4.15
C LEU A 42 -0.24 11.00 -3.39
N LEU A 43 0.67 11.85 -2.99
CA LEU A 43 0.27 13.07 -2.24
C LEU A 43 -0.70 13.90 -3.09
N GLU A 44 -0.57 13.81 -4.39
CA GLU A 44 -1.48 14.59 -5.27
C GLU A 44 -2.73 13.76 -5.57
N ILE A 45 -2.62 12.46 -5.50
CA ILE A 45 -3.80 11.61 -5.78
C ILE A 45 -5.06 12.18 -5.13
N GLU A 46 -4.91 12.95 -4.09
CA GLU A 46 -6.12 13.53 -3.43
C GLU A 46 -5.69 14.64 -2.46
N GLY A 47 -5.84 14.42 -1.17
CA GLY A 47 -5.45 15.48 -0.19
C GLY A 47 -4.66 14.85 0.94
N LEU A 48 -3.72 14.00 0.62
CA LEU A 48 -2.90 13.34 1.68
C LEU A 48 -1.75 14.27 2.07
N ASP A 49 -1.32 14.22 3.30
CA ASP A 49 -0.20 15.11 3.74
C ASP A 49 1.14 14.51 3.31
N GLU A 50 2.17 15.30 3.32
CA GLU A 50 3.51 14.79 2.92
C GLU A 50 3.91 13.59 3.77
N PRO A 51 3.73 13.69 5.11
CA PRO A 51 4.07 12.60 6.03
C PRO A 51 3.15 11.39 5.86
N THR A 52 1.86 11.62 5.78
CA THR A 52 0.92 10.48 5.61
C THR A 52 1.36 9.66 4.39
N VAL A 53 1.67 10.32 3.31
CA VAL A 53 2.10 9.59 2.08
C VAL A 53 3.47 8.95 2.33
N GLU A 54 4.30 9.61 3.09
CA GLU A 54 5.66 9.04 3.36
C GLU A 54 5.51 7.74 4.16
N ALA A 55 4.62 7.72 5.12
CA ALA A 55 4.43 6.49 5.94
C ALA A 55 3.68 5.45 5.11
N LEU A 56 2.73 5.88 4.33
CA LEU A 56 1.95 4.92 3.51
C LEU A 56 2.88 4.25 2.49
N ARG A 57 3.72 5.02 1.84
CA ARG A 57 4.65 4.42 0.85
C ARG A 57 5.68 3.55 1.58
N GLU A 58 6.33 4.08 2.57
CA GLU A 58 7.34 3.29 3.32
C GLU A 58 6.78 1.89 3.58
N ARG A 59 5.56 1.81 4.05
CA ARG A 59 4.94 0.48 4.32
C ARG A 59 4.73 -0.26 3.01
N ALA A 60 4.30 0.43 1.98
CA ALA A 60 4.07 -0.23 0.67
C ALA A 60 5.34 -0.97 0.25
N LYS A 61 6.45 -0.28 0.24
CA LYS A 61 7.73 -0.93 -0.17
C LYS A 61 8.10 -2.00 0.87
N ASN A 62 8.30 -1.60 2.09
CA ASN A 62 8.67 -2.58 3.14
C ASN A 62 7.70 -3.77 3.08
N ALA A 63 6.44 -3.51 2.84
CA ALA A 63 5.47 -4.62 2.75
C ALA A 63 5.76 -5.47 1.51
N LEU A 64 6.10 -4.84 0.42
CA LEU A 64 6.40 -5.60 -0.83
C LEU A 64 7.67 -6.42 -0.61
N ALA A 65 8.67 -5.84 0.00
CA ALA A 65 9.94 -6.60 0.23
C ALA A 65 9.67 -7.72 1.24
N THR A 66 8.79 -7.48 2.18
CA THR A 66 8.48 -8.52 3.19
C THR A 66 7.99 -9.78 2.47
N ILE A 67 7.16 -9.63 1.48
CA ILE A 67 6.65 -10.81 0.75
C ILE A 67 7.81 -11.76 0.46
N ALA A 68 8.91 -11.25 -0.02
CA ALA A 68 10.08 -12.12 -0.31
C ALA A 68 10.64 -12.66 1.01
N GLN A 69 10.44 -11.94 2.09
CA GLN A 69 10.96 -12.41 3.40
C GLN A 69 10.18 -13.66 3.83
N ALA A 70 8.92 -13.72 3.50
CA ALA A 70 8.12 -14.91 3.89
C ALA A 70 8.64 -16.14 3.14
N GLN A 71 9.23 -15.95 2.00
CA GLN A 71 9.77 -17.10 1.22
C GLN A 71 10.79 -17.85 2.09
N GLU A 72 11.56 -17.13 2.86
CA GLU A 72 12.58 -17.80 3.73
C GLU A 72 11.87 -18.65 4.78
N GLU A 73 10.73 -18.20 5.24
CA GLU A 73 9.98 -19.00 6.26
C GLU A 73 9.54 -20.33 5.65
N SER A 74 9.19 -20.33 4.40
CA SER A 74 8.77 -21.60 3.75
C SER A 74 9.93 -22.58 3.70
N LEU A 75 9.65 -23.85 3.69
CA LEU A 75 10.76 -24.86 3.65
C LEU A 75 11.58 -24.66 2.38
N GLY A 76 10.95 -24.28 1.30
CA GLY A 76 11.70 -24.07 0.03
C GLY A 76 10.73 -24.16 -1.16
N GLU A 1 -10.82 -9.35 -6.55
CA GLU A 1 -11.45 -9.06 -5.23
C GLU A 1 -10.92 -7.72 -4.70
N ALA A 2 -11.55 -6.64 -5.08
CA ALA A 2 -11.08 -5.31 -4.59
C ALA A 2 -11.14 -5.27 -3.07
N HIS A 3 -12.07 -5.97 -2.47
CA HIS A 3 -12.17 -5.97 -0.99
C HIS A 3 -10.86 -6.45 -0.39
N ALA A 4 -10.24 -7.42 -0.99
CA ALA A 4 -8.95 -7.94 -0.46
C ALA A 4 -7.87 -6.85 -0.56
N ALA A 5 -7.97 -5.99 -1.53
CA ALA A 5 -6.96 -4.91 -1.67
C ALA A 5 -7.06 -3.96 -0.48
N ILE A 6 -8.23 -3.82 0.08
CA ILE A 6 -8.40 -2.91 1.24
C ILE A 6 -7.82 -3.57 2.48
N ASP A 7 -8.07 -4.84 2.65
CA ASP A 7 -7.53 -5.56 3.84
C ASP A 7 -6.01 -5.68 3.72
N THR A 8 -5.52 -5.92 2.52
CA THR A 8 -4.06 -6.03 2.34
C THR A 8 -3.39 -4.76 2.87
N PHE A 9 -3.85 -3.63 2.41
CA PHE A 9 -3.26 -2.35 2.89
C PHE A 9 -3.44 -2.27 4.40
N THR A 10 -4.58 -2.66 4.90
CA THR A 10 -4.81 -2.64 6.37
C THR A 10 -3.84 -3.62 7.03
N LYS A 11 -3.48 -4.67 6.34
CA LYS A 11 -2.55 -5.66 6.91
C LYS A 11 -1.11 -5.15 6.77
N TYR A 12 -0.82 -4.48 5.69
CA TYR A 12 0.55 -3.95 5.48
C TYR A 12 0.59 -2.45 5.77
N LEU A 13 -0.07 -1.66 4.96
CA LEU A 13 -0.07 -0.19 5.19
C LEU A 13 -0.51 0.11 6.63
N ASP A 14 -1.13 -0.83 7.29
CA ASP A 14 -1.58 -0.58 8.68
C ASP A 14 -2.55 0.60 8.69
N ILE A 15 -3.52 0.57 7.81
CA ILE A 15 -4.50 1.70 7.74
C ILE A 15 -5.90 1.18 8.04
N ASP A 16 -6.88 2.04 8.00
CA ASP A 16 -8.27 1.58 8.28
C ASP A 16 -8.89 1.07 6.98
N GLU A 17 -9.99 0.38 7.06
CA GLU A 17 -10.64 -0.17 5.84
C GLU A 17 -11.15 0.98 4.97
N ASP A 18 -11.69 2.01 5.58
CA ASP A 18 -12.21 3.16 4.78
C ASP A 18 -11.06 3.91 4.15
N PHE A 19 -9.89 3.85 4.72
CA PHE A 19 -8.73 4.57 4.13
C PHE A 19 -8.17 3.76 2.97
N ALA A 20 -8.02 2.48 3.15
CA ALA A 20 -7.49 1.63 2.04
C ALA A 20 -8.30 1.90 0.78
N THR A 21 -9.60 1.99 0.90
CA THR A 21 -10.44 2.25 -0.29
C THR A 21 -9.88 3.42 -1.07
N VAL A 22 -9.53 4.48 -0.41
CA VAL A 22 -8.97 5.66 -1.12
C VAL A 22 -7.74 5.25 -1.93
N LEU A 23 -6.98 4.30 -1.46
CA LEU A 23 -5.78 3.86 -2.22
C LEU A 23 -6.25 2.90 -3.32
N VAL A 24 -7.11 1.98 -2.99
CA VAL A 24 -7.62 1.03 -4.02
C VAL A 24 -8.61 1.76 -4.92
N GLU A 25 -9.26 2.75 -4.37
CA GLU A 25 -10.26 3.53 -5.17
C GLU A 25 -9.52 4.35 -6.22
N GLU A 26 -8.42 4.95 -5.84
CA GLU A 26 -7.64 5.76 -6.82
C GLU A 26 -7.05 4.86 -7.89
N GLY A 27 -6.78 3.62 -7.56
CA GLY A 27 -6.19 2.68 -8.57
C GLY A 27 -4.97 2.00 -7.98
N PHE A 28 -4.94 1.81 -6.69
CA PHE A 28 -3.78 1.13 -6.05
C PHE A 28 -4.27 -0.08 -5.27
N SER A 29 -4.48 -1.19 -5.94
CA SER A 29 -4.96 -2.41 -5.25
C SER A 29 -3.77 -3.31 -4.88
N THR A 30 -2.58 -2.89 -5.22
CA THR A 30 -1.38 -3.71 -4.89
C THR A 30 -0.34 -2.84 -4.21
N LEU A 31 0.44 -3.39 -3.32
CA LEU A 31 1.48 -2.57 -2.64
C LEU A 31 2.46 -2.06 -3.70
N GLU A 32 2.62 -2.78 -4.77
CA GLU A 32 3.56 -2.32 -5.83
C GLU A 32 3.08 -0.97 -6.37
N GLU A 33 1.81 -0.84 -6.64
CA GLU A 33 1.30 0.46 -7.16
C GLU A 33 1.56 1.55 -6.12
N LEU A 34 1.32 1.24 -4.87
CA LEU A 34 1.55 2.26 -3.80
C LEU A 34 3.05 2.50 -3.61
N ALA A 35 3.83 1.45 -3.62
CA ALA A 35 5.31 1.62 -3.42
C ALA A 35 5.98 2.03 -4.73
N TYR A 36 5.53 1.49 -5.84
CA TYR A 36 6.15 1.85 -7.14
C TYR A 36 5.77 3.28 -7.50
N VAL A 37 4.55 3.66 -7.26
CA VAL A 37 4.13 5.04 -7.57
C VAL A 37 4.94 6.02 -6.72
N PRO A 38 5.31 7.17 -7.28
CA PRO A 38 6.11 8.18 -6.58
C PRO A 38 5.31 8.86 -5.46
N MET A 39 5.98 9.57 -4.60
CA MET A 39 5.28 10.26 -3.49
C MET A 39 4.23 11.24 -4.03
N LYS A 40 4.67 12.28 -4.69
CA LYS A 40 3.71 13.29 -5.23
C LYS A 40 2.50 12.58 -5.86
N GLU A 41 2.72 11.65 -6.74
CA GLU A 41 1.57 10.95 -7.38
C GLU A 41 0.60 10.52 -6.28
N LEU A 42 1.11 10.17 -5.14
CA LEU A 42 0.24 9.73 -4.01
C LEU A 42 -0.23 10.98 -3.23
N LEU A 43 0.69 11.86 -2.93
CA LEU A 43 0.30 13.09 -2.18
C LEU A 43 -0.61 13.96 -3.02
N GLU A 44 -0.40 13.98 -4.30
CA GLU A 44 -1.26 14.83 -5.19
C GLU A 44 -2.60 14.12 -5.44
N ILE A 45 -2.68 12.86 -5.14
CA ILE A 45 -3.95 12.11 -5.37
C ILE A 45 -5.15 13.04 -5.19
N GLU A 46 -5.09 13.93 -4.24
CA GLU A 46 -6.23 14.86 -4.02
C GLU A 46 -5.92 15.83 -2.88
N GLY A 47 -5.47 15.33 -1.77
CA GLY A 47 -5.15 16.23 -0.63
C GLY A 47 -4.47 15.44 0.48
N LEU A 48 -3.65 14.48 0.11
CA LEU A 48 -2.96 13.67 1.13
C LEU A 48 -1.79 14.47 1.72
N ASP A 49 -1.42 14.21 2.94
CA ASP A 49 -0.31 14.98 3.57
C ASP A 49 1.04 14.35 3.20
N GLU A 50 2.08 15.13 3.25
CA GLU A 50 3.44 14.62 2.90
C GLU A 50 3.80 13.42 3.80
N PRO A 51 3.64 13.57 5.12
CA PRO A 51 3.97 12.49 6.07
C PRO A 51 3.03 11.30 5.94
N THR A 52 1.75 11.54 5.80
CA THR A 52 0.80 10.42 5.66
C THR A 52 1.15 9.62 4.42
N VAL A 53 1.31 10.28 3.31
CA VAL A 53 1.67 9.55 2.06
C VAL A 53 3.02 8.85 2.24
N GLU A 54 4.01 9.57 2.69
CA GLU A 54 5.35 8.96 2.90
C GLU A 54 5.20 7.71 3.77
N ALA A 55 4.47 7.81 4.85
CA ALA A 55 4.29 6.63 5.74
C ALA A 55 3.51 5.54 4.98
N LEU A 56 2.49 5.93 4.26
CA LEU A 56 1.70 4.93 3.51
C LEU A 56 2.56 4.38 2.37
N ARG A 57 3.32 5.21 1.72
CA ARG A 57 4.18 4.74 0.61
C ARG A 57 5.34 3.93 1.18
N GLU A 58 6.02 4.46 2.17
CA GLU A 58 7.15 3.72 2.78
C GLU A 58 6.72 2.31 3.14
N ARG A 59 5.60 2.18 3.81
CA ARG A 59 5.12 0.83 4.21
C ARG A 59 4.95 -0.05 2.97
N ALA A 60 4.44 0.52 1.90
CA ALA A 60 4.24 -0.28 0.66
C ALA A 60 5.48 -1.15 0.40
N LYS A 61 6.58 -0.53 0.03
CA LYS A 61 7.82 -1.31 -0.23
C LYS A 61 8.08 -2.26 0.93
N ASN A 62 8.14 -1.75 2.12
CA ASN A 62 8.37 -2.62 3.31
C ASN A 62 7.57 -3.90 3.16
N ALA A 63 6.30 -3.78 2.88
CA ALA A 63 5.46 -4.99 2.71
C ALA A 63 5.94 -5.74 1.47
N LEU A 64 6.42 -5.03 0.49
CA LEU A 64 6.92 -5.69 -0.75
C LEU A 64 8.16 -6.52 -0.41
N ALA A 65 9.09 -5.97 0.31
CA ALA A 65 10.31 -6.73 0.68
C ALA A 65 9.91 -7.87 1.62
N THR A 66 8.92 -7.65 2.44
CA THR A 66 8.49 -8.71 3.39
C THR A 66 8.12 -9.97 2.59
N ILE A 67 7.36 -9.81 1.55
CA ILE A 67 6.97 -10.99 0.73
C ILE A 67 8.21 -11.86 0.46
N ALA A 68 9.31 -11.24 0.14
CA ALA A 68 10.55 -12.01 -0.11
C ALA A 68 11.01 -12.66 1.20
N GLN A 69 10.62 -12.11 2.31
CA GLN A 69 11.03 -12.70 3.61
C GLN A 69 10.57 -14.15 3.69
N ALA A 70 9.42 -14.45 3.14
CA ALA A 70 8.92 -15.84 3.17
C ALA A 70 9.89 -16.75 2.42
N GLN A 71 10.54 -16.23 1.41
CA GLN A 71 11.51 -17.06 0.64
C GLN A 71 12.64 -17.49 1.57
N GLU A 72 13.01 -16.66 2.50
CA GLU A 72 14.11 -17.02 3.43
C GLU A 72 13.72 -18.29 4.20
N GLU A 73 12.47 -18.41 4.56
CA GLU A 73 12.02 -19.62 5.31
C GLU A 73 12.27 -20.86 4.46
N SER A 74 12.10 -20.76 3.17
CA SER A 74 12.33 -21.94 2.29
C SER A 74 13.79 -22.37 2.38
N LEU A 75 14.08 -23.61 2.10
CA LEU A 75 15.48 -24.08 2.16
C LEU A 75 16.11 -24.05 0.76
N GLY A 76 17.35 -23.68 0.66
CA GLY A 76 18.01 -23.62 -0.67
C GLY A 76 18.01 -22.19 -1.18
#